data_2ADR
#
_entry.id   2ADR
#
_cell.length_a   1.000
_cell.length_b   1.000
_cell.length_c   1.000
_cell.angle_alpha   90.00
_cell.angle_beta   90.00
_cell.angle_gamma   90.00
#
_symmetry.space_group_name_H-M   'P 1'
#
loop_
_entity.id
_entity.type
_entity.pdbx_description
1 polymer ADR1
2 non-polymer 'ZINC ION'
#
_entity_poly.entity_id   1
_entity_poly.type   'polypeptide(L)'
_entity_poly.pdbx_seq_one_letter_code
;RSFVCEVCTRAFARQEHLKRHYRSHTNEKPYPCGLCNRAFTRRDLLIRHAQKIHSGNLGE
;
_entity_poly.pdbx_strand_id   A
#
loop_
_chem_comp.id
_chem_comp.type
_chem_comp.name
_chem_comp.formula
ZN non-polymer 'ZINC ION' 'Zn 2'
#
# COMPACT_ATOMS: atom_id res chain seq x y z
N ARG A 1 -29.90 -3.14 4.70
CA ARG A 1 -29.30 -2.25 5.72
C ARG A 1 -28.54 -1.11 5.01
N SER A 2 -27.29 -1.30 4.68
CA SER A 2 -26.53 -0.21 3.98
C SER A 2 -25.29 -0.82 3.30
N PHE A 3 -24.74 -0.10 2.35
CA PHE A 3 -23.52 -0.62 1.64
C PHE A 3 -22.28 -0.15 2.40
N VAL A 4 -21.70 -1.02 3.18
CA VAL A 4 -20.48 -0.64 3.97
C VAL A 4 -19.26 -1.35 3.37
N CYS A 5 -18.20 -0.62 3.16
CA CYS A 5 -16.96 -1.22 2.59
C CYS A 5 -16.44 -2.31 3.53
N GLU A 6 -15.96 -3.40 2.98
CA GLU A 6 -15.45 -4.51 3.83
C GLU A 6 -13.95 -4.34 4.09
N VAL A 7 -13.43 -3.15 3.99
CA VAL A 7 -11.98 -2.93 4.24
C VAL A 7 -11.80 -1.88 5.34
N CYS A 8 -12.54 -0.82 5.27
CA CYS A 8 -12.45 0.24 6.32
C CYS A 8 -13.81 0.42 7.01
N THR A 9 -14.72 -0.51 6.82
CA THR A 9 -16.07 -0.43 7.47
C THR A 9 -16.72 0.96 7.32
N ARG A 10 -16.72 1.51 6.13
CA ARG A 10 -17.37 2.84 5.92
C ARG A 10 -18.84 2.62 5.53
N ALA A 11 -19.56 3.66 5.19
CA ALA A 11 -21.00 3.48 4.83
C ALA A 11 -21.31 4.12 3.47
N PHE A 12 -22.29 3.58 2.79
CA PHE A 12 -22.69 4.12 1.46
C PHE A 12 -24.19 3.87 1.25
N ALA A 13 -24.70 4.20 0.09
CA ALA A 13 -26.14 3.96 -0.19
C ALA A 13 -26.31 3.54 -1.66
N ARG A 14 -25.27 3.02 -2.27
CA ARG A 14 -25.35 2.60 -3.69
C ARG A 14 -24.38 1.43 -3.92
N GLN A 15 -24.61 0.64 -4.93
CA GLN A 15 -23.71 -0.51 -5.21
C GLN A 15 -22.58 -0.08 -6.15
N GLU A 16 -22.89 0.78 -7.10
CA GLU A 16 -21.84 1.24 -8.06
C GLU A 16 -20.86 2.16 -7.34
N HIS A 17 -21.34 2.90 -6.36
CA HIS A 17 -20.43 3.81 -5.61
C HIS A 17 -19.42 2.96 -4.84
N LEU A 18 -19.90 2.14 -3.94
CA LEU A 18 -18.99 1.26 -3.15
C LEU A 18 -18.24 0.30 -4.10
N LYS A 19 -18.76 0.10 -5.28
CA LYS A 19 -18.10 -0.82 -6.26
C LYS A 19 -16.75 -0.22 -6.68
N ARG A 20 -16.76 0.97 -7.21
CA ARG A 20 -15.49 1.62 -7.65
C ARG A 20 -14.60 1.88 -6.43
N HIS A 21 -15.19 2.09 -5.29
CA HIS A 21 -14.38 2.36 -4.06
C HIS A 21 -13.71 1.06 -3.59
N TYR A 22 -14.30 -0.08 -3.91
CA TYR A 22 -13.70 -1.37 -3.48
C TYR A 22 -12.49 -1.70 -4.36
N ARG A 23 -12.48 -1.21 -5.59
CA ARG A 23 -11.33 -1.48 -6.50
C ARG A 23 -10.05 -0.90 -5.89
N SER A 24 -10.17 0.09 -5.05
CA SER A 24 -8.96 0.70 -4.42
C SER A 24 -8.76 0.10 -3.02
N HIS A 25 -9.09 -1.15 -2.85
CA HIS A 25 -8.92 -1.80 -1.52
C HIS A 25 -8.30 -3.19 -1.70
N THR A 26 -7.63 -3.43 -2.80
CA THR A 26 -7.01 -4.77 -3.03
C THR A 26 -5.63 -4.59 -3.66
N ASN A 27 -5.51 -3.72 -4.63
CA ASN A 27 -4.19 -3.50 -5.29
C ASN A 27 -3.43 -2.36 -4.60
N GLU A 28 -3.80 -2.03 -3.38
CA GLU A 28 -3.11 -0.92 -2.66
C GLU A 28 -1.85 -1.47 -1.98
N LYS A 29 -1.03 -0.61 -1.42
CA LYS A 29 0.21 -1.06 -0.74
C LYS A 29 -0.16 -2.02 0.42
N PRO A 30 0.19 -3.30 0.29
CA PRO A 30 -0.14 -4.29 1.34
C PRO A 30 0.90 -4.27 2.48
N TYR A 31 1.77 -3.29 2.53
CA TYR A 31 2.79 -3.25 3.63
C TYR A 31 2.72 -1.88 4.35
N PRO A 32 1.67 -1.66 5.14
CA PRO A 32 1.51 -0.41 5.89
C PRO A 32 2.38 -0.42 7.14
N CYS A 33 3.34 0.47 7.23
CA CYS A 33 4.23 0.51 8.43
C CYS A 33 3.40 0.86 9.66
N GLY A 34 3.54 0.12 10.73
CA GLY A 34 2.77 0.41 11.97
C GLY A 34 3.62 1.22 12.95
N LEU A 35 4.55 2.00 12.43
CA LEU A 35 5.42 2.82 13.33
C LEU A 35 5.35 4.28 12.90
N CYS A 36 5.39 4.54 11.61
CA CYS A 36 5.34 5.95 11.11
C CYS A 36 4.05 6.18 10.31
N ASN A 37 3.28 5.14 10.07
CA ASN A 37 2.01 5.29 9.27
C ASN A 37 2.35 5.53 7.80
N ARG A 38 3.15 4.66 7.24
CA ARG A 38 3.53 4.81 5.80
C ARG A 38 3.03 3.58 5.03
N ALA A 39 3.41 3.44 3.78
CA ALA A 39 2.95 2.28 2.97
C ALA A 39 4.05 1.87 1.99
N PHE A 40 4.19 0.59 1.74
CA PHE A 40 5.23 0.11 0.79
C PHE A 40 4.59 -0.84 -0.23
N THR A 41 5.32 -1.22 -1.25
CA THR A 41 4.76 -2.14 -2.27
C THR A 41 5.40 -3.53 -2.13
N ARG A 42 6.63 -3.58 -1.67
CA ARG A 42 7.31 -4.90 -1.50
C ARG A 42 7.50 -5.19 -0.02
N ARG A 43 7.65 -6.45 0.33
CA ARG A 43 7.84 -6.82 1.76
C ARG A 43 9.27 -6.52 2.19
N ASP A 44 10.22 -6.75 1.30
CA ASP A 44 11.64 -6.47 1.64
C ASP A 44 11.82 -4.98 1.93
N LEU A 45 11.01 -4.15 1.34
CA LEU A 45 11.11 -2.67 1.59
C LEU A 45 10.73 -2.37 3.03
N LEU A 46 9.61 -2.85 3.48
CA LEU A 46 9.15 -2.58 4.87
C LEU A 46 10.24 -2.99 5.88
N ILE A 47 10.94 -4.07 5.62
CA ILE A 47 12.00 -4.51 6.56
C ILE A 47 13.15 -3.49 6.56
N ARG A 48 13.60 -3.11 5.38
CA ARG A 48 14.72 -2.12 5.29
C ARG A 48 14.26 -0.77 5.87
N HIS A 49 12.97 -0.56 6.01
CA HIS A 49 12.47 0.74 6.55
C HIS A 49 12.67 0.78 8.08
N ALA A 50 12.14 -0.17 8.79
CA ALA A 50 12.28 -0.17 10.28
C ALA A 50 13.72 -0.47 10.68
N GLN A 51 14.27 -1.56 10.19
CA GLN A 51 15.68 -1.92 10.55
C GLN A 51 16.65 -0.75 10.32
N LYS A 52 16.29 0.18 9.46
CA LYS A 52 17.20 1.33 9.19
C LYS A 52 16.79 2.55 10.00
N ILE A 53 15.54 2.66 10.36
CA ILE A 53 15.06 3.85 11.13
C ILE A 53 14.41 3.41 12.45
N HIS A 54 13.44 2.52 12.39
CA HIS A 54 12.76 2.07 13.63
C HIS A 54 13.66 1.08 14.38
N SER A 55 13.70 -0.16 13.96
CA SER A 55 14.56 -1.17 14.64
C SER A 55 14.38 -2.53 13.98
N GLY A 56 14.86 -3.58 14.61
CA GLY A 56 14.72 -4.95 14.04
C GLY A 56 14.39 -5.93 15.15
N ASN A 57 15.31 -6.81 15.47
CA ASN A 57 15.07 -7.82 16.56
C ASN A 57 13.84 -8.67 16.21
N LEU A 58 13.72 -9.08 14.97
CA LEU A 58 12.55 -9.91 14.55
C LEU A 58 11.24 -9.14 14.82
N GLY A 59 10.86 -8.29 13.90
CA GLY A 59 9.60 -7.51 14.08
C GLY A 59 9.77 -6.12 13.45
N GLU A 60 8.72 -5.33 13.46
CA GLU A 60 8.81 -3.96 12.86
C GLU A 60 9.16 -4.07 11.38
ZN ZN B . 7.90 3.37 9.72
ZN ZN C . -13.35 1.33 1.90
N ARG A 1 -24.42 14.40 -13.29
CA ARG A 1 -23.66 13.19 -12.89
C ARG A 1 -22.16 13.40 -13.17
N SER A 2 -21.44 13.95 -12.24
CA SER A 2 -19.97 14.18 -12.46
C SER A 2 -19.25 14.37 -11.13
N PHE A 3 -18.39 13.44 -10.80
CA PHE A 3 -17.59 13.55 -9.55
C PHE A 3 -16.12 13.42 -9.93
N VAL A 4 -15.70 14.26 -10.84
CA VAL A 4 -14.29 14.23 -11.35
C VAL A 4 -13.29 14.16 -10.18
N CYS A 5 -12.43 13.18 -10.22
CA CYS A 5 -11.41 13.01 -9.14
C CYS A 5 -10.39 14.15 -9.23
N GLU A 6 -9.76 14.48 -8.14
CA GLU A 6 -8.75 15.59 -8.14
C GLU A 6 -7.35 15.03 -8.40
N VAL A 7 -7.25 13.86 -8.99
CA VAL A 7 -5.89 13.28 -9.26
C VAL A 7 -5.78 12.89 -10.73
N CYS A 8 -6.77 12.19 -11.24
CA CYS A 8 -6.73 11.77 -12.68
C CYS A 8 -7.72 12.61 -13.51
N THR A 9 -8.38 13.58 -12.90
CA THR A 9 -9.36 14.43 -13.66
C THR A 9 -10.34 13.56 -14.48
N ARG A 10 -10.91 12.56 -13.86
CA ARG A 10 -11.87 11.68 -14.60
C ARG A 10 -13.29 12.25 -14.42
N ALA A 11 -14.29 11.45 -14.64
CA ALA A 11 -15.69 11.95 -14.47
C ALA A 11 -16.61 10.80 -14.06
N PHE A 12 -16.81 10.62 -12.78
CA PHE A 12 -17.69 9.51 -12.30
C PHE A 12 -19.07 10.09 -11.98
N ALA A 13 -19.86 9.42 -11.18
CA ALA A 13 -21.21 9.95 -10.84
C ALA A 13 -21.75 9.27 -9.58
N ARG A 14 -20.88 8.80 -8.73
CA ARG A 14 -21.34 8.13 -7.48
C ARG A 14 -20.29 8.32 -6.39
N GLN A 15 -20.72 8.63 -5.19
CA GLN A 15 -19.75 8.83 -4.07
C GLN A 15 -19.26 7.47 -3.57
N GLU A 16 -20.08 6.45 -3.67
CA GLU A 16 -19.66 5.10 -3.22
C GLU A 16 -18.67 4.50 -4.21
N HIS A 17 -18.88 4.73 -5.48
CA HIS A 17 -17.95 4.18 -6.51
C HIS A 17 -16.61 4.91 -6.43
N LEU A 18 -16.63 6.21 -6.38
CA LEU A 18 -15.37 6.99 -6.31
C LEU A 18 -14.60 6.64 -5.04
N LYS A 19 -15.30 6.22 -4.00
CA LYS A 19 -14.61 5.85 -2.72
C LYS A 19 -13.52 4.82 -2.99
N ARG A 20 -13.75 3.91 -3.90
CA ARG A 20 -12.74 2.87 -4.20
C ARG A 20 -11.75 3.45 -5.23
N HIS A 21 -12.23 4.25 -6.13
CA HIS A 21 -11.33 4.86 -7.16
C HIS A 21 -10.30 5.76 -6.48
N TYR A 22 -10.53 6.16 -5.24
CA TYR A 22 -9.55 7.04 -4.54
C TYR A 22 -8.62 6.18 -3.67
N ARG A 23 -8.32 4.99 -4.11
CA ARG A 23 -7.41 4.10 -3.32
C ARG A 23 -6.11 3.89 -4.09
N SER A 24 -6.17 3.89 -5.40
CA SER A 24 -4.94 3.69 -6.22
C SER A 24 -4.18 5.01 -6.35
N HIS A 25 -4.87 6.12 -6.31
CA HIS A 25 -4.20 7.44 -6.42
C HIS A 25 -3.19 7.60 -5.28
N THR A 26 -3.65 7.52 -4.06
CA THR A 26 -2.73 7.66 -2.89
C THR A 26 -1.98 6.34 -2.67
N ASN A 27 -2.56 5.24 -3.10
CA ASN A 27 -1.90 3.91 -2.91
C ASN A 27 -1.76 3.59 -1.43
N GLU A 28 -2.35 2.50 -0.99
CA GLU A 28 -2.26 2.11 0.45
C GLU A 28 -1.25 0.98 0.60
N LYS A 29 -1.07 0.18 -0.43
CA LYS A 29 -0.10 -0.95 -0.37
C LYS A 29 -0.51 -1.97 0.72
N PRO A 30 -0.22 -3.24 0.52
CA PRO A 30 -0.57 -4.28 1.49
C PRO A 30 0.45 -4.35 2.65
N TYR A 31 1.41 -3.45 2.69
CA TYR A 31 2.42 -3.49 3.79
C TYR A 31 2.62 -2.08 4.37
N PRO A 32 1.66 -1.61 5.16
CA PRO A 32 1.74 -0.27 5.78
C PRO A 32 2.67 -0.30 7.01
N CYS A 33 3.38 0.76 7.26
CA CYS A 33 4.29 0.80 8.43
C CYS A 33 3.46 0.92 9.72
N GLY A 34 3.77 0.10 10.70
CA GLY A 34 3.01 0.16 11.99
C GLY A 34 3.80 0.98 13.02
N LEU A 35 4.54 1.95 12.56
CA LEU A 35 5.33 2.80 13.49
C LEU A 35 5.17 4.27 13.10
N CYS A 36 5.29 4.57 11.83
CA CYS A 36 5.14 5.99 11.37
C CYS A 36 3.96 6.11 10.40
N ASN A 37 3.34 5.01 10.04
CA ASN A 37 2.18 5.05 9.08
C ASN A 37 2.71 5.35 7.68
N ARG A 38 3.11 4.34 6.96
CA ARG A 38 3.64 4.54 5.58
C ARG A 38 3.08 3.46 4.66
N ALA A 39 3.56 3.38 3.44
CA ALA A 39 3.04 2.35 2.49
C ALA A 39 4.19 1.79 1.66
N PHE A 40 4.27 0.49 1.51
CA PHE A 40 5.36 -0.12 0.70
C PHE A 40 4.77 -1.23 -0.19
N THR A 41 5.20 -1.29 -1.42
CA THR A 41 4.67 -2.34 -2.35
C THR A 41 5.46 -3.63 -2.17
N ARG A 42 6.71 -3.54 -1.78
CA ARG A 42 7.54 -4.77 -1.59
C ARG A 42 7.69 -5.06 -0.11
N ARG A 43 7.63 -6.31 0.26
CA ARG A 43 7.78 -6.68 1.71
C ARG A 43 9.21 -6.38 2.17
N ASP A 44 10.17 -6.62 1.31
CA ASP A 44 11.59 -6.35 1.69
C ASP A 44 11.77 -4.85 1.98
N LEU A 45 10.96 -4.03 1.38
CA LEU A 45 11.08 -2.56 1.61
C LEU A 45 10.67 -2.22 3.05
N LEU A 46 9.53 -2.70 3.48
CA LEU A 46 9.05 -2.41 4.87
C LEU A 46 10.11 -2.83 5.90
N ILE A 47 10.78 -3.93 5.67
CA ILE A 47 11.83 -4.37 6.64
C ILE A 47 13.00 -3.40 6.60
N ARG A 48 13.41 -2.98 5.43
CA ARG A 48 14.55 -2.03 5.31
C ARG A 48 14.14 -0.65 5.85
N HIS A 49 12.87 -0.43 6.08
CA HIS A 49 12.42 0.89 6.60
C HIS A 49 12.59 0.93 8.13
N ALA A 50 12.23 -0.13 8.81
CA ALA A 50 12.36 -0.13 10.30
C ALA A 50 13.80 -0.47 10.72
N GLN A 51 14.33 -1.56 10.25
CA GLN A 51 15.72 -1.97 10.61
C GLN A 51 16.71 -0.81 10.40
N LYS A 52 16.38 0.11 9.53
CA LYS A 52 17.31 1.26 9.26
C LYS A 52 16.93 2.46 10.11
N ILE A 53 15.67 2.62 10.43
CA ILE A 53 15.24 3.80 11.23
C ILE A 53 14.56 3.35 12.54
N HIS A 54 13.56 2.51 12.45
CA HIS A 54 12.87 2.05 13.70
C HIS A 54 13.72 1.01 14.41
N SER A 55 13.72 -0.21 13.94
CA SER A 55 14.53 -1.29 14.59
C SER A 55 14.38 -2.59 13.80
N GLY A 56 14.95 -3.65 14.30
CA GLY A 56 14.85 -4.97 13.59
C GLY A 56 15.53 -6.06 14.42
N ASN A 57 16.30 -6.90 13.80
CA ASN A 57 16.98 -7.99 14.55
C ASN A 57 18.50 -7.76 14.51
N LEU A 58 19.25 -8.66 15.08
CA LEU A 58 20.74 -8.51 15.09
C LEU A 58 21.13 -7.24 15.82
N GLY A 59 22.36 -7.14 16.26
CA GLY A 59 22.82 -5.93 16.99
C GLY A 59 24.32 -6.03 17.26
N GLU A 60 24.82 -5.25 18.19
CA GLU A 60 26.27 -5.30 18.52
C GLU A 60 26.62 -6.67 19.12
ZN ZN B . 8.14 3.60 9.90
ZN ZN C . -9.25 9.88 -9.73
N ARG A 1 -4.66 -20.71 -21.91
CA ARG A 1 -4.86 -19.70 -20.84
C ARG A 1 -3.55 -18.99 -20.55
N SER A 2 -3.52 -17.69 -20.67
CA SER A 2 -2.27 -16.92 -20.40
C SER A 2 -2.54 -15.84 -19.35
N PHE A 3 -1.52 -15.39 -18.68
CA PHE A 3 -1.71 -14.34 -17.64
C PHE A 3 -1.58 -12.96 -18.29
N VAL A 4 -2.57 -12.58 -19.04
CA VAL A 4 -2.53 -11.24 -19.73
C VAL A 4 -3.04 -10.18 -18.75
N CYS A 5 -2.29 -9.13 -18.58
CA CYS A 5 -2.72 -8.04 -17.65
C CYS A 5 -3.97 -7.37 -18.21
N GLU A 6 -4.86 -6.94 -17.34
CA GLU A 6 -6.11 -6.27 -17.81
C GLU A 6 -5.90 -4.76 -17.91
N VAL A 7 -4.68 -4.30 -17.98
CA VAL A 7 -4.43 -2.83 -18.08
C VAL A 7 -3.71 -2.51 -19.39
N CYS A 8 -2.66 -3.24 -19.70
CA CYS A 8 -1.93 -2.99 -20.98
C CYS A 8 -2.11 -4.15 -21.96
N THR A 9 -3.01 -5.08 -21.65
CA THR A 9 -3.25 -6.23 -22.58
C THR A 9 -1.93 -6.90 -22.97
N ARG A 10 -1.10 -7.23 -22.02
CA ARG A 10 0.21 -7.89 -22.32
C ARG A 10 0.02 -9.40 -22.35
N ALA A 11 1.09 -10.15 -22.19
CA ALA A 11 0.96 -11.63 -22.22
C ALA A 11 2.04 -12.26 -21.33
N PHE A 12 1.68 -12.67 -20.14
CA PHE A 12 2.68 -13.30 -19.22
C PHE A 12 2.41 -14.80 -19.16
N ALA A 13 3.30 -15.54 -18.56
CA ALA A 13 3.10 -17.02 -18.47
C ALA A 13 2.98 -17.46 -17.01
N ARG A 14 3.55 -16.71 -16.10
CA ARG A 14 3.46 -17.07 -14.66
C ARG A 14 2.75 -15.95 -13.88
N GLN A 15 1.98 -16.31 -12.90
CA GLN A 15 1.25 -15.28 -12.09
C GLN A 15 2.24 -14.53 -11.20
N GLU A 16 3.36 -15.14 -10.88
CA GLU A 16 4.37 -14.47 -10.00
C GLU A 16 4.89 -13.21 -10.71
N HIS A 17 5.13 -13.31 -11.99
CA HIS A 17 5.64 -12.13 -12.75
C HIS A 17 4.54 -11.08 -12.89
N LEU A 18 3.33 -11.52 -13.15
CA LEU A 18 2.19 -10.56 -13.31
C LEU A 18 1.97 -9.81 -11.99
N LYS A 19 2.32 -10.41 -10.89
CA LYS A 19 2.12 -9.73 -9.57
C LYS A 19 2.85 -8.39 -9.54
N ARG A 20 4.11 -8.38 -9.92
CA ARG A 20 4.89 -7.11 -9.92
C ARG A 20 4.48 -6.25 -11.12
N HIS A 21 4.07 -6.87 -12.20
CA HIS A 21 3.66 -6.11 -13.41
C HIS A 21 2.37 -5.34 -13.12
N TYR A 22 1.61 -5.76 -12.14
CA TYR A 22 0.34 -5.06 -11.81
C TYR A 22 0.62 -3.89 -10.87
N ARG A 23 1.59 -4.04 -10.00
CA ARG A 23 1.92 -2.93 -9.04
C ARG A 23 2.39 -1.70 -9.82
N SER A 24 3.00 -1.90 -10.96
CA SER A 24 3.49 -0.75 -11.78
C SER A 24 2.31 -0.09 -12.47
N HIS A 25 1.27 -0.84 -12.77
CA HIS A 25 0.09 -0.25 -13.46
C HIS A 25 -0.64 0.70 -12.50
N THR A 26 -1.32 0.16 -11.51
CA THR A 26 -2.05 1.01 -10.55
C THR A 26 -1.18 1.19 -9.28
N ASN A 27 -1.78 1.36 -8.12
CA ASN A 27 -0.97 1.54 -6.89
C ASN A 27 -1.62 0.76 -5.74
N GLU A 28 -0.86 -0.09 -5.09
CA GLU A 28 -1.42 -0.89 -3.96
C GLU A 28 -0.33 -1.13 -2.91
N LYS A 29 -0.59 -0.77 -1.69
CA LYS A 29 0.42 -0.97 -0.61
C LYS A 29 -0.15 -1.90 0.47
N PRO A 30 -0.02 -3.21 0.28
CA PRO A 30 -0.53 -4.20 1.24
C PRO A 30 0.41 -4.36 2.45
N TYR A 31 1.49 -3.61 2.50
CA TYR A 31 2.42 -3.72 3.66
C TYR A 31 2.77 -2.32 4.19
N PRO A 32 1.86 -1.72 4.94
CA PRO A 32 2.08 -0.38 5.51
C PRO A 32 2.99 -0.47 6.74
N CYS A 33 3.43 0.66 7.24
CA CYS A 33 4.32 0.65 8.43
C CYS A 33 3.49 0.88 9.70
N GLY A 34 3.70 0.08 10.72
CA GLY A 34 2.93 0.24 11.98
C GLY A 34 3.77 1.01 12.99
N LEU A 35 4.55 1.97 12.53
CA LEU A 35 5.40 2.76 13.45
C LEU A 35 5.28 4.24 13.08
N CYS A 36 5.38 4.56 11.82
CA CYS A 36 5.28 5.98 11.37
C CYS A 36 4.06 6.17 10.45
N ASN A 37 3.39 5.10 10.10
CA ASN A 37 2.19 5.19 9.19
C ASN A 37 2.66 5.49 7.77
N ARG A 38 3.20 4.50 7.11
CA ARG A 38 3.69 4.69 5.71
C ARG A 38 3.09 3.61 4.81
N ALA A 39 3.52 3.53 3.58
CA ALA A 39 2.98 2.50 2.65
C ALA A 39 4.08 1.96 1.75
N PHE A 40 4.11 0.67 1.53
CA PHE A 40 5.16 0.07 0.66
C PHE A 40 4.53 -1.00 -0.23
N THR A 41 5.17 -1.34 -1.32
CA THR A 41 4.61 -2.38 -2.24
C THR A 41 5.36 -3.70 -2.03
N ARG A 42 6.63 -3.64 -1.71
CA ARG A 42 7.42 -4.88 -1.51
C ARG A 42 7.59 -5.15 -0.01
N ARG A 43 7.53 -6.39 0.39
CA ARG A 43 7.70 -6.71 1.84
C ARG A 43 9.13 -6.43 2.28
N ASP A 44 10.08 -6.71 1.41
CA ASP A 44 11.51 -6.45 1.77
C ASP A 44 11.72 -4.96 2.00
N LEU A 45 10.91 -4.12 1.40
CA LEU A 45 11.06 -2.65 1.58
C LEU A 45 10.67 -2.27 3.01
N LEU A 46 9.52 -2.71 3.46
CA LEU A 46 9.05 -2.38 4.84
C LEU A 46 10.11 -2.78 5.87
N ILE A 47 10.76 -3.91 5.68
CA ILE A 47 11.80 -4.36 6.65
C ILE A 47 12.98 -3.38 6.61
N ARG A 48 13.46 -3.06 5.43
CA ARG A 48 14.60 -2.11 5.31
C ARG A 48 14.21 -0.75 5.91
N HIS A 49 12.93 -0.48 6.04
CA HIS A 49 12.49 0.83 6.60
C HIS A 49 12.69 0.84 8.12
N ALA A 50 12.23 -0.17 8.82
CA ALA A 50 12.38 -0.20 10.30
C ALA A 50 13.84 -0.45 10.69
N GLN A 51 14.43 -1.52 10.21
CA GLN A 51 15.84 -1.85 10.57
C GLN A 51 16.76 -0.63 10.37
N LYS A 52 16.40 0.28 9.50
CA LYS A 52 17.26 1.47 9.25
C LYS A 52 16.82 2.65 10.13
N ILE A 53 15.55 2.74 10.45
CA ILE A 53 15.07 3.88 11.28
C ILE A 53 14.44 3.37 12.58
N HIS A 54 13.47 2.48 12.48
CA HIS A 54 12.80 1.96 13.72
C HIS A 54 13.70 0.91 14.38
N SER A 55 13.71 -0.30 13.86
CA SER A 55 14.56 -1.38 14.45
C SER A 55 14.41 -2.65 13.62
N GLY A 56 15.03 -3.73 14.05
CA GLY A 56 14.94 -5.00 13.29
C GLY A 56 15.12 -6.18 14.26
N ASN A 57 14.67 -6.03 15.48
CA ASN A 57 14.81 -7.15 16.46
C ASN A 57 13.67 -8.16 16.27
N LEU A 58 12.48 -7.79 16.65
CA LEU A 58 11.32 -8.72 16.49
C LEU A 58 10.02 -7.99 16.81
N GLY A 59 9.87 -7.55 18.04
CA GLY A 59 8.62 -6.83 18.43
C GLY A 59 8.98 -5.68 19.38
N GLU A 60 8.11 -4.72 19.52
CA GLU A 60 8.39 -3.56 20.44
C GLU A 60 7.95 -3.92 21.86
ZN ZN B . 8.06 3.46 9.88
ZN ZN C . -0.38 -5.01 -17.70
N ARG A 1 -8.57 -7.54 -26.29
CA ARG A 1 -7.43 -6.57 -26.36
C ARG A 1 -7.91 -5.20 -25.89
N SER A 2 -8.04 -5.02 -24.60
CA SER A 2 -8.50 -3.70 -24.08
C SER A 2 -7.91 -3.45 -22.69
N PHE A 3 -8.41 -2.46 -22.00
CA PHE A 3 -7.88 -2.16 -20.64
C PHE A 3 -8.67 -2.96 -19.60
N VAL A 4 -8.42 -4.23 -19.55
CA VAL A 4 -9.14 -5.12 -18.57
C VAL A 4 -8.41 -5.07 -17.22
N CYS A 5 -9.15 -5.04 -16.15
CA CYS A 5 -8.54 -5.01 -14.80
C CYS A 5 -7.72 -6.28 -14.58
N GLU A 6 -6.64 -6.20 -13.86
CA GLU A 6 -5.79 -7.41 -13.61
C GLU A 6 -6.24 -8.10 -12.31
N VAL A 7 -7.44 -7.86 -11.85
CA VAL A 7 -7.91 -8.50 -10.59
C VAL A 7 -9.30 -9.11 -10.80
N CYS A 8 -10.19 -8.37 -11.40
CA CYS A 8 -11.58 -8.90 -11.63
C CYS A 8 -11.80 -9.15 -13.14
N THR A 9 -10.78 -9.07 -13.95
CA THR A 9 -10.93 -9.32 -15.43
C THR A 9 -12.12 -8.50 -15.97
N ARG A 10 -12.16 -7.23 -15.70
CA ARG A 10 -13.29 -6.38 -16.19
C ARG A 10 -13.00 -5.95 -17.63
N ALA A 11 -13.65 -4.91 -18.10
CA ALA A 11 -13.42 -4.44 -19.49
C ALA A 11 -13.63 -2.93 -19.56
N PHE A 12 -12.58 -2.17 -19.44
CA PHE A 12 -12.70 -0.68 -19.49
C PHE A 12 -12.23 -0.19 -20.87
N ALA A 13 -13.10 0.45 -21.61
CA ALA A 13 -12.71 0.96 -22.95
C ALA A 13 -11.63 2.04 -22.79
N ARG A 14 -11.60 2.72 -21.68
CA ARG A 14 -10.58 3.79 -21.47
C ARG A 14 -9.67 3.41 -20.31
N GLN A 15 -8.40 3.70 -20.41
CA GLN A 15 -7.44 3.37 -19.31
C GLN A 15 -7.57 4.40 -18.19
N GLU A 16 -8.10 5.56 -18.47
CA GLU A 16 -8.24 6.60 -17.41
C GLU A 16 -9.20 6.10 -16.32
N HIS A 17 -10.19 5.34 -16.71
CA HIS A 17 -11.17 4.81 -15.71
C HIS A 17 -10.53 3.64 -14.95
N LEU A 18 -9.73 2.84 -15.61
CA LEU A 18 -9.09 1.69 -14.94
C LEU A 18 -8.05 2.19 -13.93
N LYS A 19 -7.51 3.35 -14.15
CA LYS A 19 -6.48 3.90 -13.20
C LYS A 19 -7.07 4.02 -11.80
N ARG A 20 -8.08 4.84 -11.63
CA ARG A 20 -8.71 5.00 -10.29
C ARG A 20 -9.41 3.71 -9.87
N HIS A 21 -9.89 2.95 -10.83
CA HIS A 21 -10.58 1.68 -10.50
C HIS A 21 -9.56 0.66 -9.96
N TYR A 22 -8.30 0.86 -10.24
CA TYR A 22 -7.26 -0.11 -9.75
C TYR A 22 -6.91 0.21 -8.29
N ARG A 23 -6.88 1.48 -7.94
CA ARG A 23 -6.56 1.85 -6.54
C ARG A 23 -7.62 1.30 -5.59
N SER A 24 -8.83 1.13 -6.07
CA SER A 24 -9.92 0.58 -5.21
C SER A 24 -9.73 -0.92 -5.03
N HIS A 25 -9.18 -1.59 -6.03
CA HIS A 25 -8.97 -3.05 -5.93
C HIS A 25 -7.90 -3.35 -4.87
N THR A 26 -6.66 -3.02 -5.15
CA THR A 26 -5.58 -3.28 -4.17
C THR A 26 -5.82 -2.46 -2.89
N ASN A 27 -6.53 -1.36 -3.00
CA ASN A 27 -6.84 -0.48 -1.82
C ASN A 27 -5.60 -0.31 -0.92
N GLU A 28 -4.84 0.74 -1.12
CA GLU A 28 -3.62 0.98 -0.29
C GLU A 28 -2.65 -0.19 -0.46
N LYS A 29 -1.40 0.01 -0.12
CA LYS A 29 -0.39 -1.07 -0.28
C LYS A 29 -0.66 -2.17 0.77
N PRO A 30 -0.28 -3.40 0.47
CA PRO A 30 -0.50 -4.54 1.40
C PRO A 30 0.56 -4.56 2.52
N TYR A 31 1.46 -3.61 2.55
CA TYR A 31 2.50 -3.60 3.62
C TYR A 31 2.62 -2.19 4.24
N PRO A 32 1.63 -1.80 5.02
CA PRO A 32 1.65 -0.48 5.68
C PRO A 32 2.54 -0.50 6.92
N CYS A 33 3.31 0.53 7.14
CA CYS A 33 4.20 0.57 8.34
C CYS A 33 3.35 0.61 9.61
N GLY A 34 3.91 0.19 10.72
CA GLY A 34 3.14 0.19 12.00
C GLY A 34 3.87 1.06 13.04
N LEU A 35 4.64 2.02 12.59
CA LEU A 35 5.38 2.90 13.55
C LEU A 35 5.25 4.36 13.09
N CYS A 36 5.47 4.61 11.83
CA CYS A 36 5.37 6.00 11.30
C CYS A 36 4.13 6.14 10.38
N ASN A 37 3.49 5.04 10.05
CA ASN A 37 2.29 5.09 9.15
C ASN A 37 2.74 5.41 7.73
N ARG A 38 3.23 4.42 7.02
CA ARG A 38 3.69 4.64 5.62
C ARG A 38 3.11 3.55 4.72
N ALA A 39 3.54 3.49 3.48
CA ALA A 39 3.01 2.44 2.55
C ALA A 39 4.15 1.91 1.68
N PHE A 40 4.25 0.61 1.57
CA PHE A 40 5.32 0.00 0.73
C PHE A 40 4.74 -1.14 -0.10
N THR A 41 5.13 -1.25 -1.34
CA THR A 41 4.59 -2.33 -2.22
C THR A 41 5.43 -3.60 -2.05
N ARG A 42 6.70 -3.45 -1.73
CA ARG A 42 7.58 -4.64 -1.56
C ARG A 42 7.73 -4.95 -0.07
N ARG A 43 7.67 -6.21 0.29
CA ARG A 43 7.82 -6.59 1.73
C ARG A 43 9.24 -6.27 2.19
N ASP A 44 10.21 -6.52 1.35
CA ASP A 44 11.63 -6.24 1.73
C ASP A 44 11.80 -4.74 2.00
N LEU A 45 10.99 -3.92 1.38
CA LEU A 45 11.09 -2.45 1.60
C LEU A 45 10.66 -2.10 3.02
N LEU A 46 9.51 -2.56 3.43
CA LEU A 46 9.02 -2.25 4.81
C LEU A 46 10.01 -2.78 5.86
N ILE A 47 10.60 -3.92 5.60
CA ILE A 47 11.58 -4.48 6.59
C ILE A 47 12.77 -3.54 6.74
N ARG A 48 13.49 -3.30 5.66
CA ARG A 48 14.67 -2.38 5.72
C ARG A 48 14.26 -1.01 6.26
N HIS A 49 13.00 -0.66 6.14
CA HIS A 49 12.52 0.66 6.65
C HIS A 49 12.57 0.68 8.19
N ALA A 50 11.97 -0.30 8.82
CA ALA A 50 11.97 -0.34 10.31
C ALA A 50 13.33 -0.82 10.84
N GLN A 51 14.18 -1.36 10.00
CA GLN A 51 15.51 -1.83 10.47
C GLN A 51 16.54 -0.70 10.35
N LYS A 52 16.31 0.24 9.47
CA LYS A 52 17.29 1.35 9.29
C LYS A 52 16.93 2.53 10.20
N ILE A 53 15.68 2.88 10.26
CA ILE A 53 15.26 4.04 11.13
C ILE A 53 14.69 3.51 12.45
N HIS A 54 13.67 2.70 12.37
CA HIS A 54 13.05 2.15 13.63
C HIS A 54 13.98 1.12 14.29
N SER A 55 15.06 0.74 13.63
CA SER A 55 16.00 -0.26 14.23
C SER A 55 15.29 -1.61 14.40
N GLY A 56 15.78 -2.63 13.74
CA GLY A 56 15.13 -3.97 13.85
C GLY A 56 16.09 -5.05 13.34
N ASN A 57 15.77 -6.29 13.59
CA ASN A 57 16.65 -7.40 13.13
C ASN A 57 15.80 -8.48 12.44
N LEU A 58 14.70 -8.84 13.06
CA LEU A 58 13.81 -9.89 12.45
C LEU A 58 12.35 -9.48 12.65
N GLY A 59 11.89 -9.48 13.88
CA GLY A 59 10.47 -9.10 14.16
C GLY A 59 9.53 -10.21 13.65
N GLU A 60 8.27 -10.11 13.95
CA GLU A 60 7.30 -11.15 13.49
C GLU A 60 5.91 -10.51 13.33
ZN ZN B . 8.11 3.30 9.59
ZN ZN C . -11.26 -4.24 -11.68
N ARG A 1 -6.71 -10.98 -24.72
CA ARG A 1 -8.18 -10.81 -24.93
C ARG A 1 -8.89 -10.70 -23.57
N SER A 2 -8.44 -11.46 -22.60
CA SER A 2 -9.08 -11.42 -21.25
C SER A 2 -8.19 -10.63 -20.29
N PHE A 3 -8.67 -9.52 -19.81
CA PHE A 3 -7.87 -8.69 -18.87
C PHE A 3 -8.16 -9.13 -17.43
N VAL A 4 -7.81 -10.35 -17.11
CA VAL A 4 -8.05 -10.87 -15.72
C VAL A 4 -7.20 -10.05 -14.75
N CYS A 5 -7.81 -9.58 -13.69
CA CYS A 5 -7.06 -8.78 -12.68
C CYS A 5 -5.96 -9.65 -12.05
N GLU A 6 -4.86 -9.05 -11.69
CA GLU A 6 -3.74 -9.85 -11.08
C GLU A 6 -3.88 -9.89 -9.55
N VAL A 7 -5.05 -9.61 -9.03
CA VAL A 7 -5.23 -9.65 -7.55
C VAL A 7 -6.34 -10.64 -7.19
N CYS A 8 -7.48 -10.53 -7.83
CA CYS A 8 -8.60 -11.47 -7.52
C CYS A 8 -8.83 -12.43 -8.69
N THR A 9 -7.93 -12.47 -9.66
CA THR A 9 -8.08 -13.39 -10.83
C THR A 9 -9.49 -13.28 -11.42
N ARG A 10 -9.93 -12.08 -11.70
CA ARG A 10 -11.30 -11.88 -12.27
C ARG A 10 -11.25 -12.09 -13.79
N ALA A 11 -12.19 -11.55 -14.52
CA ALA A 11 -12.19 -11.73 -15.99
C ALA A 11 -12.79 -10.49 -16.66
N PHE A 12 -11.96 -9.60 -17.14
CA PHE A 12 -12.47 -8.37 -17.81
C PHE A 12 -12.20 -8.47 -19.31
N ALA A 13 -12.45 -7.40 -20.04
CA ALA A 13 -12.21 -7.43 -21.50
C ALA A 13 -11.98 -5.99 -22.02
N ARG A 14 -11.55 -5.10 -21.15
CA ARG A 14 -11.32 -3.69 -21.58
C ARG A 14 -10.18 -3.09 -20.75
N GLN A 15 -9.52 -2.09 -21.28
CA GLN A 15 -8.39 -1.46 -20.53
C GLN A 15 -8.94 -0.31 -19.67
N GLU A 16 -9.95 0.36 -20.15
CA GLU A 16 -10.53 1.49 -19.37
C GLU A 16 -11.29 0.96 -18.16
N HIS A 17 -11.79 -0.24 -18.24
CA HIS A 17 -12.55 -0.82 -17.09
C HIS A 17 -11.55 -1.34 -16.04
N LEU A 18 -10.48 -1.94 -16.47
CA LEU A 18 -9.47 -2.47 -15.51
C LEU A 18 -8.71 -1.30 -14.86
N LYS A 19 -8.63 -0.17 -15.53
CA LYS A 19 -7.90 0.99 -14.96
C LYS A 19 -8.55 1.42 -13.64
N ARG A 20 -9.85 1.32 -13.56
CA ARG A 20 -10.57 1.71 -12.30
C ARG A 20 -10.66 0.51 -11.37
N HIS A 21 -10.75 -0.67 -11.92
CA HIS A 21 -10.85 -1.90 -11.06
C HIS A 21 -9.48 -2.20 -10.42
N TYR A 22 -8.43 -1.57 -10.89
CA TYR A 22 -7.07 -1.84 -10.30
C TYR A 22 -6.81 -0.87 -9.15
N ARG A 23 -7.25 0.36 -9.27
CA ARG A 23 -7.01 1.35 -8.18
C ARG A 23 -7.75 0.91 -6.91
N SER A 24 -8.88 0.27 -7.07
CA SER A 24 -9.66 -0.20 -5.88
C SER A 24 -8.93 -1.35 -5.20
N HIS A 25 -8.31 -2.22 -5.98
CA HIS A 25 -7.59 -3.38 -5.38
C HIS A 25 -6.46 -2.88 -4.47
N THR A 26 -5.62 -2.01 -4.97
CA THR A 26 -4.50 -1.50 -4.14
C THR A 26 -4.85 -0.09 -3.62
N ASN A 27 -5.65 -0.01 -2.58
CA ASN A 27 -6.03 1.32 -2.02
C ASN A 27 -4.76 2.00 -1.49
N GLU A 28 -3.92 1.25 -0.84
CA GLU A 28 -2.66 1.82 -0.29
C GLU A 28 -1.52 0.83 -0.57
N LYS A 29 -1.43 -0.21 0.22
CA LYS A 29 -0.36 -1.24 0.01
C LYS A 29 -0.65 -2.46 0.92
N PRO A 30 -0.07 -3.61 0.59
CA PRO A 30 -0.28 -4.83 1.38
C PRO A 30 0.58 -4.82 2.65
N TYR A 31 1.63 -4.05 2.67
CA TYR A 31 2.52 -4.00 3.87
C TYR A 31 2.63 -2.54 4.38
N PRO A 32 1.59 -2.05 5.03
CA PRO A 32 1.58 -0.67 5.56
C PRO A 32 2.41 -0.59 6.85
N CYS A 33 3.31 0.35 6.92
CA CYS A 33 4.16 0.50 8.14
C CYS A 33 3.28 0.89 9.34
N GLY A 34 3.43 0.21 10.44
CA GLY A 34 2.61 0.54 11.65
C GLY A 34 3.48 1.26 12.67
N LEU A 35 4.47 2.00 12.22
CA LEU A 35 5.37 2.73 13.16
C LEU A 35 5.39 4.22 12.80
N CYS A 36 5.44 4.53 11.53
CA CYS A 36 5.47 5.96 11.10
C CYS A 36 4.20 6.31 10.31
N ASN A 37 3.34 5.35 10.06
CA ASN A 37 2.09 5.61 9.28
C ASN A 37 2.44 5.78 7.80
N ARG A 38 3.22 4.87 7.25
CA ARG A 38 3.60 4.95 5.81
C ARG A 38 3.11 3.69 5.10
N ALA A 39 3.48 3.51 3.86
CA ALA A 39 3.03 2.29 3.12
C ALA A 39 4.06 1.89 2.07
N PHE A 40 4.39 0.61 2.01
CA PHE A 40 5.38 0.13 1.00
C PHE A 40 4.73 -0.97 0.16
N THR A 41 5.15 -1.10 -1.08
CA THR A 41 4.55 -2.16 -1.95
C THR A 41 5.36 -3.46 -1.85
N ARG A 42 6.66 -3.35 -1.64
CA ARG A 42 7.50 -4.57 -1.53
C ARG A 42 7.73 -4.90 -0.06
N ARG A 43 7.56 -6.15 0.31
CA ARG A 43 7.77 -6.54 1.74
C ARG A 43 9.22 -6.31 2.13
N ASP A 44 10.14 -6.53 1.21
CA ASP A 44 11.58 -6.31 1.51
C ASP A 44 11.82 -4.84 1.82
N LEU A 45 11.03 -3.96 1.25
CA LEU A 45 11.20 -2.50 1.50
C LEU A 45 10.83 -2.17 2.94
N LEU A 46 9.67 -2.63 3.38
CA LEU A 46 9.22 -2.34 4.77
C LEU A 46 10.26 -2.81 5.80
N ILE A 47 10.83 -3.97 5.61
CA ILE A 47 11.85 -4.48 6.58
C ILE A 47 13.06 -3.53 6.60
N ARG A 48 13.52 -3.13 5.45
CA ARG A 48 14.68 -2.20 5.38
C ARG A 48 14.28 -0.80 5.87
N HIS A 49 13.00 -0.52 5.96
CA HIS A 49 12.55 0.82 6.43
C HIS A 49 12.59 0.88 7.96
N ALA A 50 12.19 -0.18 8.62
CA ALA A 50 12.18 -0.18 10.12
C ALA A 50 13.58 -0.50 10.66
N GLN A 51 14.12 -1.64 10.32
CA GLN A 51 15.47 -2.03 10.83
C GLN A 51 16.51 -0.93 10.56
N LYS A 52 16.26 -0.07 9.61
CA LYS A 52 17.24 1.02 9.30
C LYS A 52 16.97 2.26 10.15
N ILE A 53 15.72 2.57 10.42
CA ILE A 53 15.41 3.79 11.23
C ILE A 53 14.69 3.41 12.54
N HIS A 54 13.64 2.64 12.45
CA HIS A 54 12.89 2.25 13.68
C HIS A 54 13.80 1.43 14.59
N SER A 55 14.03 0.19 14.25
CA SER A 55 14.90 -0.68 15.09
C SER A 55 15.12 -2.02 14.40
N GLY A 56 16.30 -2.58 14.52
CA GLY A 56 16.57 -3.89 13.87
C GLY A 56 17.84 -4.51 14.49
N ASN A 57 18.07 -5.77 14.24
CA ASN A 57 19.29 -6.43 14.80
C ASN A 57 20.27 -6.73 13.67
N LEU A 58 20.36 -5.86 12.70
CA LEU A 58 21.30 -6.07 11.57
C LEU A 58 22.71 -5.69 11.98
N GLY A 59 23.64 -6.62 11.93
CA GLY A 59 25.04 -6.31 12.31
C GLY A 59 25.64 -5.30 11.33
N GLU A 60 26.94 -5.12 11.37
CA GLU A 60 27.59 -4.15 10.45
C GLU A 60 28.93 -4.72 9.97
ZN ZN B . 7.96 3.33 9.47
ZN ZN C . -9.28 -7.72 -9.70
N ARG A 1 -15.33 14.81 -20.65
CA ARG A 1 -14.21 14.13 -19.95
C ARG A 1 -14.76 13.48 -18.67
N SER A 2 -15.12 12.23 -18.73
CA SER A 2 -15.66 11.54 -17.52
C SER A 2 -14.57 11.43 -16.45
N PHE A 3 -14.96 11.47 -15.20
CA PHE A 3 -13.95 11.38 -14.10
C PHE A 3 -13.75 9.90 -13.73
N VAL A 4 -12.64 9.34 -14.11
CA VAL A 4 -12.38 7.90 -13.79
C VAL A 4 -11.12 7.81 -12.90
N CYS A 5 -11.14 6.92 -11.94
CA CYS A 5 -9.96 6.76 -11.04
C CYS A 5 -8.81 6.12 -11.82
N GLU A 6 -7.61 6.56 -11.56
CA GLU A 6 -6.43 5.98 -12.28
C GLU A 6 -5.84 4.79 -11.50
N VAL A 7 -6.63 4.17 -10.64
CA VAL A 7 -6.11 3.01 -9.85
C VAL A 7 -6.98 1.79 -10.11
N CYS A 8 -8.28 1.94 -10.02
CA CYS A 8 -9.19 0.77 -10.25
C CYS A 8 -9.95 0.95 -11.57
N THR A 9 -9.59 1.93 -12.38
CA THR A 9 -10.29 2.14 -13.69
C THR A 9 -11.82 2.16 -13.50
N ARG A 10 -12.30 2.94 -12.57
CA ARG A 10 -13.78 2.99 -12.34
C ARG A 10 -14.38 4.08 -13.23
N ALA A 11 -15.58 4.53 -12.92
CA ALA A 11 -16.22 5.58 -13.76
C ALA A 11 -17.14 6.43 -12.89
N PHE A 12 -16.59 7.38 -12.19
CA PHE A 12 -17.42 8.27 -11.32
C PHE A 12 -17.77 9.54 -12.10
N ALA A 13 -19.00 9.96 -12.04
CA ALA A 13 -19.41 11.20 -12.79
C ALA A 13 -19.40 12.40 -11.84
N ARG A 14 -18.58 12.37 -10.83
CA ARG A 14 -18.51 13.50 -9.87
C ARG A 14 -17.07 13.70 -9.41
N GLN A 15 -16.59 14.92 -9.41
CA GLN A 15 -15.18 15.18 -8.98
C GLN A 15 -15.10 15.17 -7.45
N GLU A 16 -16.18 15.51 -6.78
CA GLU A 16 -16.16 15.51 -5.29
C GLU A 16 -16.10 14.07 -4.77
N HIS A 17 -16.81 13.17 -5.38
CA HIS A 17 -16.79 11.74 -4.93
C HIS A 17 -15.44 11.12 -5.27
N LEU A 18 -14.84 11.52 -6.37
CA LEU A 18 -13.54 10.95 -6.77
C LEU A 18 -12.43 11.52 -5.87
N LYS A 19 -12.62 12.69 -5.34
CA LYS A 19 -11.57 13.30 -4.45
C LYS A 19 -11.32 12.39 -3.25
N ARG A 20 -12.35 11.78 -2.72
CA ARG A 20 -12.17 10.89 -1.53
C ARG A 20 -11.91 9.46 -2.00
N HIS A 21 -12.41 9.09 -3.16
CA HIS A 21 -12.20 7.70 -3.68
C HIS A 21 -10.70 7.50 -3.93
N TYR A 22 -9.97 8.55 -4.23
CA TYR A 22 -8.51 8.41 -4.49
C TYR A 22 -7.75 8.44 -3.16
N ARG A 23 -8.30 9.09 -2.15
CA ARG A 23 -7.61 9.16 -0.84
C ARG A 23 -7.50 7.76 -0.23
N SER A 24 -8.41 6.88 -0.56
CA SER A 24 -8.36 5.50 0.00
C SER A 24 -7.69 4.56 -1.01
N HIS A 25 -6.82 5.08 -1.82
CA HIS A 25 -6.13 4.22 -2.84
C HIS A 25 -4.62 4.21 -2.57
N THR A 26 -4.09 5.25 -1.97
CA THR A 26 -2.63 5.30 -1.70
C THR A 26 -2.31 4.60 -0.37
N ASN A 27 -3.00 4.97 0.68
CA ASN A 27 -2.74 4.33 2.01
C ASN A 27 -3.08 2.84 1.94
N GLU A 28 -3.95 2.45 1.04
CA GLU A 28 -4.32 1.00 0.92
C GLU A 28 -3.17 0.23 0.29
N LYS A 29 -2.33 -0.37 1.10
CA LYS A 29 -1.18 -1.15 0.55
C LYS A 29 -1.10 -2.52 1.26
N PRO A 30 -0.37 -3.46 0.68
CA PRO A 30 -0.22 -4.80 1.25
C PRO A 30 0.79 -4.80 2.41
N TYR A 31 1.70 -3.85 2.42
CA TYR A 31 2.72 -3.80 3.52
C TYR A 31 2.78 -2.39 4.11
N PRO A 32 1.79 -2.05 4.93
CA PRO A 32 1.74 -0.71 5.56
C PRO A 32 2.71 -0.66 6.75
N CYS A 33 3.10 0.53 7.15
CA CYS A 33 4.05 0.66 8.30
C CYS A 33 3.26 0.92 9.58
N GLY A 34 3.47 0.11 10.60
CA GLY A 34 2.74 0.31 11.88
C GLY A 34 3.63 1.07 12.86
N LEU A 35 4.42 1.99 12.37
CA LEU A 35 5.32 2.77 13.27
C LEU A 35 5.26 4.26 12.90
N CYS A 36 5.32 4.55 11.63
CA CYS A 36 5.26 5.97 11.18
C CYS A 36 4.06 6.20 10.25
N ASN A 37 3.32 5.16 9.95
CA ASN A 37 2.13 5.28 9.04
C ASN A 37 2.58 5.37 7.57
N ARG A 38 3.82 5.03 7.27
CA ARG A 38 4.30 5.09 5.87
C ARG A 38 3.60 4.01 5.05
N ALA A 39 4.00 3.81 3.81
CA ALA A 39 3.34 2.77 2.97
C ALA A 39 4.38 2.16 2.02
N PHE A 40 4.42 0.85 1.95
CA PHE A 40 5.40 0.17 1.05
C PHE A 40 4.66 -0.85 0.17
N THR A 41 5.19 -1.15 -0.98
CA THR A 41 4.52 -2.13 -1.89
C THR A 41 5.23 -3.48 -1.79
N ARG A 42 6.50 -3.48 -1.49
CA ARG A 42 7.26 -4.77 -1.39
C ARG A 42 7.50 -5.10 0.08
N ARG A 43 7.58 -6.36 0.41
CA ARG A 43 7.82 -6.76 1.82
C ARG A 43 9.26 -6.42 2.21
N ASP A 44 10.19 -6.61 1.30
CA ASP A 44 11.62 -6.30 1.60
C ASP A 44 11.76 -4.80 1.91
N LEU A 45 10.91 -3.99 1.35
CA LEU A 45 10.99 -2.52 1.60
C LEU A 45 10.58 -2.22 3.05
N LEU A 46 9.45 -2.74 3.47
CA LEU A 46 8.98 -2.49 4.87
C LEU A 46 10.03 -2.96 5.88
N ILE A 47 10.71 -4.04 5.59
CA ILE A 47 11.74 -4.55 6.54
C ILE A 47 12.90 -3.55 6.63
N ARG A 48 13.52 -3.25 5.51
CA ARG A 48 14.66 -2.28 5.51
C ARG A 48 14.22 -0.93 6.09
N HIS A 49 12.94 -0.65 6.09
CA HIS A 49 12.44 0.65 6.64
C HIS A 49 12.51 0.59 8.17
N ALA A 50 12.14 -0.52 8.76
CA ALA A 50 12.16 -0.62 10.25
C ALA A 50 13.57 -0.97 10.74
N GLN A 51 14.46 -1.39 9.85
CA GLN A 51 15.84 -1.75 10.28
C GLN A 51 16.76 -0.52 10.21
N LYS A 52 16.35 0.52 9.52
CA LYS A 52 17.22 1.74 9.42
C LYS A 52 16.61 2.90 10.21
N ILE A 53 15.31 3.01 10.23
CA ILE A 53 14.66 4.13 10.97
C ILE A 53 14.04 3.60 12.28
N HIS A 54 13.70 2.34 12.33
CA HIS A 54 13.10 1.79 13.58
C HIS A 54 14.01 0.71 14.20
N SER A 55 15.19 0.51 13.66
CA SER A 55 16.13 -0.51 14.21
C SER A 55 15.49 -1.91 14.11
N GLY A 56 16.30 -2.94 14.05
CA GLY A 56 15.76 -4.32 13.95
C GLY A 56 16.62 -5.27 14.78
N ASN A 57 16.29 -5.45 16.03
CA ASN A 57 17.08 -6.36 16.91
C ASN A 57 18.53 -5.88 16.98
N LEU A 58 19.41 -6.71 17.49
CA LEU A 58 20.85 -6.31 17.59
C LEU A 58 21.44 -6.17 16.17
N GLY A 59 21.86 -4.99 15.82
CA GLY A 59 22.46 -4.78 14.46
C GLY A 59 23.34 -3.53 14.48
N GLU A 60 23.09 -2.61 13.58
CA GLU A 60 23.91 -1.36 13.53
C GLU A 60 23.12 -0.26 12.83
ZN ZN B . 8.01 3.38 9.79
ZN ZN C . -10.13 3.97 -7.77
N ARG A 1 -26.69 10.57 -5.00
CA ARG A 1 -25.85 9.42 -5.47
C ARG A 1 -25.12 8.81 -4.27
N SER A 2 -24.22 7.88 -4.52
CA SER A 2 -23.48 7.24 -3.40
C SER A 2 -22.02 7.68 -3.44
N PHE A 3 -21.47 8.03 -2.30
CA PHE A 3 -20.03 8.45 -2.28
C PHE A 3 -19.18 7.20 -2.04
N VAL A 4 -19.09 6.36 -3.03
CA VAL A 4 -18.29 5.11 -2.88
C VAL A 4 -16.82 5.47 -2.66
N CYS A 5 -16.05 4.53 -2.18
CA CYS A 5 -14.60 4.79 -1.93
C CYS A 5 -13.92 5.14 -3.26
N GLU A 6 -12.94 6.01 -3.23
CA GLU A 6 -12.22 6.41 -4.48
C GLU A 6 -11.02 5.49 -4.73
N VAL A 7 -10.99 4.33 -4.15
CA VAL A 7 -9.85 3.41 -4.36
C VAL A 7 -10.35 2.01 -4.73
N CYS A 8 -11.29 1.50 -3.97
CA CYS A 8 -11.84 0.15 -4.27
C CYS A 8 -13.31 0.24 -4.71
N THR A 9 -13.76 1.42 -5.07
CA THR A 9 -15.19 1.59 -5.51
C THR A 9 -16.15 0.95 -4.50
N ARG A 10 -15.96 1.26 -3.24
CA ARG A 10 -16.85 0.67 -2.18
C ARG A 10 -18.28 1.16 -2.38
N ALA A 11 -19.06 1.31 -1.32
CA ALA A 11 -20.46 1.78 -1.47
C ALA A 11 -20.89 2.52 -0.22
N PHE A 12 -20.77 3.83 -0.21
CA PHE A 12 -21.18 4.62 0.99
C PHE A 12 -22.24 5.65 0.57
N ALA A 13 -22.90 6.25 1.52
CA ALA A 13 -23.95 7.26 1.18
C ALA A 13 -23.53 8.65 1.66
N ARG A 14 -22.75 8.72 2.72
CA ARG A 14 -22.31 10.04 3.25
C ARG A 14 -20.78 10.13 3.23
N GLN A 15 -20.24 11.23 2.79
CA GLN A 15 -18.76 11.39 2.74
C GLN A 15 -18.18 11.33 4.15
N GLU A 16 -18.97 11.63 5.15
CA GLU A 16 -18.46 11.58 6.56
C GLU A 16 -18.02 10.16 6.90
N HIS A 17 -18.83 9.20 6.56
CA HIS A 17 -18.48 7.77 6.85
C HIS A 17 -17.34 7.35 5.92
N LEU A 18 -17.30 7.89 4.73
CA LEU A 18 -16.22 7.54 3.77
C LEU A 18 -14.86 7.98 4.34
N LYS A 19 -14.86 9.04 5.12
CA LYS A 19 -13.59 9.53 5.71
C LYS A 19 -12.96 8.44 6.59
N ARG A 20 -13.75 7.80 7.41
CA ARG A 20 -13.21 6.72 8.29
C ARG A 20 -12.76 5.53 7.43
N HIS A 21 -13.58 5.12 6.50
CA HIS A 21 -13.21 3.98 5.62
C HIS A 21 -11.98 4.35 4.76
N TYR A 22 -11.64 5.62 4.66
CA TYR A 22 -10.46 6.02 3.84
C TYR A 22 -9.23 6.16 4.74
N ARG A 23 -9.10 5.32 5.74
CA ARG A 23 -7.92 5.41 6.64
C ARG A 23 -6.85 4.43 6.17
N SER A 24 -7.25 3.33 5.57
CA SER A 24 -6.27 2.34 5.06
C SER A 24 -6.33 2.26 3.54
N HIS A 25 -6.68 3.35 2.90
CA HIS A 25 -6.77 3.36 1.41
C HIS A 25 -5.69 4.28 0.82
N THR A 26 -5.06 5.11 1.63
CA THR A 26 -4.00 6.02 1.11
C THR A 26 -2.88 5.19 0.49
N ASN A 27 -2.88 5.09 -0.82
CA ASN A 27 -1.85 4.30 -1.58
C ASN A 27 -2.26 2.82 -1.67
N GLU A 28 -2.86 2.28 -0.63
CA GLU A 28 -3.29 0.85 -0.67
C GLU A 28 -2.08 -0.06 -0.92
N LYS A 29 -1.55 -0.66 0.12
CA LYS A 29 -0.38 -1.56 -0.04
C LYS A 29 -0.51 -2.75 0.93
N PRO A 30 0.10 -3.87 0.60
CA PRO A 30 0.04 -5.08 1.44
C PRO A 30 1.03 -5.00 2.61
N TYR A 31 1.97 -4.08 2.56
CA TYR A 31 2.95 -3.97 3.68
C TYR A 31 2.99 -2.51 4.21
N PRO A 32 1.96 -2.11 4.93
CA PRO A 32 1.89 -0.74 5.49
C PRO A 32 2.74 -0.66 6.77
N CYS A 33 3.54 0.37 6.89
CA CYS A 33 4.39 0.51 8.11
C CYS A 33 3.50 0.89 9.31
N GLY A 34 3.57 0.13 10.36
CA GLY A 34 2.74 0.43 11.57
C GLY A 34 3.59 1.17 12.60
N LEU A 35 4.54 1.96 12.15
CA LEU A 35 5.41 2.72 13.10
C LEU A 35 5.35 4.21 12.75
N CYS A 36 5.39 4.53 11.48
CA CYS A 36 5.35 5.96 11.06
C CYS A 36 4.10 6.24 10.22
N ASN A 37 3.31 5.23 9.94
CA ASN A 37 2.07 5.41 9.12
C ASN A 37 2.46 5.63 7.65
N ARG A 38 3.42 4.88 7.18
CA ARG A 38 3.86 5.01 5.76
C ARG A 38 3.22 3.90 4.93
N ALA A 39 3.60 3.77 3.69
CA ALA A 39 3.02 2.71 2.83
C ALA A 39 4.10 2.12 1.91
N PHE A 40 4.22 0.82 1.89
CA PHE A 40 5.25 0.17 1.02
C PHE A 40 4.60 -1.00 0.26
N THR A 41 4.87 -1.11 -1.01
CA THR A 41 4.26 -2.21 -1.81
C THR A 41 5.14 -3.46 -1.72
N ARG A 42 6.42 -3.28 -1.48
CA ARG A 42 7.34 -4.46 -1.39
C ARG A 42 7.56 -4.81 0.08
N ARG A 43 7.52 -6.08 0.41
CA ARG A 43 7.73 -6.50 1.82
C ARG A 43 9.16 -6.17 2.25
N ASP A 44 10.11 -6.40 1.38
CA ASP A 44 11.54 -6.11 1.72
C ASP A 44 11.71 -4.61 2.00
N LEU A 45 10.85 -3.79 1.44
CA LEU A 45 10.96 -2.32 1.66
C LEU A 45 10.59 -1.99 3.11
N LEU A 46 9.45 -2.46 3.58
CA LEU A 46 9.03 -2.17 4.98
C LEU A 46 10.07 -2.73 5.96
N ILE A 47 10.62 -3.88 5.66
CA ILE A 47 11.63 -4.49 6.59
C ILE A 47 12.86 -3.57 6.67
N ARG A 48 13.27 -3.03 5.55
CA ARG A 48 14.45 -2.12 5.53
C ARG A 48 14.10 -0.80 6.24
N HIS A 49 12.84 -0.46 6.27
CA HIS A 49 12.41 0.81 6.93
C HIS A 49 12.40 0.62 8.45
N ALA A 50 12.18 -0.58 8.90
CA ALA A 50 12.14 -0.84 10.38
C ALA A 50 13.54 -1.20 10.89
N GLN A 51 14.41 -1.65 10.02
CA GLN A 51 15.79 -2.03 10.47
C GLN A 51 16.72 -0.82 10.38
N LYS A 52 16.46 0.07 9.47
CA LYS A 52 17.34 1.28 9.33
C LYS A 52 16.81 2.44 10.18
N ILE A 53 15.54 2.75 10.03
CA ILE A 53 14.96 3.87 10.80
C ILE A 53 14.53 3.40 12.18
N HIS A 54 13.57 2.51 12.25
CA HIS A 54 13.10 2.00 13.58
C HIS A 54 14.11 1.00 14.16
N SER A 55 15.16 0.66 13.44
CA SER A 55 16.17 -0.30 13.96
C SER A 55 15.51 -1.67 14.16
N GLY A 56 16.28 -2.72 14.04
CA GLY A 56 15.71 -4.09 14.21
C GLY A 56 16.66 -4.94 15.04
N ASN A 57 16.25 -6.13 15.41
CA ASN A 57 17.13 -7.02 16.22
C ASN A 57 17.17 -8.41 15.57
N LEU A 58 17.05 -8.47 14.27
CA LEU A 58 17.08 -9.78 13.57
C LEU A 58 17.60 -9.59 12.14
N GLY A 59 17.42 -10.56 11.29
CA GLY A 59 17.91 -10.45 9.89
C GLY A 59 17.76 -11.79 9.17
N GLU A 60 18.74 -12.18 8.40
CA GLU A 60 18.67 -13.48 7.68
C GLU A 60 20.07 -14.03 7.47
ZN ZN B . 7.85 3.57 10.03
ZN ZN C . -12.60 1.75 -0.01
N ARG A 1 -12.69 -15.94 -25.41
CA ARG A 1 -11.88 -15.85 -24.16
C ARG A 1 -11.31 -14.42 -24.03
N SER A 2 -12.08 -13.50 -23.52
CA SER A 2 -11.59 -12.11 -23.37
C SER A 2 -10.51 -12.05 -22.30
N PHE A 3 -10.05 -10.87 -21.96
CA PHE A 3 -8.98 -10.75 -20.93
C PHE A 3 -9.64 -10.63 -19.55
N VAL A 4 -10.26 -11.67 -19.11
CA VAL A 4 -10.93 -11.67 -17.77
C VAL A 4 -9.87 -11.76 -16.68
N CYS A 5 -9.91 -10.85 -15.73
CA CYS A 5 -8.90 -10.87 -14.62
C CYS A 5 -9.08 -12.16 -13.81
N GLU A 6 -7.99 -12.67 -13.27
CA GLU A 6 -8.08 -13.93 -12.47
C GLU A 6 -8.31 -13.60 -10.99
N VAL A 7 -8.78 -12.41 -10.69
CA VAL A 7 -9.02 -12.05 -9.26
C VAL A 7 -10.51 -11.76 -9.06
N CYS A 8 -11.09 -10.93 -9.87
CA CYS A 8 -12.53 -10.61 -9.74
C CYS A 8 -13.32 -11.13 -10.95
N THR A 9 -12.71 -11.99 -11.76
CA THR A 9 -13.42 -12.53 -12.96
C THR A 9 -14.07 -11.40 -13.77
N ARG A 10 -13.32 -10.38 -14.08
CA ARG A 10 -13.88 -9.23 -14.86
C ARG A 10 -13.86 -9.56 -16.35
N ALA A 11 -13.99 -8.57 -17.20
CA ALA A 11 -13.98 -8.81 -18.67
C ALA A 11 -13.41 -7.59 -19.39
N PHE A 12 -12.13 -7.60 -19.67
CA PHE A 12 -11.51 -6.45 -20.37
C PHE A 12 -11.21 -6.83 -21.82
N ALA A 13 -11.62 -6.01 -22.75
CA ALA A 13 -11.37 -6.32 -24.19
C ALA A 13 -9.89 -6.07 -24.53
N ARG A 14 -9.25 -5.19 -23.80
CA ARG A 14 -7.82 -4.88 -24.09
C ARG A 14 -6.96 -5.33 -22.92
N GLN A 15 -5.78 -5.83 -23.19
CA GLN A 15 -4.87 -6.29 -22.09
C GLN A 15 -4.08 -5.10 -21.54
N GLU A 16 -3.85 -4.09 -22.36
CA GLU A 16 -3.09 -2.90 -21.87
C GLU A 16 -3.85 -2.23 -20.73
N HIS A 17 -5.16 -2.33 -20.73
CA HIS A 17 -5.96 -1.71 -19.65
C HIS A 17 -6.00 -2.64 -18.44
N LEU A 18 -6.05 -3.93 -18.69
CA LEU A 18 -6.09 -4.92 -17.56
C LEU A 18 -4.79 -4.81 -16.76
N LYS A 19 -3.71 -4.42 -17.39
CA LYS A 19 -2.40 -4.30 -16.67
C LYS A 19 -2.57 -3.44 -15.41
N ARG A 20 -3.37 -2.41 -15.49
CA ARG A 20 -3.59 -1.53 -14.30
C ARG A 20 -4.70 -2.12 -13.43
N HIS A 21 -5.64 -2.79 -14.04
CA HIS A 21 -6.76 -3.41 -13.26
C HIS A 21 -6.19 -4.45 -12.29
N TYR A 22 -5.02 -4.99 -12.57
CA TYR A 22 -4.42 -6.01 -11.67
C TYR A 22 -3.57 -5.33 -10.61
N ARG A 23 -3.05 -4.17 -10.89
CA ARG A 23 -2.21 -3.45 -9.90
C ARG A 23 -3.03 -3.13 -8.64
N SER A 24 -4.30 -2.83 -8.82
CA SER A 24 -5.17 -2.52 -7.64
C SER A 24 -5.60 -3.82 -6.96
N HIS A 25 -5.63 -4.91 -7.69
CA HIS A 25 -6.05 -6.22 -7.08
C HIS A 25 -5.09 -6.62 -5.96
N THR A 26 -3.92 -6.03 -5.89
CA THR A 26 -2.95 -6.40 -4.82
C THR A 26 -3.09 -5.44 -3.63
N ASN A 27 -4.24 -4.82 -3.47
CA ASN A 27 -4.44 -3.88 -2.33
C ASN A 27 -3.40 -2.75 -2.37
N GLU A 28 -2.88 -2.45 -3.53
CA GLU A 28 -1.86 -1.36 -3.65
C GLU A 28 -0.67 -1.62 -2.72
N LYS A 29 -0.72 -1.16 -1.49
CA LYS A 29 0.42 -1.39 -0.55
C LYS A 29 -0.02 -2.37 0.56
N PRO A 30 0.26 -3.65 0.39
CA PRO A 30 -0.12 -4.67 1.38
C PRO A 30 0.84 -4.67 2.58
N TYR A 31 1.86 -3.85 2.56
CA TYR A 31 2.82 -3.82 3.71
C TYR A 31 2.98 -2.38 4.22
N PRO A 32 1.96 -1.85 4.88
CA PRO A 32 2.01 -0.48 5.42
C PRO A 32 2.81 -0.45 6.73
N CYS A 33 3.72 0.48 6.86
CA CYS A 33 4.54 0.58 8.10
C CYS A 33 3.62 0.87 9.30
N GLY A 34 3.71 0.07 10.34
CA GLY A 34 2.86 0.28 11.53
C GLY A 34 3.65 1.06 12.59
N LEU A 35 4.57 1.89 12.18
CA LEU A 35 5.37 2.68 13.15
C LEU A 35 5.32 4.16 12.77
N CYS A 36 5.49 4.44 11.50
CA CYS A 36 5.46 5.86 11.03
C CYS A 36 4.15 6.15 10.28
N ASN A 37 3.35 5.13 10.02
CA ASN A 37 2.07 5.33 9.27
C ASN A 37 2.37 5.59 7.79
N ARG A 38 3.23 4.78 7.22
CA ARG A 38 3.58 4.96 5.77
C ARG A 38 3.00 3.80 4.97
N ALA A 39 3.32 3.71 3.70
CA ALA A 39 2.78 2.61 2.86
C ALA A 39 3.85 2.10 1.90
N PHE A 40 3.88 0.82 1.65
CA PHE A 40 4.90 0.25 0.71
C PHE A 40 4.27 -0.90 -0.08
N THR A 41 4.93 -1.33 -1.12
CA THR A 41 4.37 -2.44 -1.95
C THR A 41 5.22 -3.70 -1.77
N ARG A 42 6.50 -3.54 -1.53
CA ARG A 42 7.39 -4.72 -1.35
C ARG A 42 7.58 -5.00 0.15
N ARG A 43 7.52 -6.25 0.53
CA ARG A 43 7.70 -6.60 1.97
C ARG A 43 9.14 -6.29 2.40
N ASP A 44 10.08 -6.57 1.54
CA ASP A 44 11.52 -6.29 1.88
C ASP A 44 11.71 -4.78 2.08
N LEU A 45 10.91 -3.98 1.42
CA LEU A 45 11.04 -2.50 1.58
C LEU A 45 10.69 -2.11 3.02
N LEU A 46 9.56 -2.54 3.50
CA LEU A 46 9.14 -2.20 4.89
C LEU A 46 10.20 -2.70 5.89
N ILE A 47 10.75 -3.86 5.66
CA ILE A 47 11.79 -4.41 6.59
C ILE A 47 13.03 -3.50 6.55
N ARG A 48 13.29 -2.90 5.42
CA ARG A 48 14.47 -1.99 5.29
C ARG A 48 14.13 -0.60 5.87
N HIS A 49 12.87 -0.31 6.05
CA HIS A 49 12.48 1.01 6.61
C HIS A 49 12.46 0.95 8.14
N ALA A 50 12.21 -0.20 8.70
CA ALA A 50 12.16 -0.32 10.20
C ALA A 50 13.55 -0.67 10.74
N GLN A 51 14.21 -1.63 10.14
CA GLN A 51 15.56 -2.03 10.64
C GLN A 51 16.59 -0.91 10.45
N LYS A 52 16.32 0.04 9.59
CA LYS A 52 17.30 1.15 9.37
C LYS A 52 16.99 2.33 10.29
N ILE A 53 15.73 2.65 10.49
CA ILE A 53 15.38 3.81 11.36
C ILE A 53 14.69 3.30 12.64
N HIS A 54 13.75 2.42 12.51
CA HIS A 54 13.03 1.89 13.72
C HIS A 54 13.93 0.89 14.48
N SER A 55 15.10 0.57 13.96
CA SER A 55 16.01 -0.39 14.67
C SER A 55 15.26 -1.69 15.01
N GLY A 56 14.24 -2.02 14.26
CA GLY A 56 13.46 -3.26 14.53
C GLY A 56 12.80 -3.16 15.91
N ASN A 57 11.77 -3.93 16.15
CA ASN A 57 11.08 -3.88 17.49
C ASN A 57 9.85 -4.79 17.48
N LEU A 58 9.21 -4.97 16.35
CA LEU A 58 8.00 -5.84 16.28
C LEU A 58 8.26 -7.01 15.33
N GLY A 59 8.40 -6.72 14.05
CA GLY A 59 8.65 -7.80 13.06
C GLY A 59 7.40 -8.67 12.92
N GLU A 60 7.30 -9.71 13.72
CA GLU A 60 6.10 -10.60 13.64
C GLU A 60 5.66 -10.98 15.06
ZN ZN B . 8.01 3.62 9.81
ZN ZN C . -9.77 -8.40 -11.86
N ARG A 1 -18.68 -19.35 -18.26
CA ARG A 1 -18.04 -20.39 -17.40
C ARG A 1 -16.53 -20.16 -17.35
N SER A 2 -16.10 -18.93 -17.46
CA SER A 2 -14.64 -18.64 -17.41
C SER A 2 -14.39 -17.41 -16.55
N PHE A 3 -13.47 -17.50 -15.63
CA PHE A 3 -13.16 -16.35 -14.75
C PHE A 3 -12.06 -15.51 -15.41
N VAL A 4 -12.46 -14.47 -16.09
CA VAL A 4 -11.48 -13.59 -16.79
C VAL A 4 -11.29 -12.29 -15.98
N CYS A 5 -10.06 -11.83 -15.92
CA CYS A 5 -9.76 -10.58 -15.17
C CYS A 5 -10.48 -9.39 -15.83
N GLU A 6 -11.11 -8.55 -15.04
CA GLU A 6 -11.82 -7.38 -15.62
C GLU A 6 -10.82 -6.25 -15.95
N VAL A 7 -9.59 -6.37 -15.52
CA VAL A 7 -8.58 -5.31 -15.80
C VAL A 7 -7.92 -5.58 -17.16
N CYS A 8 -7.37 -6.74 -17.35
CA CYS A 8 -6.70 -7.06 -18.64
C CYS A 8 -7.60 -7.97 -19.50
N THR A 9 -8.81 -8.24 -19.07
CA THR A 9 -9.74 -9.12 -19.87
C THR A 9 -9.03 -10.42 -20.29
N ARG A 10 -8.25 -11.00 -19.41
CA ARG A 10 -7.54 -12.26 -19.75
C ARG A 10 -8.41 -13.46 -19.36
N ALA A 11 -8.60 -14.38 -20.27
CA ALA A 11 -9.43 -15.57 -19.96
C ALA A 11 -8.58 -16.69 -19.38
N PHE A 12 -8.77 -16.99 -18.12
CA PHE A 12 -7.98 -18.08 -17.48
C PHE A 12 -8.84 -19.38 -17.48
N ALA A 13 -9.39 -19.78 -16.35
CA ALA A 13 -10.23 -21.02 -16.33
C ALA A 13 -11.09 -21.02 -15.07
N ARG A 14 -10.48 -20.94 -13.92
CA ARG A 14 -11.25 -20.94 -12.65
C ARG A 14 -11.02 -19.63 -11.90
N GLN A 15 -11.63 -19.48 -10.75
CA GLN A 15 -11.45 -18.23 -9.96
C GLN A 15 -10.26 -18.36 -9.01
N GLU A 16 -9.98 -19.57 -8.58
CA GLU A 16 -8.84 -19.79 -7.64
C GLU A 16 -7.52 -19.41 -8.33
N HIS A 17 -7.44 -19.63 -9.61
CA HIS A 17 -6.18 -19.28 -10.36
C HIS A 17 -6.16 -17.78 -10.64
N LEU A 18 -7.28 -17.23 -11.03
CA LEU A 18 -7.34 -15.77 -11.33
C LEU A 18 -7.02 -14.95 -10.07
N LYS A 19 -7.24 -15.52 -8.91
CA LYS A 19 -6.95 -14.78 -7.65
C LYS A 19 -5.48 -14.34 -7.61
N ARG A 20 -4.57 -15.23 -7.92
CA ARG A 20 -3.12 -14.87 -7.90
C ARG A 20 -2.85 -13.85 -9.01
N HIS A 21 -3.58 -13.94 -10.10
CA HIS A 21 -3.37 -12.99 -11.23
C HIS A 21 -3.96 -11.61 -10.86
N TYR A 22 -4.82 -11.55 -9.88
CA TYR A 22 -5.42 -10.24 -9.49
C TYR A 22 -4.65 -9.64 -8.30
N ARG A 23 -3.36 -9.86 -8.26
CA ARG A 23 -2.55 -9.32 -7.14
C ARG A 23 -1.68 -8.17 -7.66
N SER A 24 -1.18 -8.29 -8.86
CA SER A 24 -0.32 -7.22 -9.44
C SER A 24 -1.16 -6.34 -10.36
N HIS A 25 -2.43 -6.19 -10.06
CA HIS A 25 -3.31 -5.35 -10.92
C HIS A 25 -3.71 -4.09 -10.15
N THR A 26 -4.09 -4.24 -8.91
CA THR A 26 -4.49 -3.06 -8.09
C THR A 26 -3.26 -2.27 -7.68
N ASN A 27 -2.15 -2.94 -7.50
CA ASN A 27 -0.89 -2.24 -7.09
C ASN A 27 -1.10 -1.53 -5.75
N GLU A 28 -1.92 -2.09 -4.90
CA GLU A 28 -2.17 -1.47 -3.57
C GLU A 28 -1.10 -1.92 -2.58
N LYS A 29 -0.39 -1.01 -1.98
CA LYS A 29 0.69 -1.37 -1.00
C LYS A 29 0.12 -2.32 0.08
N PRO A 30 0.49 -3.60 0.03
CA PRO A 30 -0.01 -4.59 1.00
C PRO A 30 0.85 -4.62 2.27
N TYR A 31 1.67 -3.62 2.50
CA TYR A 31 2.53 -3.63 3.73
C TYR A 31 2.67 -2.20 4.30
N PRO A 32 1.66 -1.75 5.02
CA PRO A 32 1.68 -0.40 5.64
C PRO A 32 2.53 -0.42 6.91
N CYS A 33 3.51 0.46 7.00
CA CYS A 33 4.37 0.50 8.23
C CYS A 33 3.52 0.84 9.44
N GLY A 34 3.64 0.07 10.51
CA GLY A 34 2.83 0.35 11.73
C GLY A 34 3.68 1.13 12.74
N LEU A 35 4.61 1.92 12.26
CA LEU A 35 5.48 2.71 13.18
C LEU A 35 5.42 4.19 12.77
N CYS A 36 5.51 4.46 11.49
CA CYS A 36 5.45 5.86 11.01
C CYS A 36 4.15 6.12 10.23
N ASN A 37 3.38 5.09 9.98
CA ASN A 37 2.08 5.26 9.23
C ASN A 37 2.40 5.50 7.75
N ARG A 38 3.25 4.68 7.18
CA ARG A 38 3.61 4.84 5.74
C ARG A 38 3.03 3.67 4.95
N ALA A 39 3.37 3.55 3.68
CA ALA A 39 2.83 2.44 2.86
C ALA A 39 3.91 1.94 1.88
N PHE A 40 4.10 0.65 1.79
CA PHE A 40 5.13 0.10 0.87
C PHE A 40 4.51 -1.02 0.04
N THR A 41 5.00 -1.23 -1.16
CA THR A 41 4.43 -2.30 -2.03
C THR A 41 5.21 -3.61 -1.84
N ARG A 42 6.49 -3.51 -1.56
CA ARG A 42 7.30 -4.74 -1.36
C ARG A 42 7.51 -5.00 0.12
N ARG A 43 7.42 -6.24 0.54
CA ARG A 43 7.61 -6.58 1.98
C ARG A 43 9.06 -6.32 2.38
N ASP A 44 9.98 -6.60 1.49
CA ASP A 44 11.43 -6.37 1.78
C ASP A 44 11.66 -4.87 2.02
N LEU A 45 10.87 -4.03 1.40
CA LEU A 45 11.03 -2.56 1.58
C LEU A 45 10.67 -2.18 3.03
N LEU A 46 9.52 -2.61 3.49
CA LEU A 46 9.10 -2.29 4.89
C LEU A 46 10.17 -2.73 5.89
N ILE A 47 10.83 -3.82 5.63
CA ILE A 47 11.90 -4.30 6.57
C ILE A 47 13.06 -3.30 6.55
N ARG A 48 13.51 -2.93 5.38
CA ARG A 48 14.64 -1.95 5.29
C ARG A 48 14.23 -0.62 5.93
N HIS A 49 12.95 -0.39 6.10
CA HIS A 49 12.48 0.89 6.71
C HIS A 49 12.69 0.85 8.23
N ALA A 50 12.26 -0.20 8.88
CA ALA A 50 12.42 -0.29 10.37
C ALA A 50 13.88 -0.57 10.74
N GLN A 51 14.44 -1.64 10.24
CA GLN A 51 15.86 -2.01 10.56
C GLN A 51 16.80 -0.81 10.35
N LYS A 52 16.42 0.12 9.51
CA LYS A 52 17.31 1.29 9.24
C LYS A 52 16.89 2.49 10.10
N ILE A 53 15.63 2.59 10.46
CA ILE A 53 15.17 3.75 11.27
C ILE A 53 14.51 3.27 12.57
N HIS A 54 13.55 2.40 12.50
CA HIS A 54 12.88 1.92 13.74
C HIS A 54 13.76 0.90 14.45
N SER A 55 13.80 -0.32 13.97
CA SER A 55 14.65 -1.36 14.62
C SER A 55 14.57 -2.66 13.83
N GLY A 56 15.29 -3.68 14.25
CA GLY A 56 15.25 -4.97 13.53
C GLY A 56 15.24 -6.12 14.54
N ASN A 57 15.62 -7.30 14.12
CA ASN A 57 15.64 -8.46 15.06
C ASN A 57 16.42 -9.63 14.43
N LEU A 58 17.42 -9.32 13.64
CA LEU A 58 18.23 -10.39 12.99
C LEU A 58 17.32 -11.25 12.11
N GLY A 59 17.30 -11.00 10.82
CA GLY A 59 16.45 -11.80 9.90
C GLY A 59 17.07 -13.18 9.68
N GLU A 60 16.61 -14.17 10.41
CA GLU A 60 17.17 -15.54 10.26
C GLU A 60 16.14 -16.44 9.58
ZN ZN B . 7.84 3.44 9.99
ZN ZN C . -5.81 -9.29 -15.14
N ARG A 1 -13.03 -1.51 -30.93
CA ARG A 1 -11.96 -0.98 -31.81
C ARG A 1 -10.73 -0.61 -30.98
N SER A 2 -10.93 -0.21 -29.75
CA SER A 2 -9.78 0.16 -28.87
C SER A 2 -9.95 -0.47 -27.50
N PHE A 3 -8.85 -0.89 -26.91
CA PHE A 3 -8.92 -1.51 -25.55
C PHE A 3 -8.76 -0.44 -24.49
N VAL A 4 -9.66 0.51 -24.47
CA VAL A 4 -9.61 1.61 -23.46
C VAL A 4 -9.74 1.00 -22.06
N CYS A 5 -8.83 1.35 -21.17
CA CYS A 5 -8.91 0.81 -19.78
C CYS A 5 -10.19 1.29 -19.11
N GLU A 6 -10.76 0.49 -18.24
CA GLU A 6 -12.01 0.88 -17.56
C GLU A 6 -11.69 1.60 -16.23
N VAL A 7 -10.52 2.18 -16.12
CA VAL A 7 -10.16 2.90 -14.85
C VAL A 7 -9.82 4.35 -15.16
N CYS A 8 -8.93 4.57 -16.09
CA CYS A 8 -8.55 5.98 -16.45
C CYS A 8 -9.00 6.29 -17.88
N THR A 9 -9.89 5.51 -18.45
CA THR A 9 -10.37 5.77 -19.84
C THR A 9 -9.19 5.99 -20.79
N ARG A 10 -8.23 5.09 -20.77
CA ARG A 10 -7.04 5.24 -21.67
C ARG A 10 -7.40 4.79 -23.08
N ALA A 11 -6.42 4.51 -23.90
CA ALA A 11 -6.71 4.07 -25.29
C ALA A 11 -5.59 3.15 -25.79
N PHE A 12 -5.77 1.86 -25.68
CA PHE A 12 -4.72 0.92 -26.15
C PHE A 12 -5.22 0.21 -27.41
N ALA A 13 -4.48 -0.77 -27.89
CA ALA A 13 -4.90 -1.50 -29.12
C ALA A 13 -4.84 -3.01 -28.87
N ARG A 14 -3.86 -3.47 -28.12
CA ARG A 14 -3.74 -4.93 -27.86
C ARG A 14 -4.01 -5.22 -26.39
N GLN A 15 -4.21 -6.47 -26.04
CA GLN A 15 -4.48 -6.83 -24.61
C GLN A 15 -3.15 -7.12 -23.90
N GLU A 16 -2.17 -7.61 -24.62
CA GLU A 16 -0.86 -7.92 -23.98
C GLU A 16 -0.26 -6.64 -23.38
N HIS A 17 -0.58 -5.50 -23.94
CA HIS A 17 -0.03 -4.22 -23.41
C HIS A 17 -0.95 -3.72 -22.28
N LEU A 18 -2.23 -3.91 -22.42
CA LEU A 18 -3.19 -3.46 -21.37
C LEU A 18 -2.95 -4.24 -20.07
N LYS A 19 -2.37 -5.41 -20.16
CA LYS A 19 -2.11 -6.22 -18.93
C LYS A 19 -1.25 -5.44 -17.94
N ARG A 20 -0.21 -4.79 -18.42
CA ARG A 20 0.68 -4.01 -17.51
C ARG A 20 -0.05 -2.75 -17.04
N HIS A 21 -0.63 -2.02 -17.95
CA HIS A 21 -1.36 -0.77 -17.57
C HIS A 21 -2.47 -1.09 -16.55
N TYR A 22 -2.91 -2.33 -16.49
CA TYR A 22 -3.98 -2.70 -15.52
C TYR A 22 -3.37 -3.05 -14.17
N ARG A 23 -2.20 -3.64 -14.18
CA ARG A 23 -1.54 -4.02 -12.89
C ARG A 23 -1.17 -2.74 -12.11
N SER A 24 -0.91 -1.66 -12.81
CA SER A 24 -0.55 -0.39 -12.11
C SER A 24 -1.82 0.27 -11.55
N HIS A 25 -2.95 0.03 -12.15
CA HIS A 25 -4.22 0.64 -11.65
C HIS A 25 -4.51 0.12 -10.24
N THR A 26 -4.85 -1.13 -10.12
CA THR A 26 -5.15 -1.71 -8.77
C THR A 26 -3.83 -1.95 -8.02
N ASN A 27 -3.35 -0.97 -7.29
CA ASN A 27 -2.08 -1.14 -6.55
C ASN A 27 -2.33 -0.91 -5.06
N GLU A 28 -2.75 -1.92 -4.35
CA GLU A 28 -3.01 -1.77 -2.89
C GLU A 28 -1.77 -2.18 -2.11
N LYS A 29 -1.10 -1.23 -1.49
CA LYS A 29 0.13 -1.55 -0.71
C LYS A 29 -0.20 -2.57 0.41
N PRO A 30 0.29 -3.80 0.30
CA PRO A 30 0.02 -4.84 1.29
C PRO A 30 0.97 -4.76 2.50
N TYR A 31 1.73 -3.70 2.63
CA TYR A 31 2.69 -3.61 3.78
C TYR A 31 2.67 -2.18 4.37
N PRO A 32 1.64 -1.85 5.14
CA PRO A 32 1.53 -0.53 5.77
C PRO A 32 2.42 -0.44 7.01
N CYS A 33 3.37 0.46 7.01
CA CYS A 33 4.29 0.60 8.18
C CYS A 33 3.47 0.99 9.41
N GLY A 34 3.56 0.21 10.47
CA GLY A 34 2.80 0.53 11.71
C GLY A 34 3.71 1.26 12.70
N LEU A 35 4.57 2.11 12.21
CA LEU A 35 5.49 2.86 13.11
C LEU A 35 5.52 4.34 12.69
N CYS A 36 5.64 4.60 11.42
CA CYS A 36 5.67 6.01 10.93
C CYS A 36 4.34 6.37 10.22
N ASN A 37 3.47 5.41 10.05
CA ASN A 37 2.15 5.67 9.35
C ASN A 37 2.40 5.85 7.85
N ARG A 38 3.14 4.94 7.26
CA ARG A 38 3.42 5.04 5.80
C ARG A 38 2.96 3.74 5.13
N ALA A 39 3.27 3.56 3.86
CA ALA A 39 2.84 2.32 3.16
C ALA A 39 3.90 1.92 2.12
N PHE A 40 4.06 0.64 1.90
CA PHE A 40 5.07 0.17 0.90
C PHE A 40 4.43 -0.93 0.04
N THR A 41 5.09 -1.33 -1.01
CA THR A 41 4.53 -2.39 -1.90
C THR A 41 5.33 -3.68 -1.75
N ARG A 42 6.63 -3.57 -1.58
CA ARG A 42 7.47 -4.80 -1.43
C ARG A 42 7.72 -5.08 0.06
N ARG A 43 7.68 -6.33 0.44
CA ARG A 43 7.91 -6.68 1.87
C ARG A 43 9.35 -6.35 2.25
N ASP A 44 10.28 -6.56 1.35
CA ASP A 44 11.71 -6.26 1.65
C ASP A 44 11.87 -4.76 1.91
N LEU A 45 11.05 -3.96 1.29
CA LEU A 45 11.14 -2.48 1.49
C LEU A 45 10.79 -2.13 2.93
N LEU A 46 9.66 -2.59 3.42
CA LEU A 46 9.24 -2.28 4.82
C LEU A 46 10.29 -2.82 5.80
N ILE A 47 10.88 -3.95 5.52
CA ILE A 47 11.90 -4.51 6.45
C ILE A 47 13.11 -3.59 6.50
N ARG A 48 13.45 -2.99 5.39
CA ARG A 48 14.62 -2.06 5.36
C ARG A 48 14.22 -0.71 5.99
N HIS A 49 12.94 -0.42 6.03
CA HIS A 49 12.49 0.88 6.62
C HIS A 49 12.63 0.81 8.15
N ALA A 50 12.16 -0.24 8.76
CA ALA A 50 12.25 -0.36 10.25
C ALA A 50 13.69 -0.66 10.66
N GLN A 51 14.29 -1.66 10.06
CA GLN A 51 15.70 -2.02 10.42
C GLN A 51 16.64 -0.82 10.23
N LYS A 52 16.24 0.17 9.46
CA LYS A 52 17.13 1.34 9.24
C LYS A 52 16.71 2.51 10.14
N ILE A 53 15.45 2.57 10.53
CA ILE A 53 14.99 3.69 11.41
C ILE A 53 14.28 3.15 12.65
N HIS A 54 13.36 2.23 12.46
CA HIS A 54 12.63 1.66 13.64
C HIS A 54 13.32 0.38 14.14
N SER A 55 14.63 0.30 14.04
CA SER A 55 15.37 -0.91 14.51
C SER A 55 14.74 -2.18 13.91
N GLY A 56 15.06 -3.33 14.46
CA GLY A 56 14.49 -4.60 13.93
C GLY A 56 13.31 -5.03 14.81
N ASN A 57 12.11 -4.74 14.39
CA ASN A 57 10.90 -5.12 15.18
C ASN A 57 10.14 -6.23 14.46
N LEU A 58 10.03 -7.39 15.08
CA LEU A 58 9.30 -8.52 14.43
C LEU A 58 8.50 -9.28 15.50
N GLY A 59 9.12 -9.58 16.61
CA GLY A 59 8.39 -10.31 17.69
C GLY A 59 9.41 -10.85 18.71
N GLU A 60 9.02 -10.96 19.95
CA GLU A 60 9.96 -11.48 20.99
C GLU A 60 9.64 -12.94 21.28
ZN ZN B . 7.93 3.59 9.83
ZN ZN C . -6.50 2.56 -17.44
N ARG A 1 -13.90 -0.71 -24.49
CA ARG A 1 -12.53 -0.14 -24.31
C ARG A 1 -11.75 -0.99 -23.31
N SER A 2 -10.51 -0.63 -23.06
CA SER A 2 -9.68 -1.41 -22.09
C SER A 2 -9.63 -0.67 -20.75
N PHE A 3 -9.92 -1.36 -19.68
CA PHE A 3 -9.89 -0.70 -18.34
C PHE A 3 -8.47 -0.84 -17.76
N VAL A 4 -7.60 0.06 -18.10
CA VAL A 4 -6.20 0.00 -17.58
C VAL A 4 -6.10 0.88 -16.33
N CYS A 5 -5.43 0.40 -15.32
CA CYS A 5 -5.28 1.19 -14.06
C CYS A 5 -4.44 2.44 -14.34
N GLU A 6 -4.77 3.55 -13.72
CA GLU A 6 -4.00 4.80 -13.95
C GLU A 6 -2.86 4.93 -12.92
N VAL A 7 -2.44 3.84 -12.33
CA VAL A 7 -1.33 3.91 -11.33
C VAL A 7 -0.24 2.90 -11.70
N CYS A 8 -0.61 1.71 -12.08
CA CYS A 8 0.41 0.69 -12.46
C CYS A 8 0.39 0.45 -13.98
N THR A 9 -0.41 1.17 -14.72
CA THR A 9 -0.47 1.00 -16.21
C THR A 9 -0.63 -0.49 -16.58
N ARG A 10 -1.56 -1.17 -15.96
CA ARG A 10 -1.78 -2.61 -16.28
C ARG A 10 -2.80 -2.72 -17.41
N ALA A 11 -3.49 -3.84 -17.53
CA ALA A 11 -4.51 -3.96 -18.61
C ALA A 11 -5.63 -4.91 -18.17
N PHE A 12 -6.71 -4.36 -17.68
CA PHE A 12 -7.85 -5.21 -17.24
C PHE A 12 -8.94 -5.14 -18.32
N ALA A 13 -10.17 -5.47 -17.96
CA ALA A 13 -11.27 -5.42 -18.97
C ALA A 13 -12.63 -5.25 -18.26
N ARG A 14 -12.81 -5.88 -17.13
CA ARG A 14 -14.10 -5.76 -16.40
C ARG A 14 -14.01 -4.64 -15.36
N GLN A 15 -15.11 -3.98 -15.09
CA GLN A 15 -15.11 -2.88 -14.09
C GLN A 15 -14.89 -3.46 -12.69
N GLU A 16 -15.33 -4.67 -12.46
CA GLU A 16 -15.16 -5.29 -11.11
C GLU A 16 -13.71 -5.75 -10.94
N HIS A 17 -13.08 -6.17 -12.01
CA HIS A 17 -11.66 -6.63 -11.91
C HIS A 17 -10.78 -5.45 -11.50
N LEU A 18 -10.87 -4.36 -12.22
CA LEU A 18 -10.07 -3.15 -11.90
C LEU A 18 -10.56 -2.56 -10.56
N LYS A 19 -11.82 -2.76 -10.26
CA LYS A 19 -12.39 -2.24 -8.99
C LYS A 19 -11.61 -2.80 -7.80
N ARG A 20 -11.52 -4.10 -7.71
CA ARG A 20 -10.77 -4.74 -6.58
C ARG A 20 -9.29 -4.37 -6.68
N HIS A 21 -8.75 -4.39 -7.87
CA HIS A 21 -7.31 -4.05 -8.06
C HIS A 21 -7.06 -2.60 -7.60
N TYR A 22 -8.08 -1.79 -7.51
CA TYR A 22 -7.88 -0.37 -7.07
C TYR A 22 -8.12 -0.24 -5.56
N ARG A 23 -7.82 -1.27 -4.81
CA ARG A 23 -8.03 -1.21 -3.33
C ARG A 23 -6.70 -0.86 -2.66
N SER A 24 -5.60 -1.26 -3.23
CA SER A 24 -4.27 -0.94 -2.63
C SER A 24 -3.51 0.01 -3.55
N HIS A 25 -4.18 1.03 -4.05
CA HIS A 25 -3.51 2.01 -4.94
C HIS A 25 -3.62 3.42 -4.36
N THR A 26 -4.76 3.75 -3.79
CA THR A 26 -4.95 5.12 -3.21
C THR A 26 -4.90 5.05 -1.69
N ASN A 27 -3.80 5.47 -1.10
CA ASN A 27 -3.68 5.45 0.39
C ASN A 27 -3.89 4.03 0.93
N GLU A 28 -3.52 3.03 0.15
CA GLU A 28 -3.68 1.63 0.60
C GLU A 28 -2.57 0.77 -0.01
N LYS A 29 -1.90 -0.01 0.80
CA LYS A 29 -0.80 -0.88 0.28
C LYS A 29 -0.78 -2.21 1.04
N PRO A 30 -0.10 -3.20 0.51
CA PRO A 30 -0.01 -4.53 1.15
C PRO A 30 0.99 -4.53 2.31
N TYR A 31 1.89 -3.58 2.35
CA TYR A 31 2.89 -3.55 3.46
C TYR A 31 2.89 -2.16 4.12
N PRO A 32 1.85 -1.86 4.89
CA PRO A 32 1.74 -0.56 5.58
C PRO A 32 2.60 -0.58 6.85
N CYS A 33 3.44 0.41 7.03
CA CYS A 33 4.30 0.46 8.25
C CYS A 33 3.41 0.62 9.49
N GLY A 34 3.78 -0.01 10.57
CA GLY A 34 2.96 0.10 11.83
C GLY A 34 3.71 0.94 12.85
N LEU A 35 4.54 1.86 12.40
CA LEU A 35 5.30 2.72 13.36
C LEU A 35 5.24 4.18 12.89
N CYS A 36 5.43 4.42 11.62
CA CYS A 36 5.38 5.81 11.09
C CYS A 36 4.07 6.06 10.33
N ASN A 37 3.30 5.02 10.07
CA ASN A 37 2.01 5.17 9.32
C ASN A 37 2.29 5.43 7.84
N ARG A 38 3.37 4.90 7.34
CA ARG A 38 3.71 5.09 5.89
C ARG A 38 3.18 3.89 5.10
N ALA A 39 3.52 3.81 3.84
CA ALA A 39 3.03 2.65 3.01
C ALA A 39 4.14 2.19 2.06
N PHE A 40 4.29 0.89 1.91
CA PHE A 40 5.33 0.35 0.99
C PHE A 40 4.68 -0.60 -0.01
N THR A 41 5.41 -1.02 -1.01
CA THR A 41 4.83 -1.95 -2.03
C THR A 41 5.49 -3.33 -1.93
N ARG A 42 6.73 -3.37 -1.54
CA ARG A 42 7.46 -4.67 -1.42
C ARG A 42 7.60 -5.06 0.05
N ARG A 43 7.56 -6.34 0.34
CA ARG A 43 7.70 -6.80 1.75
C ARG A 43 9.11 -6.50 2.25
N ASP A 44 10.10 -6.77 1.44
CA ASP A 44 11.51 -6.49 1.84
C ASP A 44 11.69 -5.00 2.13
N LEU A 45 10.91 -4.17 1.46
CA LEU A 45 11.03 -2.70 1.69
C LEU A 45 10.62 -2.36 3.12
N LEU A 46 9.48 -2.86 3.55
CA LEU A 46 8.99 -2.58 4.93
C LEU A 46 10.03 -3.01 5.98
N ILE A 47 10.64 -4.15 5.78
CA ILE A 47 11.66 -4.64 6.78
C ILE A 47 12.83 -3.65 6.85
N ARG A 48 13.48 -3.40 5.74
CA ARG A 48 14.64 -2.45 5.73
C ARG A 48 14.19 -1.07 6.21
N HIS A 49 12.91 -0.79 6.15
CA HIS A 49 12.40 0.54 6.59
C HIS A 49 12.46 0.62 8.13
N ALA A 50 12.01 -0.41 8.79
CA ALA A 50 12.02 -0.39 10.29
C ALA A 50 13.42 -0.76 10.82
N GLN A 51 14.27 -1.29 9.98
CA GLN A 51 15.64 -1.68 10.45
C GLN A 51 16.62 -0.52 10.26
N LYS A 52 16.32 0.41 9.39
CA LYS A 52 17.24 1.56 9.15
C LYS A 52 16.73 2.82 9.84
N ILE A 53 15.42 2.95 9.96
CA ILE A 53 14.85 4.18 10.60
C ILE A 53 14.22 3.80 11.96
N HIS A 54 13.79 2.57 12.12
CA HIS A 54 13.17 2.16 13.41
C HIS A 54 14.05 1.12 14.11
N SER A 55 15.34 1.30 14.08
CA SER A 55 16.28 0.34 14.73
C SER A 55 16.21 -1.02 14.04
N GLY A 56 15.31 -1.89 14.46
CA GLY A 56 15.21 -3.24 13.81
C GLY A 56 15.64 -4.31 14.80
N ASN A 57 14.93 -5.42 14.83
CA ASN A 57 15.30 -6.51 15.78
C ASN A 57 16.24 -7.50 15.07
N LEU A 58 17.43 -7.07 14.77
CA LEU A 58 18.40 -7.97 14.07
C LEU A 58 19.79 -7.81 14.70
N GLY A 59 20.04 -8.48 15.81
CA GLY A 59 21.37 -8.37 16.48
C GLY A 59 21.56 -6.94 17.00
N GLU A 60 22.11 -6.81 18.18
CA GLU A 60 22.33 -5.45 18.77
C GLU A 60 21.00 -4.73 18.92
ZN ZN B . 8.07 3.31 9.59
ZN ZN C . -3.22 -0.54 -10.65
N ARG A 1 -22.66 -13.84 -16.35
CA ARG A 1 -21.78 -12.64 -16.45
C ARG A 1 -20.48 -12.89 -15.68
N SER A 2 -19.42 -13.22 -16.37
CA SER A 2 -18.12 -13.49 -15.68
C SER A 2 -17.30 -12.20 -15.63
N PHE A 3 -17.08 -11.66 -14.45
CA PHE A 3 -16.28 -10.42 -14.31
C PHE A 3 -14.81 -10.78 -14.13
N VAL A 4 -14.23 -11.42 -15.11
CA VAL A 4 -12.79 -11.82 -15.02
C VAL A 4 -11.93 -10.55 -14.87
N CYS A 5 -11.05 -10.55 -13.92
CA CYS A 5 -10.15 -9.36 -13.72
C CYS A 5 -9.27 -9.18 -14.95
N GLU A 6 -8.96 -7.96 -15.30
CA GLU A 6 -8.10 -7.71 -16.50
C GLU A 6 -6.63 -7.65 -16.08
N VAL A 7 -6.22 -8.44 -15.12
CA VAL A 7 -4.80 -8.42 -14.68
C VAL A 7 -4.29 -9.86 -14.52
N CYS A 8 -5.00 -10.66 -13.78
CA CYS A 8 -4.57 -12.07 -13.58
C CYS A 8 -5.58 -13.04 -14.23
N THR A 9 -6.42 -12.54 -15.11
CA THR A 9 -7.43 -13.43 -15.78
C THR A 9 -8.17 -14.30 -14.76
N ARG A 10 -8.70 -13.70 -13.72
CA ARG A 10 -9.43 -14.48 -12.68
C ARG A 10 -10.85 -14.77 -13.17
N ALA A 11 -11.74 -15.15 -12.28
CA ALA A 11 -13.14 -15.43 -12.71
C ALA A 11 -14.10 -15.13 -11.55
N PHE A 12 -14.78 -14.01 -11.61
CA PHE A 12 -15.74 -13.65 -10.53
C PHE A 12 -17.13 -13.51 -11.14
N ALA A 13 -18.09 -13.02 -10.39
CA ALA A 13 -19.47 -12.87 -10.92
C ALA A 13 -20.18 -11.69 -10.23
N ARG A 14 -19.44 -10.78 -9.63
CA ARG A 14 -20.08 -9.63 -8.94
C ARG A 14 -19.14 -8.42 -8.99
N GLN A 15 -19.69 -7.23 -9.05
CA GLN A 15 -18.84 -6.01 -9.10
C GLN A 15 -18.33 -5.70 -7.68
N GLU A 16 -19.17 -5.89 -6.69
CA GLU A 16 -18.74 -5.60 -5.30
C GLU A 16 -17.60 -6.54 -4.92
N HIS A 17 -17.66 -7.76 -5.37
CA HIS A 17 -16.58 -8.74 -5.05
C HIS A 17 -15.31 -8.38 -5.82
N LEU A 18 -15.45 -8.05 -7.08
CA LEU A 18 -14.26 -7.68 -7.89
C LEU A 18 -13.58 -6.44 -7.30
N LYS A 19 -14.33 -5.61 -6.61
CA LYS A 19 -13.74 -4.38 -6.00
C LYS A 19 -12.59 -4.75 -5.06
N ARG A 20 -12.74 -5.82 -4.32
CA ARG A 20 -11.65 -6.24 -3.37
C ARG A 20 -10.53 -6.95 -4.15
N HIS A 21 -10.88 -7.64 -5.20
CA HIS A 21 -9.85 -8.35 -6.01
C HIS A 21 -8.97 -7.32 -6.74
N TYR A 22 -9.47 -6.12 -6.94
CA TYR A 22 -8.69 -5.09 -7.66
C TYR A 22 -8.02 -4.16 -6.63
N ARG A 23 -7.55 -4.72 -5.54
CA ARG A 23 -6.89 -3.87 -4.50
C ARG A 23 -5.37 -4.09 -4.56
N SER A 24 -4.94 -5.26 -4.97
CA SER A 24 -3.48 -5.54 -5.05
C SER A 24 -3.00 -5.41 -6.50
N HIS A 25 -3.89 -5.58 -7.45
CA HIS A 25 -3.49 -5.47 -8.89
C HIS A 25 -2.93 -4.08 -9.17
N THR A 26 -3.64 -3.06 -8.75
CA THR A 26 -3.15 -1.66 -9.00
C THR A 26 -1.97 -1.37 -8.05
N ASN A 27 -1.86 -0.16 -7.54
CA ASN A 27 -0.72 0.16 -6.62
C ASN A 27 -1.26 0.82 -5.35
N GLU A 28 -1.61 0.03 -4.36
CA GLU A 28 -2.15 0.60 -3.10
C GLU A 28 -1.17 0.36 -1.94
N LYS A 29 -0.07 -0.32 -2.18
CA LYS A 29 0.92 -0.58 -1.09
C LYS A 29 0.25 -1.34 0.06
N PRO A 30 0.19 -2.67 -0.05
CA PRO A 30 -0.45 -3.51 0.99
C PRO A 30 0.49 -3.74 2.18
N TYR A 31 1.65 -3.12 2.21
CA TYR A 31 2.59 -3.32 3.36
C TYR A 31 2.95 -1.96 3.99
N PRO A 32 2.01 -1.38 4.72
CA PRO A 32 2.23 -0.09 5.39
C PRO A 32 3.07 -0.27 6.67
N CYS A 33 3.81 0.73 7.05
CA CYS A 33 4.65 0.62 8.29
C CYS A 33 3.74 0.68 9.51
N GLY A 34 4.01 -0.16 10.49
CA GLY A 34 3.17 -0.16 11.73
C GLY A 34 3.85 0.65 12.82
N LEU A 35 4.66 1.62 12.44
CA LEU A 35 5.36 2.46 13.46
C LEU A 35 5.11 3.93 13.14
N CYS A 36 5.23 4.30 11.89
CA CYS A 36 5.00 5.72 11.50
C CYS A 36 3.77 5.83 10.57
N ASN A 37 3.22 4.70 10.15
CA ASN A 37 2.03 4.71 9.25
C ASN A 37 2.46 5.13 7.84
N ARG A 38 3.12 4.24 7.13
CA ARG A 38 3.57 4.56 5.75
C ARG A 38 2.98 3.52 4.78
N ALA A 39 3.41 3.53 3.54
CA ALA A 39 2.86 2.55 2.56
C ALA A 39 3.99 2.05 1.64
N PHE A 40 4.12 0.74 1.52
CA PHE A 40 5.19 0.17 0.65
C PHE A 40 4.57 -0.91 -0.25
N THR A 41 5.31 -1.36 -1.24
CA THR A 41 4.77 -2.40 -2.17
C THR A 41 5.47 -3.74 -1.91
N ARG A 42 6.75 -3.70 -1.61
CA ARG A 42 7.49 -4.97 -1.36
C ARG A 42 7.56 -5.25 0.14
N ARG A 43 7.54 -6.49 0.53
CA ARG A 43 7.61 -6.84 1.98
C ARG A 43 9.01 -6.55 2.50
N ASP A 44 10.03 -6.84 1.72
CA ASP A 44 11.43 -6.57 2.16
C ASP A 44 11.61 -5.07 2.38
N LEU A 45 10.88 -4.26 1.65
CA LEU A 45 10.99 -2.78 1.82
C LEU A 45 10.53 -2.38 3.22
N LEU A 46 9.36 -2.84 3.60
CA LEU A 46 8.82 -2.50 4.96
C LEU A 46 9.84 -2.83 6.05
N ILE A 47 10.51 -3.95 5.93
CA ILE A 47 11.52 -4.33 6.95
C ILE A 47 12.72 -3.38 6.87
N ARG A 48 13.04 -2.93 5.69
CA ARG A 48 14.20 -2.00 5.53
C ARG A 48 13.86 -0.64 6.14
N HIS A 49 12.60 -0.32 6.24
CA HIS A 49 12.18 0.99 6.82
C HIS A 49 12.43 0.97 8.34
N ALA A 50 12.35 -0.17 8.97
CA ALA A 50 12.56 -0.24 10.44
C ALA A 50 14.05 -0.44 10.75
N GLN A 51 14.63 -1.50 10.25
CA GLN A 51 16.08 -1.79 10.51
C GLN A 51 16.94 -0.58 10.11
N LYS A 52 16.45 0.26 9.24
CA LYS A 52 17.24 1.45 8.80
C LYS A 52 16.84 2.69 9.60
N ILE A 53 15.62 2.74 10.08
CA ILE A 53 15.17 3.96 10.84
C ILE A 53 14.66 3.56 12.24
N HIS A 54 13.74 2.64 12.32
CA HIS A 54 13.21 2.23 13.66
C HIS A 54 14.20 1.31 14.37
N SER A 55 14.23 0.05 13.98
CA SER A 55 15.18 -0.91 14.63
C SER A 55 15.18 -2.22 13.86
N GLY A 56 16.00 -3.16 14.27
CA GLY A 56 16.06 -4.48 13.58
C GLY A 56 17.48 -5.06 13.69
N ASN A 57 18.48 -4.23 13.49
CA ASN A 57 19.88 -4.72 13.59
C ASN A 57 20.12 -5.84 12.56
N LEU A 58 20.24 -5.49 11.31
CA LEU A 58 20.47 -6.53 10.25
C LEU A 58 19.32 -7.54 10.26
N GLY A 59 19.28 -8.41 9.28
CA GLY A 59 18.20 -9.44 9.23
C GLY A 59 18.19 -10.09 7.83
N GLU A 60 17.19 -10.89 7.56
CA GLU A 60 17.11 -11.56 6.23
C GLU A 60 15.64 -11.83 5.89
ZN ZN B . 7.86 3.60 10.30
ZN ZN C . -7.16 -9.94 -11.33
N ARG A 1 -4.96 18.54 -23.88
CA ARG A 1 -5.07 17.58 -22.73
C ARG A 1 -3.93 17.80 -21.74
N SER A 2 -4.23 17.83 -20.46
CA SER A 2 -3.16 18.05 -19.44
C SER A 2 -3.09 16.84 -18.50
N PHE A 3 -2.48 17.00 -17.36
CA PHE A 3 -2.36 15.87 -16.39
C PHE A 3 -3.59 15.87 -15.48
N VAL A 4 -4.58 15.08 -15.80
CA VAL A 4 -5.82 15.04 -14.97
C VAL A 4 -5.86 13.70 -14.21
N CYS A 5 -6.30 13.74 -12.99
CA CYS A 5 -6.38 12.48 -12.17
C CYS A 5 -7.44 11.56 -12.77
N GLU A 6 -7.19 10.28 -12.78
CA GLU A 6 -8.18 9.32 -13.36
C GLU A 6 -9.15 8.83 -12.27
N VAL A 7 -9.35 9.60 -11.22
CA VAL A 7 -10.28 9.16 -10.15
C VAL A 7 -11.32 10.25 -9.89
N CYS A 8 -10.89 11.47 -9.71
CA CYS A 8 -11.85 12.58 -9.45
C CYS A 8 -11.88 13.55 -10.66
N THR A 9 -11.31 13.17 -11.78
CA THR A 9 -11.31 14.06 -12.99
C THR A 9 -10.83 15.47 -12.62
N ARG A 10 -9.73 15.58 -11.93
CA ARG A 10 -9.20 16.92 -11.55
C ARG A 10 -8.25 17.40 -12.63
N ALA A 11 -8.15 18.69 -12.83
CA ALA A 11 -7.23 19.21 -13.88
C ALA A 11 -5.99 19.84 -13.23
N PHE A 12 -4.86 19.17 -13.31
CA PHE A 12 -3.61 19.72 -12.71
C PHE A 12 -2.68 20.19 -13.82
N ALA A 13 -1.97 21.26 -13.61
CA ALA A 13 -1.03 21.76 -14.66
C ALA A 13 0.40 21.31 -14.36
N ARG A 14 0.57 20.33 -13.48
CA ARG A 14 1.95 19.85 -13.15
C ARG A 14 1.91 18.34 -12.92
N GLN A 15 2.78 17.61 -13.58
CA GLN A 15 2.79 16.12 -13.40
C GLN A 15 3.40 15.78 -12.03
N GLU A 16 4.26 16.62 -11.52
CA GLU A 16 4.88 16.35 -10.20
C GLU A 16 3.80 16.41 -9.11
N HIS A 17 2.93 17.38 -9.18
CA HIS A 17 1.85 17.50 -8.15
C HIS A 17 0.86 16.34 -8.32
N LEU A 18 0.55 15.97 -9.53
CA LEU A 18 -0.39 14.84 -9.76
C LEU A 18 0.21 13.54 -9.21
N LYS A 19 1.52 13.44 -9.21
CA LYS A 19 2.16 12.19 -8.69
C LYS A 19 1.76 11.96 -7.23
N ARG A 20 1.97 12.94 -6.38
CA ARG A 20 1.59 12.78 -4.96
C ARG A 20 0.07 12.68 -4.82
N HIS A 21 -0.65 13.31 -5.71
CA HIS A 21 -2.14 13.28 -5.66
C HIS A 21 -2.62 11.87 -6.04
N TYR A 22 -1.81 11.10 -6.73
CA TYR A 22 -2.24 9.72 -7.13
C TYR A 22 -1.66 8.70 -6.14
N ARG A 23 -1.46 9.10 -4.91
CA ARG A 23 -0.91 8.15 -3.90
C ARG A 23 -1.98 7.86 -2.85
N SER A 24 -2.83 8.81 -2.56
CA SER A 24 -3.91 8.59 -1.55
C SER A 24 -5.15 8.02 -2.24
N HIS A 25 -5.31 8.28 -3.51
CA HIS A 25 -6.51 7.76 -4.25
C HIS A 25 -6.51 6.23 -4.21
N THR A 26 -5.57 5.61 -4.89
CA THR A 26 -5.50 4.12 -4.90
C THR A 26 -5.30 3.59 -3.48
N ASN A 27 -4.42 4.19 -2.72
CA ASN A 27 -4.18 3.71 -1.33
C ASN A 27 -3.78 2.23 -1.33
N GLU A 28 -3.12 1.79 -2.37
CA GLU A 28 -2.70 0.38 -2.45
C GLU A 28 -1.63 0.10 -1.37
N LYS A 29 -0.49 -0.47 -1.69
CA LYS A 29 0.56 -0.75 -0.66
C LYS A 29 -0.02 -1.70 0.41
N PRO A 30 0.08 -3.00 0.19
CA PRO A 30 -0.44 -4.01 1.13
C PRO A 30 0.52 -4.20 2.33
N TYR A 31 1.62 -3.49 2.35
CA TYR A 31 2.57 -3.65 3.49
C TYR A 31 2.87 -2.27 4.11
N PRO A 32 1.91 -1.73 4.85
CA PRO A 32 2.07 -0.42 5.50
C PRO A 32 2.91 -0.56 6.78
N CYS A 33 3.54 0.51 7.19
CA CYS A 33 4.38 0.45 8.43
C CYS A 33 3.47 0.53 9.65
N GLY A 34 3.89 -0.06 10.75
CA GLY A 34 3.05 -0.02 11.99
C GLY A 34 3.74 0.82 13.07
N LEU A 35 4.56 1.75 12.66
CA LEU A 35 5.27 2.61 13.66
C LEU A 35 5.06 4.08 13.29
N CYS A 36 5.51 4.48 12.13
CA CYS A 36 5.34 5.90 11.69
C CYS A 36 4.19 6.01 10.67
N ASN A 37 3.64 4.90 10.25
CA ASN A 37 2.51 4.92 9.25
C ASN A 37 3.07 5.28 7.88
N ARG A 38 3.52 4.30 7.14
CA ARG A 38 4.07 4.56 5.78
C ARG A 38 3.42 3.61 4.78
N ALA A 39 3.88 3.60 3.56
CA ALA A 39 3.28 2.68 2.53
C ALA A 39 4.39 2.09 1.65
N PHE A 40 4.31 0.81 1.39
CA PHE A 40 5.35 0.16 0.53
C PHE A 40 4.68 -0.94 -0.32
N THR A 41 5.30 -1.29 -1.42
CA THR A 41 4.71 -2.34 -2.30
C THR A 41 5.41 -3.68 -2.05
N ARG A 42 6.69 -3.65 -1.77
CA ARG A 42 7.43 -4.92 -1.52
C ARG A 42 7.53 -5.16 0.00
N ARG A 43 7.39 -6.39 0.41
CA ARG A 43 7.48 -6.70 1.87
C ARG A 43 8.90 -6.45 2.36
N ASP A 44 9.88 -6.79 1.56
CA ASP A 44 11.30 -6.58 1.96
C ASP A 44 11.55 -5.08 2.16
N LEU A 45 10.84 -4.25 1.45
CA LEU A 45 11.03 -2.78 1.59
C LEU A 45 10.61 -2.33 3.00
N LEU A 46 9.43 -2.72 3.41
CA LEU A 46 8.94 -2.32 4.78
C LEU A 46 9.92 -2.79 5.85
N ILE A 47 10.55 -3.92 5.66
CA ILE A 47 11.52 -4.43 6.67
C ILE A 47 12.71 -3.46 6.76
N ARG A 48 13.34 -3.19 5.65
CA ARG A 48 14.52 -2.25 5.66
C ARG A 48 14.09 -0.89 6.22
N HIS A 49 12.84 -0.55 6.11
CA HIS A 49 12.36 0.75 6.64
C HIS A 49 12.46 0.74 8.18
N ALA A 50 11.93 -0.28 8.81
CA ALA A 50 11.99 -0.35 10.29
C ALA A 50 13.40 -0.74 10.78
N GLN A 51 14.25 -1.21 9.89
CA GLN A 51 15.63 -1.61 10.30
C GLN A 51 16.58 -0.42 10.19
N LYS A 52 16.25 0.58 9.41
CA LYS A 52 17.16 1.76 9.26
C LYS A 52 16.70 2.90 10.15
N ILE A 53 15.43 3.21 10.16
CA ILE A 53 14.93 4.33 11.01
C ILE A 53 14.41 3.79 12.35
N HIS A 54 13.62 2.75 12.32
CA HIS A 54 13.08 2.19 13.59
C HIS A 54 14.09 1.22 14.23
N SER A 55 15.12 0.84 13.52
CA SER A 55 16.14 -0.09 14.08
C SER A 55 15.49 -1.44 14.40
N GLY A 56 15.88 -2.48 13.71
CA GLY A 56 15.29 -3.82 13.95
C GLY A 56 15.86 -4.41 15.25
N ASN A 57 15.12 -5.29 15.88
CA ASN A 57 15.62 -5.90 17.15
C ASN A 57 14.84 -7.19 17.43
N LEU A 58 15.20 -7.91 18.45
CA LEU A 58 14.50 -9.18 18.78
C LEU A 58 13.83 -9.06 20.15
N GLY A 59 14.59 -8.69 21.15
CA GLY A 59 14.02 -8.54 22.53
C GLY A 59 14.58 -9.63 23.44
N GLU A 60 13.76 -10.57 23.84
CA GLU A 60 14.24 -11.66 24.74
C GLU A 60 15.28 -12.49 23.99
ZN ZN B . 7.98 3.27 9.78
ZN ZN C . -7.83 12.59 -8.07
N ARG A 1 -25.95 -0.01 -10.14
CA ARG A 1 -25.31 -0.79 -9.04
C ARG A 1 -24.12 -1.57 -9.61
N SER A 2 -22.93 -1.05 -9.45
CA SER A 2 -21.72 -1.75 -9.97
C SER A 2 -20.52 -1.43 -9.07
N PHE A 3 -19.36 -1.90 -9.44
CA PHE A 3 -18.15 -1.62 -8.62
C PHE A 3 -17.50 -0.32 -9.10
N VAL A 4 -18.10 0.79 -8.77
CA VAL A 4 -17.55 2.11 -9.20
C VAL A 4 -16.62 2.64 -8.10
N CYS A 5 -15.47 3.14 -8.47
CA CYS A 5 -14.51 3.67 -7.46
C CYS A 5 -15.09 4.96 -6.87
N GLU A 6 -14.80 5.22 -5.62
CA GLU A 6 -15.34 6.46 -4.96
C GLU A 6 -14.35 7.61 -5.12
N VAL A 7 -13.56 7.62 -6.17
CA VAL A 7 -12.58 8.73 -6.36
C VAL A 7 -12.64 9.22 -7.80
N CYS A 8 -12.61 8.32 -8.76
CA CYS A 8 -12.66 8.73 -10.19
C CYS A 8 -14.00 8.33 -10.82
N THR A 9 -14.96 7.89 -10.02
CA THR A 9 -16.30 7.49 -10.58
C THR A 9 -16.13 6.57 -11.79
N ARG A 10 -15.36 5.53 -11.64
CA ARG A 10 -15.15 4.57 -12.78
C ARG A 10 -16.23 3.49 -12.73
N ALA A 11 -16.03 2.40 -13.44
CA ALA A 11 -17.04 1.30 -13.43
C ALA A 11 -16.34 -0.04 -13.65
N PHE A 12 -16.46 -0.93 -12.70
CA PHE A 12 -15.81 -2.27 -12.85
C PHE A 12 -16.82 -3.36 -12.50
N ALA A 13 -16.56 -4.58 -12.90
CA ALA A 13 -17.50 -5.69 -12.59
C ALA A 13 -16.82 -6.68 -11.63
N ARG A 14 -15.51 -6.75 -11.65
CA ARG A 14 -14.80 -7.70 -10.74
C ARG A 14 -14.14 -6.91 -9.60
N GLN A 15 -14.31 -7.36 -8.39
CA GLN A 15 -13.71 -6.66 -7.23
C GLN A 15 -12.19 -6.90 -7.20
N GLU A 16 -11.75 -8.01 -7.74
CA GLU A 16 -10.29 -8.32 -7.74
C GLU A 16 -9.55 -7.26 -8.55
N HIS A 17 -10.16 -6.74 -9.58
CA HIS A 17 -9.49 -5.70 -10.42
C HIS A 17 -9.57 -4.34 -9.73
N LEU A 18 -10.70 -4.02 -9.16
CA LEU A 18 -10.86 -2.72 -8.47
C LEU A 18 -9.87 -2.63 -7.29
N LYS A 19 -9.48 -3.74 -6.73
CA LYS A 19 -8.53 -3.74 -5.58
C LYS A 19 -7.25 -3.01 -5.97
N ARG A 20 -6.62 -3.43 -7.04
CA ARG A 20 -5.36 -2.76 -7.48
C ARG A 20 -5.67 -1.34 -7.94
N HIS A 21 -6.83 -1.13 -8.51
CA HIS A 21 -7.22 0.23 -8.98
C HIS A 21 -7.33 1.17 -7.77
N TYR A 22 -7.55 0.64 -6.59
CA TYR A 22 -7.67 1.50 -5.38
C TYR A 22 -6.32 1.53 -4.63
N ARG A 23 -5.24 1.44 -5.37
CA ARG A 23 -3.89 1.47 -4.72
C ARG A 23 -3.28 2.86 -4.90
N SER A 24 -3.57 3.50 -6.01
CA SER A 24 -3.01 4.85 -6.26
C SER A 24 -4.00 5.93 -5.82
N HIS A 25 -5.28 5.59 -5.73
CA HIS A 25 -6.30 6.59 -5.30
C HIS A 25 -5.96 7.11 -3.90
N THR A 26 -5.98 6.24 -2.91
CA THR A 26 -5.67 6.68 -1.52
C THR A 26 -4.22 6.30 -1.15
N ASN A 27 -3.43 5.89 -2.11
CA ASN A 27 -2.01 5.50 -1.81
C ASN A 27 -1.98 4.39 -0.75
N GLU A 28 -2.90 3.47 -0.83
CA GLU A 28 -2.94 2.35 0.17
C GLU A 28 -2.11 1.18 -0.37
N LYS A 29 -1.06 0.81 0.34
CA LYS A 29 -0.21 -0.32 -0.12
C LYS A 29 -0.45 -1.55 0.78
N PRO A 30 -0.02 -2.71 0.33
CA PRO A 30 -0.20 -3.97 1.09
C PRO A 30 0.83 -4.09 2.24
N TYR A 31 1.84 -3.24 2.26
CA TYR A 31 2.86 -3.34 3.35
C TYR A 31 3.04 -1.97 4.03
N PRO A 32 2.05 -1.54 4.81
CA PRO A 32 2.12 -0.25 5.52
C PRO A 32 2.96 -0.40 6.79
N CYS A 33 3.65 0.64 7.18
CA CYS A 33 4.49 0.56 8.43
C CYS A 33 3.59 0.71 9.65
N GLY A 34 3.77 -0.13 10.64
CA GLY A 34 2.93 -0.05 11.86
C GLY A 34 3.68 0.72 12.96
N LEU A 35 4.55 1.63 12.56
CA LEU A 35 5.31 2.41 13.57
C LEU A 35 5.13 3.91 13.30
N CYS A 36 5.22 4.29 12.05
CA CYS A 36 5.06 5.73 11.68
C CYS A 36 3.93 5.90 10.64
N ASN A 37 3.35 4.82 10.20
CA ASN A 37 2.25 4.89 9.17
C ASN A 37 2.86 5.24 7.82
N ARG A 38 3.45 4.26 7.16
CA ARG A 38 4.07 4.51 5.84
C ARG A 38 3.45 3.56 4.81
N ALA A 39 4.00 3.52 3.61
CA ALA A 39 3.44 2.61 2.57
C ALA A 39 4.57 1.99 1.76
N PHE A 40 4.50 0.70 1.51
CA PHE A 40 5.56 0.01 0.72
C PHE A 40 4.91 -1.03 -0.20
N THR A 41 5.43 -1.19 -1.39
CA THR A 41 4.84 -2.18 -2.34
C THR A 41 5.43 -3.57 -2.08
N ARG A 42 6.67 -3.64 -1.66
CA ARG A 42 7.29 -4.97 -1.40
C ARG A 42 7.40 -5.20 0.11
N ARG A 43 7.27 -6.44 0.54
CA ARG A 43 7.37 -6.73 2.00
C ARG A 43 8.80 -6.49 2.48
N ASP A 44 9.77 -6.85 1.66
CA ASP A 44 11.20 -6.64 2.06
C ASP A 44 11.46 -5.14 2.24
N LEU A 45 10.75 -4.32 1.52
CA LEU A 45 10.94 -2.84 1.66
C LEU A 45 10.55 -2.39 3.06
N LEU A 46 9.38 -2.78 3.50
CA LEU A 46 8.90 -2.38 4.86
C LEU A 46 9.91 -2.84 5.92
N ILE A 47 10.50 -3.99 5.74
CA ILE A 47 11.50 -4.49 6.74
C ILE A 47 12.69 -3.54 6.77
N ARG A 48 13.16 -3.12 5.62
CA ARG A 48 14.32 -2.18 5.56
C ARG A 48 13.94 -0.86 6.23
N HIS A 49 12.68 -0.51 6.21
CA HIS A 49 12.22 0.76 6.85
C HIS A 49 12.41 0.66 8.37
N ALA A 50 12.04 -0.47 8.95
CA ALA A 50 12.20 -0.63 10.43
C ALA A 50 13.66 -0.88 10.79
N GLN A 51 14.48 -1.30 9.84
CA GLN A 51 15.91 -1.56 10.15
C GLN A 51 16.74 -0.28 9.99
N LYS A 52 16.25 0.67 9.24
CA LYS A 52 17.02 1.94 9.04
C LYS A 52 16.50 3.02 10.01
N ILE A 53 15.23 3.34 9.90
CA ILE A 53 14.65 4.38 10.79
C ILE A 53 14.42 3.80 12.18
N HIS A 54 13.58 2.80 12.29
CA HIS A 54 13.30 2.18 13.62
C HIS A 54 14.46 1.26 14.05
N SER A 55 15.45 1.08 13.20
CA SER A 55 16.60 0.21 13.55
C SER A 55 16.12 -1.23 13.79
N GLY A 56 16.99 -2.20 13.64
CA GLY A 56 16.59 -3.62 13.85
C GLY A 56 17.73 -4.37 14.53
N ASN A 57 17.98 -4.09 15.79
CA ASN A 57 19.07 -4.78 16.53
C ASN A 57 20.42 -4.50 15.84
N LEU A 58 21.50 -4.72 16.54
CA LEU A 58 22.85 -4.47 15.94
C LEU A 58 22.97 -2.99 15.53
N GLY A 59 22.26 -2.12 16.19
CA GLY A 59 22.32 -0.67 15.84
C GLY A 59 22.48 0.16 17.12
N GLU A 60 21.42 0.79 17.56
CA GLU A 60 21.49 1.61 18.80
C GLU A 60 21.81 0.72 19.98
ZN ZN B . 7.90 3.35 10.39
ZN ZN C . -11.13 4.86 -9.03
N ARG A 1 -24.20 -1.03 -16.37
CA ARG A 1 -22.95 -0.38 -15.83
C ARG A 1 -23.23 0.20 -14.45
N SER A 2 -23.99 -0.51 -13.64
CA SER A 2 -24.30 0.01 -12.27
C SER A 2 -23.01 0.12 -11.46
N PHE A 3 -23.11 0.12 -10.15
CA PHE A 3 -21.89 0.23 -9.31
C PHE A 3 -21.32 -1.17 -9.04
N VAL A 4 -20.73 -1.76 -10.04
CA VAL A 4 -20.15 -3.13 -9.88
C VAL A 4 -18.74 -3.01 -9.30
N CYS A 5 -18.42 -3.84 -8.33
CA CYS A 5 -17.06 -3.78 -7.72
C CYS A 5 -16.02 -4.12 -8.79
N GLU A 6 -14.86 -3.50 -8.72
CA GLU A 6 -13.80 -3.78 -9.74
C GLU A 6 -12.88 -4.91 -9.26
N VAL A 7 -13.36 -5.76 -8.39
CA VAL A 7 -12.51 -6.88 -7.89
C VAL A 7 -13.29 -8.19 -7.94
N CYS A 8 -14.52 -8.18 -7.51
CA CYS A 8 -15.34 -9.42 -7.54
C CYS A 8 -16.50 -9.30 -8.55
N THR A 9 -16.50 -8.26 -9.36
CA THR A 9 -17.59 -8.07 -10.37
C THR A 9 -18.97 -8.23 -9.70
N ARG A 10 -19.20 -7.52 -8.62
CA ARG A 10 -20.51 -7.63 -7.91
C ARG A 10 -21.52 -6.69 -8.58
N ALA A 11 -22.61 -6.40 -7.91
CA ALA A 11 -23.64 -5.50 -8.51
C ALA A 11 -24.37 -4.74 -7.40
N PHE A 12 -23.95 -3.53 -7.13
CA PHE A 12 -24.61 -2.73 -6.05
C PHE A 12 -25.38 -1.58 -6.69
N ALA A 13 -26.61 -1.37 -6.29
CA ALA A 13 -27.42 -0.25 -6.87
C ALA A 13 -27.04 1.07 -6.18
N ARG A 14 -26.54 1.01 -4.97
CA ARG A 14 -26.15 2.26 -4.27
C ARG A 14 -24.63 2.29 -4.07
N GLN A 15 -24.04 3.46 -4.12
CA GLN A 15 -22.57 3.58 -3.94
C GLN A 15 -22.23 3.67 -2.45
N GLU A 16 -23.16 4.06 -1.63
CA GLU A 16 -22.88 4.17 -0.16
C GLU A 16 -22.54 2.80 0.41
N HIS A 17 -23.36 1.81 0.12
CA HIS A 17 -23.10 0.44 0.64
C HIS A 17 -21.84 -0.14 -0.01
N LEU A 18 -21.62 0.18 -1.27
CA LEU A 18 -20.42 -0.34 -1.98
C LEU A 18 -19.15 0.26 -1.38
N LYS A 19 -19.26 1.42 -0.79
CA LYS A 19 -18.04 2.07 -0.19
C LYS A 19 -17.45 1.17 0.90
N ARG A 20 -18.27 0.71 1.81
CA ARG A 20 -17.75 -0.17 2.90
C ARG A 20 -17.27 -1.49 2.31
N HIS A 21 -17.94 -1.95 1.27
CA HIS A 21 -17.54 -3.24 0.63
C HIS A 21 -16.20 -3.03 -0.12
N TYR A 22 -15.85 -1.81 -0.43
CA TYR A 22 -14.57 -1.56 -1.16
C TYR A 22 -13.47 -1.18 -0.16
N ARG A 23 -13.52 -1.72 1.03
CA ARG A 23 -12.48 -1.39 2.05
C ARG A 23 -11.50 -2.56 2.18
N SER A 24 -11.96 -3.75 1.92
CA SER A 24 -11.06 -4.94 2.02
C SER A 24 -10.55 -5.33 0.62
N HIS A 25 -11.25 -4.94 -0.42
CA HIS A 25 -10.81 -5.29 -1.80
C HIS A 25 -9.43 -4.68 -2.06
N THR A 26 -9.34 -3.38 -2.10
CA THR A 26 -8.02 -2.72 -2.35
C THR A 26 -7.55 -2.00 -1.09
N ASN A 27 -6.58 -2.55 -0.42
CA ASN A 27 -6.05 -1.90 0.82
C ASN A 27 -4.81 -1.07 0.49
N GLU A 28 -4.86 -0.35 -0.61
CA GLU A 28 -3.71 0.50 -1.02
C GLU A 28 -2.43 -0.36 -1.17
N LYS A 29 -1.67 -0.53 -0.10
CA LYS A 29 -0.43 -1.36 -0.20
C LYS A 29 -0.60 -2.64 0.63
N PRO A 30 0.07 -3.71 0.24
CA PRO A 30 -0.02 -5.00 0.97
C PRO A 30 0.86 -4.98 2.22
N TYR A 31 1.86 -4.14 2.26
CA TYR A 31 2.76 -4.09 3.45
C TYR A 31 2.85 -2.65 3.98
N PRO A 32 1.79 -2.19 4.62
CA PRO A 32 1.75 -0.83 5.19
C PRO A 32 2.54 -0.77 6.50
N CYS A 33 3.35 0.25 6.68
CA CYS A 33 4.15 0.37 7.94
C CYS A 33 3.21 0.54 9.13
N GLY A 34 3.66 0.23 10.31
CA GLY A 34 2.79 0.37 11.52
C GLY A 34 3.54 1.11 12.63
N LEU A 35 4.52 1.91 12.28
CA LEU A 35 5.30 2.66 13.31
C LEU A 35 5.28 4.15 12.98
N CYS A 36 5.48 4.48 11.73
CA CYS A 36 5.48 5.92 11.32
C CYS A 36 4.23 6.24 10.48
N ASN A 37 3.41 5.26 10.20
CA ASN A 37 2.16 5.48 9.40
C ASN A 37 2.52 5.65 7.92
N ARG A 38 3.56 4.99 7.48
CA ARG A 38 3.97 5.08 6.05
C ARG A 38 3.35 3.90 5.28
N ALA A 39 3.72 3.74 4.03
CA ALA A 39 3.15 2.60 3.24
C ALA A 39 4.17 2.13 2.19
N PHE A 40 4.36 0.84 2.07
CA PHE A 40 5.32 0.31 1.06
C PHE A 40 4.63 -0.76 0.23
N THR A 41 5.05 -0.95 -1.00
CA THR A 41 4.41 -1.98 -1.87
C THR A 41 5.19 -3.29 -1.77
N ARG A 42 6.45 -3.24 -1.47
CA ARG A 42 7.26 -4.49 -1.37
C ARG A 42 7.41 -4.89 0.10
N ARG A 43 7.47 -6.16 0.38
CA ARG A 43 7.61 -6.62 1.78
C ARG A 43 9.05 -6.37 2.26
N ASP A 44 10.01 -6.64 1.41
CA ASP A 44 11.44 -6.42 1.80
C ASP A 44 11.66 -4.93 2.08
N LEU A 45 10.90 -4.08 1.43
CA LEU A 45 11.06 -2.61 1.65
C LEU A 45 10.64 -2.25 3.08
N LEU A 46 9.49 -2.72 3.49
CA LEU A 46 8.99 -2.42 4.87
C LEU A 46 10.00 -2.85 5.92
N ILE A 47 10.59 -4.01 5.77
CA ILE A 47 11.59 -4.49 6.78
C ILE A 47 12.79 -3.53 6.81
N ARG A 48 13.44 -3.32 5.69
CA ARG A 48 14.61 -2.40 5.64
C ARG A 48 14.22 -1.01 6.16
N HIS A 49 12.95 -0.68 6.13
CA HIS A 49 12.49 0.65 6.61
C HIS A 49 12.50 0.68 8.15
N ALA A 50 12.12 -0.40 8.78
CA ALA A 50 12.08 -0.42 10.28
C ALA A 50 13.45 -0.82 10.87
N GLN A 51 14.33 -1.36 10.06
CA GLN A 51 15.68 -1.77 10.59
C GLN A 51 16.67 -0.62 10.44
N LYS A 52 16.44 0.26 9.49
CA LYS A 52 17.38 1.40 9.27
C LYS A 52 16.94 2.61 10.11
N ILE A 53 15.68 2.96 10.03
CA ILE A 53 15.18 4.14 10.81
C ILE A 53 14.62 3.68 12.16
N HIS A 54 13.64 2.82 12.15
CA HIS A 54 13.05 2.33 13.43
C HIS A 54 14.02 1.41 14.18
N SER A 55 15.12 1.01 13.54
CA SER A 55 16.15 0.11 14.17
C SER A 55 15.74 -1.37 14.02
N GLY A 56 14.50 -1.71 14.31
CA GLY A 56 14.07 -3.13 14.17
C GLY A 56 14.37 -3.89 15.46
N ASN A 57 14.37 -3.21 16.58
CA ASN A 57 14.65 -3.88 17.88
C ASN A 57 13.94 -3.13 19.00
N LEU A 58 14.28 -3.42 20.24
CA LEU A 58 13.62 -2.73 21.40
C LEU A 58 13.76 -1.21 21.26
N GLY A 59 12.67 -0.50 21.39
CA GLY A 59 12.70 0.99 21.26
C GLY A 59 11.29 1.54 21.17
N GLU A 60 10.39 0.80 20.57
CA GLU A 60 8.98 1.28 20.44
C GLU A 60 8.37 1.46 21.84
ZN ZN B . 7.89 3.22 9.57
ZN ZN C . -16.42 -6.33 -4.48
N ARG A 1 -25.66 -11.41 -2.46
CA ARG A 1 -24.60 -11.22 -3.49
C ARG A 1 -24.50 -9.73 -3.83
N SER A 2 -24.70 -8.87 -2.86
CA SER A 2 -24.62 -7.41 -3.13
C SER A 2 -23.16 -6.95 -3.02
N PHE A 3 -22.79 -5.95 -3.78
CA PHE A 3 -21.37 -5.45 -3.72
C PHE A 3 -21.27 -4.36 -2.66
N VAL A 4 -21.17 -4.73 -1.42
CA VAL A 4 -21.05 -3.72 -0.32
C VAL A 4 -19.58 -3.48 -0.01
N CYS A 5 -19.22 -2.24 0.21
CA CYS A 5 -17.81 -1.91 0.53
C CYS A 5 -17.47 -2.45 1.92
N GLU A 6 -16.28 -2.96 2.11
CA GLU A 6 -15.89 -3.51 3.44
C GLU A 6 -15.23 -2.43 4.30
N VAL A 7 -15.53 -1.18 4.04
CA VAL A 7 -14.92 -0.09 4.85
C VAL A 7 -16.02 0.80 5.44
N CYS A 8 -16.96 1.22 4.63
CA CYS A 8 -18.06 2.09 5.14
C CYS A 8 -19.40 1.34 5.07
N THR A 9 -19.38 0.04 4.85
CA THR A 9 -20.64 -0.75 4.78
C THR A 9 -21.66 -0.08 3.83
N ARG A 10 -21.24 0.26 2.64
CA ARG A 10 -22.17 0.90 1.67
C ARG A 10 -22.83 -0.18 0.82
N ALA A 11 -23.96 0.10 0.23
CA ALA A 11 -24.64 -0.93 -0.60
C ALA A 11 -24.63 -0.52 -2.07
N PHE A 12 -23.69 -1.02 -2.83
CA PHE A 12 -23.61 -0.68 -4.28
C PHE A 12 -24.03 -1.89 -5.10
N ALA A 13 -24.97 -1.72 -6.00
CA ALA A 13 -25.42 -2.87 -6.85
C ALA A 13 -24.66 -2.88 -8.17
N ARG A 14 -23.53 -2.21 -8.24
CA ARG A 14 -22.75 -2.18 -9.51
C ARG A 14 -21.25 -2.26 -9.18
N GLN A 15 -20.57 -3.23 -9.72
CA GLN A 15 -19.10 -3.37 -9.45
C GLN A 15 -18.34 -2.21 -10.10
N GLU A 16 -18.87 -1.67 -11.17
CA GLU A 16 -18.18 -0.54 -11.86
C GLU A 16 -18.11 0.67 -10.94
N HIS A 17 -19.14 0.88 -10.14
CA HIS A 17 -19.14 2.05 -9.21
C HIS A 17 -18.28 1.73 -7.98
N LEU A 18 -18.31 0.50 -7.53
CA LEU A 18 -17.50 0.12 -6.35
C LEU A 18 -16.00 0.16 -6.68
N LYS A 19 -15.66 0.06 -7.94
CA LYS A 19 -14.22 0.08 -8.34
C LYS A 19 -13.58 1.41 -7.92
N ARG A 20 -14.29 2.51 -8.08
CA ARG A 20 -13.72 3.83 -7.70
C ARG A 20 -14.02 4.12 -6.23
N HIS A 21 -15.16 3.67 -5.74
CA HIS A 21 -15.52 3.92 -4.32
C HIS A 21 -14.50 3.21 -3.40
N TYR A 22 -13.85 2.19 -3.89
CA TYR A 22 -12.86 1.47 -3.05
C TYR A 22 -11.53 2.23 -3.07
N ARG A 23 -11.24 2.94 -4.14
CA ARG A 23 -9.97 3.71 -4.22
C ARG A 23 -9.91 4.73 -3.08
N SER A 24 -11.04 5.16 -2.58
CA SER A 24 -11.04 6.17 -1.47
C SER A 24 -11.20 5.45 -0.13
N HIS A 25 -10.62 4.29 0.01
CA HIS A 25 -10.71 3.53 1.29
C HIS A 25 -9.35 2.96 1.66
N THR A 26 -8.91 1.95 0.95
CA THR A 26 -7.59 1.33 1.26
C THR A 26 -6.59 1.70 0.15
N ASN A 27 -6.44 2.97 -0.12
CA ASN A 27 -5.49 3.41 -1.20
C ASN A 27 -4.05 3.21 -0.72
N GLU A 28 -3.82 3.18 0.57
CA GLU A 28 -2.44 3.01 1.09
C GLU A 28 -1.85 1.68 0.59
N LYS A 29 -0.55 1.52 0.66
CA LYS A 29 0.09 0.26 0.20
C LYS A 29 -0.42 -0.92 1.04
N PRO A 30 -0.22 -2.13 0.55
CA PRO A 30 -0.67 -3.34 1.29
C PRO A 30 0.29 -3.67 2.44
N TYR A 31 1.44 -3.05 2.50
CA TYR A 31 2.41 -3.34 3.60
C TYR A 31 2.86 -2.01 4.25
N PRO A 32 1.95 -1.35 4.95
CA PRO A 32 2.26 -0.07 5.61
C PRO A 32 3.04 -0.29 6.91
N CYS A 33 3.90 0.64 7.26
CA CYS A 33 4.70 0.50 8.50
C CYS A 33 3.76 0.51 9.72
N GLY A 34 4.08 -0.27 10.73
CA GLY A 34 3.21 -0.29 11.95
C GLY A 34 3.80 0.61 13.03
N LEU A 35 4.57 1.59 12.65
CA LEU A 35 5.18 2.51 13.65
C LEU A 35 4.89 3.96 13.25
N CYS A 36 5.07 4.27 11.99
CA CYS A 36 4.82 5.66 11.52
C CYS A 36 3.68 5.67 10.48
N ASN A 37 3.24 4.52 10.04
CA ASN A 37 2.15 4.45 9.01
C ASN A 37 2.68 4.89 7.65
N ARG A 38 3.52 4.08 7.05
CA ARG A 38 4.09 4.43 5.72
C ARG A 38 3.46 3.53 4.65
N ALA A 39 3.96 3.57 3.44
CA ALA A 39 3.38 2.72 2.36
C ALA A 39 4.51 2.03 1.57
N PHE A 40 4.47 0.73 1.46
CA PHE A 40 5.52 -0.01 0.70
C PHE A 40 4.86 -1.11 -0.13
N THR A 41 5.31 -1.29 -1.34
CA THR A 41 4.72 -2.35 -2.22
C THR A 41 5.45 -3.67 -2.01
N ARG A 42 6.70 -3.62 -1.65
CA ARG A 42 7.48 -4.88 -1.44
C ARG A 42 7.55 -5.20 0.06
N ARG A 43 7.54 -6.47 0.39
CA ARG A 43 7.61 -6.86 1.82
C ARG A 43 9.02 -6.57 2.36
N ASP A 44 10.03 -6.88 1.58
CA ASP A 44 11.42 -6.63 2.03
C ASP A 44 11.63 -5.12 2.23
N LEU A 45 10.91 -4.31 1.49
CA LEU A 45 11.05 -2.84 1.63
C LEU A 45 10.63 -2.41 3.04
N LEU A 46 9.48 -2.83 3.48
CA LEU A 46 8.99 -2.46 4.84
C LEU A 46 10.00 -2.91 5.90
N ILE A 47 10.63 -4.04 5.70
CA ILE A 47 11.62 -4.53 6.71
C ILE A 47 12.83 -3.59 6.73
N ARG A 48 13.21 -3.07 5.58
CA ARG A 48 14.38 -2.14 5.53
C ARG A 48 13.97 -0.77 6.08
N HIS A 49 12.69 -0.47 6.10
CA HIS A 49 12.23 0.85 6.62
C HIS A 49 12.38 0.90 8.15
N ALA A 50 11.95 -0.13 8.84
CA ALA A 50 12.06 -0.13 10.33
C ALA A 50 13.50 -0.44 10.75
N GLN A 51 14.17 -1.32 10.05
CA GLN A 51 15.57 -1.68 10.41
C GLN A 51 16.53 -0.51 10.10
N LYS A 52 16.11 0.44 9.30
CA LYS A 52 17.02 1.58 8.94
C LYS A 52 16.73 2.78 9.85
N ILE A 53 15.48 3.09 10.08
CA ILE A 53 15.14 4.26 10.94
C ILE A 53 14.67 3.79 12.31
N HIS A 54 13.71 2.91 12.36
CA HIS A 54 13.20 2.41 13.67
C HIS A 54 14.24 1.52 14.36
N SER A 55 15.32 1.16 13.68
CA SER A 55 16.37 0.29 14.30
C SER A 55 15.74 -0.94 14.98
N GLY A 56 14.65 -1.44 14.43
CA GLY A 56 13.98 -2.63 15.03
C GLY A 56 12.81 -2.16 15.90
N ASN A 57 13.06 -1.88 17.15
CA ASN A 57 11.95 -1.42 18.06
C ASN A 57 11.44 -0.05 17.59
N LEU A 58 10.54 0.53 18.32
CA LEU A 58 9.99 1.86 17.94
C LEU A 58 10.38 2.90 18.97
N GLY A 59 11.55 2.76 19.56
CA GLY A 59 12.01 3.74 20.58
C GLY A 59 12.88 3.03 21.62
N GLU A 60 13.82 2.25 21.17
CA GLU A 60 14.72 1.52 22.10
C GLU A 60 16.11 1.38 21.49
ZN ZN B . 8.04 3.40 9.94
ZN ZN C . -16.82 2.09 1.08
N ARG A 1 -19.67 14.49 -19.61
CA ARG A 1 -18.22 14.17 -19.68
C ARG A 1 -18.02 12.67 -19.45
N SER A 2 -16.81 12.25 -19.12
CA SER A 2 -16.57 10.80 -18.89
C SER A 2 -16.03 10.60 -17.47
N PHE A 3 -15.97 9.36 -17.04
CA PHE A 3 -15.46 9.08 -15.66
C PHE A 3 -13.94 8.88 -15.73
N VAL A 4 -13.21 9.96 -15.66
CA VAL A 4 -11.72 9.87 -15.71
C VAL A 4 -11.17 9.91 -14.28
N CYS A 5 -10.25 9.03 -13.97
CA CYS A 5 -9.66 8.99 -12.60
C CYS A 5 -8.94 10.32 -12.33
N GLU A 6 -9.01 10.80 -11.11
CA GLU A 6 -8.34 12.09 -10.77
C GLU A 6 -6.93 11.83 -10.25
N VAL A 7 -6.32 10.72 -10.62
CA VAL A 7 -4.94 10.43 -10.13
C VAL A 7 -4.04 10.09 -11.33
N CYS A 8 -4.51 9.25 -12.22
CA CYS A 8 -3.69 8.89 -13.41
C CYS A 8 -4.33 9.42 -14.69
N THR A 9 -5.32 10.28 -14.57
CA THR A 9 -6.00 10.86 -15.80
C THR A 9 -6.38 9.73 -16.77
N ARG A 10 -7.04 8.72 -16.28
CA ARG A 10 -7.46 7.58 -17.16
C ARG A 10 -8.75 7.94 -17.89
N ALA A 11 -9.45 6.97 -18.41
CA ALA A 11 -10.73 7.27 -19.13
C ALA A 11 -11.68 6.08 -19.00
N PHE A 12 -12.83 6.30 -18.41
CA PHE A 12 -13.83 5.20 -18.25
C PHE A 12 -15.19 5.67 -18.77
N ALA A 13 -16.19 4.85 -18.66
CA ALA A 13 -17.55 5.24 -19.15
C ALA A 13 -18.55 5.24 -17.99
N ARG A 14 -18.41 4.32 -17.07
CA ARG A 14 -19.34 4.26 -15.93
C ARG A 14 -18.56 4.36 -14.61
N GLN A 15 -19.20 4.82 -13.57
CA GLN A 15 -18.50 4.95 -12.26
C GLN A 15 -18.34 3.57 -11.60
N GLU A 16 -19.12 2.61 -12.01
CA GLU A 16 -19.01 1.25 -11.41
C GLU A 16 -17.63 0.66 -11.71
N HIS A 17 -17.22 0.71 -12.96
CA HIS A 17 -15.88 0.15 -13.32
C HIS A 17 -14.78 1.01 -12.71
N LEU A 18 -14.99 2.31 -12.62
CA LEU A 18 -13.97 3.20 -12.04
C LEU A 18 -13.79 2.88 -10.54
N LYS A 19 -14.81 2.37 -9.90
CA LYS A 19 -14.70 2.04 -8.45
C LYS A 19 -13.56 1.04 -8.23
N ARG A 20 -13.40 0.09 -9.13
CA ARG A 20 -12.31 -0.91 -8.98
C ARG A 20 -10.98 -0.27 -9.41
N HIS A 21 -11.03 0.66 -10.31
CA HIS A 21 -9.78 1.33 -10.78
C HIS A 21 -9.25 2.26 -9.68
N TYR A 22 -10.08 2.65 -8.74
CA TYR A 22 -9.62 3.56 -7.65
C TYR A 22 -9.21 2.73 -6.42
N ARG A 23 -8.88 1.48 -6.61
CA ARG A 23 -8.45 0.63 -5.45
C ARG A 23 -6.93 0.41 -5.47
N SER A 24 -6.22 1.18 -6.27
CA SER A 24 -4.74 1.01 -6.33
C SER A 24 -4.08 2.38 -6.50
N HIS A 25 -4.70 3.41 -5.99
CA HIS A 25 -4.12 4.78 -6.10
C HIS A 25 -3.88 5.34 -4.70
N THR A 26 -4.84 5.23 -3.84
CA THR A 26 -4.67 5.74 -2.44
C THR A 26 -4.28 4.60 -1.51
N ASN A 27 -4.67 3.39 -1.83
CA ASN A 27 -4.32 2.22 -0.98
C ASN A 27 -3.66 1.14 -1.84
N GLU A 28 -2.61 1.51 -2.53
CA GLU A 28 -1.90 0.53 -3.40
C GLU A 28 -0.85 -0.23 -2.58
N LYS A 29 0.00 0.49 -1.89
CA LYS A 29 1.06 -0.16 -1.05
C LYS A 29 0.40 -1.14 -0.05
N PRO A 30 0.59 -2.46 -0.26
CA PRO A 30 -0.01 -3.47 0.63
C PRO A 30 0.87 -3.71 1.88
N TYR A 31 1.86 -2.90 2.11
CA TYR A 31 2.74 -3.10 3.31
C TYR A 31 2.80 -1.80 4.13
N PRO A 32 1.75 -1.52 4.88
CA PRO A 32 1.69 -0.31 5.73
C PRO A 32 2.55 -0.48 6.98
N CYS A 33 3.51 0.40 7.17
CA CYS A 33 4.39 0.30 8.38
C CYS A 33 3.54 0.45 9.65
N GLY A 34 3.83 -0.32 10.66
CA GLY A 34 3.04 -0.23 11.93
C GLY A 34 3.80 0.64 12.94
N LEU A 35 4.57 1.58 12.46
CA LEU A 35 5.34 2.47 13.39
C LEU A 35 5.22 3.92 12.91
N CYS A 36 5.40 4.14 11.64
CA CYS A 36 5.31 5.53 11.09
C CYS A 36 3.97 5.73 10.35
N ASN A 37 3.25 4.67 10.10
CA ASN A 37 1.94 4.79 9.36
C ASN A 37 2.20 5.09 7.90
N ARG A 38 3.24 4.53 7.34
CA ARG A 38 3.57 4.77 5.90
C ARG A 38 3.11 3.55 5.08
N ALA A 39 3.52 3.45 3.84
CA ALA A 39 3.10 2.29 3.01
C ALA A 39 4.21 1.94 2.01
N PHE A 40 4.36 0.67 1.71
CA PHE A 40 5.42 0.25 0.74
C PHE A 40 4.82 -0.72 -0.28
N THR A 41 5.59 -1.12 -1.26
CA THR A 41 5.06 -2.06 -2.30
C THR A 41 5.48 -3.50 -1.97
N ARG A 42 6.73 -3.71 -1.64
CA ARG A 42 7.19 -5.10 -1.32
C ARG A 42 7.29 -5.26 0.20
N ARG A 43 7.28 -6.49 0.66
CA ARG A 43 7.38 -6.75 2.13
C ARG A 43 8.82 -6.53 2.58
N ASP A 44 9.77 -6.94 1.78
CA ASP A 44 11.21 -6.76 2.15
C ASP A 44 11.51 -5.26 2.30
N LEU A 45 10.84 -4.44 1.54
CA LEU A 45 11.06 -2.96 1.63
C LEU A 45 10.68 -2.47 3.03
N LEU A 46 9.50 -2.83 3.48
CA LEU A 46 9.03 -2.38 4.83
C LEU A 46 10.02 -2.83 5.91
N ILE A 47 10.60 -4.00 5.75
CA ILE A 47 11.57 -4.49 6.78
C ILE A 47 12.78 -3.56 6.81
N ARG A 48 13.33 -3.24 5.67
CA ARG A 48 14.51 -2.34 5.63
C ARG A 48 14.13 -0.96 6.19
N HIS A 49 12.87 -0.59 6.10
CA HIS A 49 12.43 0.72 6.63
C HIS A 49 12.55 0.72 8.16
N ALA A 50 12.02 -0.29 8.80
CA ALA A 50 12.09 -0.34 10.30
C ALA A 50 13.51 -0.67 10.77
N GLN A 51 14.32 -1.25 9.93
CA GLN A 51 15.71 -1.58 10.37
C GLN A 51 16.67 -0.41 10.09
N LYS A 52 16.26 0.53 9.26
CA LYS A 52 17.16 1.69 8.95
C LYS A 52 16.83 2.87 9.88
N ILE A 53 15.57 3.22 9.99
CA ILE A 53 15.18 4.35 10.86
C ILE A 53 14.81 3.85 12.26
N HIS A 54 13.75 3.07 12.36
CA HIS A 54 13.34 2.54 13.70
C HIS A 54 14.48 1.71 14.31
N SER A 55 15.33 1.16 13.48
CA SER A 55 16.49 0.35 13.99
C SER A 55 16.01 -0.97 14.64
N GLY A 56 14.75 -1.30 14.53
CA GLY A 56 14.26 -2.57 15.14
C GLY A 56 13.39 -2.25 16.36
N ASN A 57 14.01 -1.99 17.48
CA ASN A 57 13.23 -1.66 18.71
C ASN A 57 13.87 -0.46 19.41
N LEU A 58 13.28 0.00 20.48
CA LEU A 58 13.84 1.17 21.23
C LEU A 58 13.87 2.41 20.30
N GLY A 59 14.93 2.62 19.57
CA GLY A 59 14.99 3.81 18.67
C GLY A 59 15.79 4.93 19.35
N GLU A 60 16.09 5.98 18.62
CA GLU A 60 16.86 7.11 19.21
C GLU A 60 16.48 8.42 18.50
ZN ZN B . 7.92 3.18 9.99
ZN ZN C . -6.59 6.10 -11.73
N ARG A 1 -15.69 -10.27 -16.85
CA ARG A 1 -14.89 -9.97 -15.61
C ARG A 1 -13.63 -9.15 -15.95
N SER A 2 -13.80 -8.00 -16.57
CA SER A 2 -12.62 -7.16 -16.94
C SER A 2 -12.10 -6.45 -15.70
N PHE A 3 -11.12 -5.59 -15.88
CA PHE A 3 -10.55 -4.85 -14.73
C PHE A 3 -11.34 -3.56 -14.56
N VAL A 4 -11.50 -3.10 -13.35
CA VAL A 4 -12.29 -1.86 -13.10
C VAL A 4 -11.92 -1.29 -11.73
N CYS A 5 -11.64 -0.01 -11.68
CA CYS A 5 -11.26 0.64 -10.40
C CYS A 5 -12.44 0.55 -9.41
N GLU A 6 -12.16 0.31 -8.16
CA GLU A 6 -13.26 0.21 -7.15
C GLU A 6 -13.52 1.59 -6.51
N VAL A 7 -13.12 2.66 -7.17
CA VAL A 7 -13.35 4.02 -6.59
C VAL A 7 -14.17 4.85 -7.58
N CYS A 8 -13.84 4.78 -8.85
CA CYS A 8 -14.60 5.57 -9.87
C CYS A 8 -15.35 4.62 -10.81
N THR A 9 -15.38 3.33 -10.52
CA THR A 9 -16.11 2.36 -11.40
C THR A 9 -15.71 2.54 -12.87
N ARG A 10 -14.42 2.58 -13.14
CA ARG A 10 -13.96 2.75 -14.55
C ARG A 10 -13.82 1.38 -15.22
N ALA A 11 -13.10 1.32 -16.31
CA ALA A 11 -12.91 0.01 -17.01
C ALA A 11 -11.57 -0.01 -17.73
N PHE A 12 -10.94 -1.16 -17.80
CA PHE A 12 -9.63 -1.27 -18.49
C PHE A 12 -9.48 -2.67 -19.08
N ALA A 13 -8.46 -2.90 -19.86
CA ALA A 13 -8.26 -4.25 -20.46
C ALA A 13 -6.98 -4.89 -19.92
N ARG A 14 -6.03 -4.09 -19.52
CA ARG A 14 -4.75 -4.66 -18.97
C ARG A 14 -4.67 -4.39 -17.46
N GLN A 15 -4.17 -5.34 -16.72
CA GLN A 15 -4.05 -5.16 -15.24
C GLN A 15 -2.86 -4.24 -14.93
N GLU A 16 -1.84 -4.30 -15.74
CA GLU A 16 -0.65 -3.43 -15.49
C GLU A 16 -1.05 -1.97 -15.66
N HIS A 17 -1.95 -1.70 -16.57
CA HIS A 17 -2.40 -0.30 -16.80
C HIS A 17 -3.23 0.18 -15.61
N LEU A 18 -4.17 -0.62 -15.18
CA LEU A 18 -5.02 -0.23 -14.02
C LEU A 18 -4.16 -0.04 -12.77
N LYS A 19 -3.05 -0.74 -12.69
CA LYS A 19 -2.16 -0.60 -11.50
C LYS A 19 -1.77 0.86 -11.29
N ARG A 20 -1.51 1.58 -12.36
CA ARG A 20 -1.14 3.02 -12.22
C ARG A 20 -2.41 3.85 -12.07
N HIS A 21 -3.49 3.42 -12.67
CA HIS A 21 -4.78 4.17 -12.56
C HIS A 21 -5.30 4.12 -11.12
N TYR A 22 -4.81 3.18 -10.32
CA TYR A 22 -5.29 3.09 -8.91
C TYR A 22 -4.30 3.80 -7.98
N ARG A 23 -3.72 4.88 -8.44
CA ARG A 23 -2.74 5.62 -7.60
C ARG A 23 -3.26 7.04 -7.34
N SER A 24 -3.84 7.65 -8.34
CA SER A 24 -4.39 9.03 -8.17
C SER A 24 -5.65 8.98 -7.31
N HIS A 25 -6.38 7.90 -7.37
CA HIS A 25 -7.63 7.78 -6.57
C HIS A 25 -7.28 7.81 -5.08
N THR A 26 -6.66 6.77 -4.60
CA THR A 26 -6.28 6.71 -3.15
C THR A 26 -4.76 6.45 -3.05
N ASN A 27 -4.31 5.83 -1.99
CA ASN A 27 -2.85 5.55 -1.83
C ASN A 27 -2.65 4.55 -0.69
N GLU A 28 -2.88 3.29 -0.95
CA GLU A 28 -2.70 2.25 0.10
C GLU A 28 -1.87 1.08 -0.45
N LYS A 29 -1.35 0.26 0.42
CA LYS A 29 -0.53 -0.90 -0.03
C LYS A 29 -0.77 -2.11 0.88
N PRO A 30 -0.36 -3.29 0.47
CA PRO A 30 -0.55 -4.52 1.26
C PRO A 30 0.47 -4.59 2.41
N TYR A 31 1.48 -3.77 2.39
CA TYR A 31 2.51 -3.81 3.48
C TYR A 31 2.66 -2.40 4.10
N PRO A 32 1.67 -1.97 4.88
CA PRO A 32 1.71 -0.65 5.52
C PRO A 32 2.64 -0.67 6.74
N CYS A 33 3.20 0.47 7.08
CA CYS A 33 4.12 0.54 8.26
C CYS A 33 3.28 0.43 9.55
N GLY A 34 3.70 1.05 10.62
CA GLY A 34 2.92 0.97 11.90
C GLY A 34 3.52 1.94 12.93
N LEU A 35 4.82 2.05 12.96
CA LEU A 35 5.49 2.96 13.93
C LEU A 35 5.39 4.41 13.41
N CYS A 36 5.54 4.59 12.13
CA CYS A 36 5.46 5.96 11.54
C CYS A 36 4.25 6.07 10.60
N ASN A 37 3.66 4.96 10.22
CA ASN A 37 2.48 4.98 9.29
C ASN A 37 2.94 5.36 7.89
N ARG A 38 3.22 4.38 7.07
CA ARG A 38 3.68 4.66 5.67
C ARG A 38 3.08 3.60 4.74
N ALA A 39 3.51 3.55 3.51
CA ALA A 39 2.97 2.54 2.56
C ALA A 39 4.08 1.97 1.67
N PHE A 40 4.21 0.67 1.65
CA PHE A 40 5.27 0.02 0.81
C PHE A 40 4.64 -1.11 0.00
N THR A 41 5.12 -1.32 -1.21
CA THR A 41 4.55 -2.41 -2.06
C THR A 41 5.41 -3.67 -1.94
N ARG A 42 6.69 -3.51 -1.68
CA ARG A 42 7.59 -4.69 -1.55
C ARG A 42 7.79 -5.03 -0.08
N ARG A 43 7.80 -6.30 0.25
CA ARG A 43 8.00 -6.70 1.67
C ARG A 43 9.42 -6.34 2.12
N ASP A 44 10.38 -6.50 1.24
CA ASP A 44 11.79 -6.16 1.59
C ASP A 44 11.90 -4.67 1.91
N LEU A 45 11.04 -3.86 1.33
CA LEU A 45 11.08 -2.40 1.59
C LEU A 45 10.63 -2.12 3.03
N LEU A 46 9.51 -2.67 3.42
CA LEU A 46 8.99 -2.43 4.81
C LEU A 46 10.01 -2.92 5.85
N ILE A 47 10.67 -4.02 5.59
CA ILE A 47 11.67 -4.54 6.57
C ILE A 47 12.84 -3.57 6.69
N ARG A 48 13.57 -3.35 5.62
CA ARG A 48 14.73 -2.41 5.65
C ARG A 48 14.30 -1.03 6.19
N HIS A 49 13.04 -0.72 6.08
CA HIS A 49 12.54 0.61 6.56
C HIS A 49 12.58 0.63 8.10
N ALA A 50 11.91 -0.29 8.74
CA ALA A 50 11.91 -0.31 10.24
C ALA A 50 13.28 -0.74 10.78
N GLN A 51 14.13 -1.29 9.95
CA GLN A 51 15.49 -1.72 10.43
C GLN A 51 16.49 -0.58 10.28
N LYS A 52 16.24 0.34 9.38
CA LYS A 52 17.19 1.48 9.17
C LYS A 52 16.81 2.67 10.05
N ILE A 53 15.55 2.82 10.35
CA ILE A 53 15.11 3.98 11.19
C ILE A 53 14.48 3.48 12.49
N HIS A 54 13.65 2.47 12.42
CA HIS A 54 13.02 1.94 13.66
C HIS A 54 13.87 0.83 14.27
N SER A 55 15.11 0.69 13.84
CA SER A 55 16.00 -0.38 14.38
C SER A 55 15.41 -1.75 14.07
N GLY A 56 16.26 -2.75 13.95
CA GLY A 56 15.76 -4.12 13.64
C GLY A 56 16.24 -5.10 14.72
N ASN A 57 17.48 -5.54 14.62
CA ASN A 57 18.02 -6.49 15.64
C ASN A 57 19.09 -5.78 16.48
N LEU A 58 19.53 -6.41 17.54
CA LEU A 58 20.58 -5.79 18.40
C LEU A 58 21.72 -6.78 18.61
N GLY A 59 22.65 -6.85 17.69
CA GLY A 59 23.79 -7.79 17.82
C GLY A 59 25.08 -7.00 18.13
N GLU A 60 25.72 -6.48 17.12
CA GLU A 60 26.98 -5.70 17.34
C GLU A 60 28.03 -6.60 17.99
ZN ZN B . 8.29 3.13 9.49
ZN ZN C . -10.36 4.37 -10.98
N ARG A 1 -16.83 -6.62 -25.11
CA ARG A 1 -16.14 -6.77 -23.79
C ARG A 1 -14.64 -6.60 -23.98
N SER A 2 -14.14 -5.38 -23.88
CA SER A 2 -12.67 -5.15 -24.05
C SER A 2 -12.05 -4.90 -22.69
N PHE A 3 -10.74 -4.96 -22.61
CA PHE A 3 -10.05 -4.72 -21.31
C PHE A 3 -9.75 -3.22 -21.16
N VAL A 4 -10.76 -2.46 -20.83
CA VAL A 4 -10.55 -0.98 -20.67
C VAL A 4 -10.24 -0.69 -19.20
N CYS A 5 -9.22 0.08 -18.95
CA CYS A 5 -8.84 0.42 -17.55
C CYS A 5 -9.98 1.22 -16.92
N GLU A 6 -10.35 0.88 -15.72
CA GLU A 6 -11.47 1.62 -15.03
C GLU A 6 -10.93 2.88 -14.34
N VAL A 7 -9.67 3.21 -14.54
CA VAL A 7 -9.11 4.43 -13.89
C VAL A 7 -8.81 5.49 -14.95
N CYS A 8 -8.30 5.08 -16.08
CA CYS A 8 -7.99 6.05 -17.16
C CYS A 8 -8.83 5.75 -18.41
N THR A 9 -9.79 4.86 -18.31
CA THR A 9 -10.66 4.52 -19.50
C THR A 9 -9.78 4.21 -20.73
N ARG A 10 -8.84 3.32 -20.58
CA ARG A 10 -7.94 2.97 -21.72
C ARG A 10 -8.61 1.91 -22.60
N ALA A 11 -7.85 1.26 -23.46
CA ALA A 11 -8.45 0.22 -24.33
C ALA A 11 -7.39 -0.83 -24.67
N PHE A 12 -7.52 -2.02 -24.13
CA PHE A 12 -6.53 -3.10 -24.42
C PHE A 12 -7.27 -4.34 -24.90
N ALA A 13 -6.89 -4.86 -26.05
CA ALA A 13 -7.56 -6.07 -26.58
C ALA A 13 -7.11 -7.30 -25.79
N ARG A 14 -5.96 -7.23 -25.17
CA ARG A 14 -5.46 -8.40 -24.37
C ARG A 14 -5.45 -8.04 -22.89
N GLN A 15 -5.64 -9.01 -22.03
CA GLN A 15 -5.65 -8.74 -20.56
C GLN A 15 -4.22 -8.89 -20.01
N GLU A 16 -3.40 -9.67 -20.66
CA GLU A 16 -2.00 -9.86 -20.16
C GLU A 16 -1.25 -8.53 -20.20
N HIS A 17 -1.62 -7.65 -21.10
CA HIS A 17 -0.93 -6.33 -21.19
C HIS A 17 -1.48 -5.39 -20.11
N LEU A 18 -2.77 -5.26 -20.01
CA LEU A 18 -3.37 -4.36 -18.99
C LEU A 18 -2.96 -4.82 -17.58
N LYS A 19 -2.59 -6.06 -17.42
CA LYS A 19 -2.18 -6.57 -16.07
C LYS A 19 -1.01 -5.74 -15.53
N ARG A 20 0.02 -5.56 -16.32
CA ARG A 20 1.20 -4.77 -15.86
C ARG A 20 0.80 -3.29 -15.71
N HIS A 21 -0.14 -2.85 -16.51
CA HIS A 21 -0.59 -1.42 -16.45
C HIS A 21 -1.63 -1.25 -15.31
N TYR A 22 -2.07 -2.33 -14.71
CA TYR A 22 -3.09 -2.23 -13.61
C TYR A 22 -2.38 -2.13 -12.26
N ARG A 23 -1.18 -2.63 -12.16
CA ARG A 23 -0.44 -2.58 -10.86
C ARG A 23 -0.30 -1.12 -10.38
N SER A 24 -0.34 -0.18 -11.29
CA SER A 24 -0.21 1.25 -10.89
C SER A 24 -1.58 1.93 -11.02
N HIS A 25 -2.62 1.27 -10.57
CA HIS A 25 -3.98 1.87 -10.67
C HIS A 25 -4.77 1.54 -9.40
N THR A 26 -5.22 0.32 -9.26
CA THR A 26 -6.01 -0.06 -8.06
C THR A 26 -5.11 -0.77 -7.04
N ASN A 27 -4.07 -1.43 -7.51
CA ASN A 27 -3.15 -2.15 -6.58
C ASN A 27 -2.51 -1.15 -5.62
N GLU A 28 -2.82 -1.26 -4.36
CA GLU A 28 -2.25 -0.33 -3.36
C GLU A 28 -1.03 -0.98 -2.69
N LYS A 29 -0.60 -0.46 -1.58
CA LYS A 29 0.58 -1.05 -0.87
C LYS A 29 0.09 -2.02 0.23
N PRO A 30 0.31 -3.32 0.05
CA PRO A 30 -0.14 -4.31 1.05
C PRO A 30 0.84 -4.41 2.23
N TYR A 31 1.86 -3.56 2.28
CA TYR A 31 2.82 -3.62 3.42
C TYR A 31 2.90 -2.25 4.11
N PRO A 32 1.88 -1.89 4.86
CA PRO A 32 1.85 -0.60 5.57
C PRO A 32 2.73 -0.67 6.83
N CYS A 33 3.42 0.40 7.15
CA CYS A 33 4.29 0.40 8.36
C CYS A 33 3.42 0.53 9.62
N GLY A 34 3.90 0.03 10.72
CA GLY A 34 3.11 0.12 11.99
C GLY A 34 3.85 1.00 13.00
N LEU A 35 4.60 1.96 12.52
CA LEU A 35 5.36 2.85 13.45
C LEU A 35 5.20 4.31 12.99
N CYS A 36 5.35 4.55 11.72
CA CYS A 36 5.21 5.95 11.19
C CYS A 36 3.96 6.06 10.29
N ASN A 37 3.30 4.96 10.01
CA ASN A 37 2.08 4.98 9.13
C ASN A 37 2.51 5.20 7.67
N ARG A 38 3.70 4.80 7.33
CA ARG A 38 4.17 4.95 5.91
C ARG A 38 3.51 3.87 5.05
N ALA A 39 3.92 3.75 3.81
CA ALA A 39 3.31 2.72 2.92
C ALA A 39 4.38 2.11 2.01
N PHE A 40 4.40 0.82 1.89
CA PHE A 40 5.40 0.14 1.01
C PHE A 40 4.72 -0.94 0.18
N THR A 41 5.08 -1.07 -1.07
CA THR A 41 4.44 -2.11 -1.94
C THR A 41 5.24 -3.42 -1.85
N ARG A 42 6.51 -3.34 -1.54
CA ARG A 42 7.34 -4.58 -1.46
C ARG A 42 7.48 -5.00 0.01
N ARG A 43 7.51 -6.28 0.27
CA ARG A 43 7.65 -6.76 1.67
C ARG A 43 9.08 -6.49 2.16
N ASP A 44 10.06 -6.73 1.32
CA ASP A 44 11.48 -6.49 1.72
C ASP A 44 11.67 -5.00 2.04
N LEU A 45 10.88 -4.15 1.42
CA LEU A 45 11.01 -2.68 1.70
C LEU A 45 10.60 -2.37 3.13
N LEU A 46 9.46 -2.85 3.54
CA LEU A 46 8.96 -2.58 4.93
C LEU A 46 10.01 -3.03 5.96
N ILE A 47 10.65 -4.13 5.72
CA ILE A 47 11.69 -4.62 6.69
C ILE A 47 12.85 -3.62 6.75
N ARG A 48 13.39 -3.29 5.61
CA ARG A 48 14.53 -2.31 5.57
C ARG A 48 14.09 -0.96 6.16
N HIS A 49 12.80 -0.71 6.21
CA HIS A 49 12.30 0.58 6.76
C HIS A 49 12.41 0.55 8.30
N ALA A 50 11.93 -0.50 8.92
CA ALA A 50 11.98 -0.59 10.41
C ALA A 50 13.42 -0.90 10.87
N GLN A 51 14.27 -1.37 10.00
CA GLN A 51 15.67 -1.69 10.40
C GLN A 51 16.57 -0.47 10.22
N LYS A 52 16.22 0.43 9.33
CA LYS A 52 17.06 1.64 9.09
C LYS A 52 16.61 2.79 10.00
N ILE A 53 15.36 3.14 9.94
CA ILE A 53 14.85 4.26 10.77
C ILE A 53 14.44 3.75 12.16
N HIS A 54 13.51 2.83 12.22
CA HIS A 54 13.06 2.30 13.54
C HIS A 54 14.09 1.29 14.09
N SER A 55 15.14 1.00 13.35
CA SER A 55 16.17 0.03 13.84
C SER A 55 15.54 -1.37 13.99
N GLY A 56 16.29 -2.40 13.73
CA GLY A 56 15.75 -3.78 13.84
C GLY A 56 15.73 -4.20 15.32
N ASN A 57 14.62 -4.70 15.79
CA ASN A 57 14.53 -5.14 17.21
C ASN A 57 14.20 -6.63 17.28
N LEU A 58 14.57 -7.29 18.34
CA LEU A 58 14.29 -8.75 18.47
C LEU A 58 14.20 -9.12 19.95
N GLY A 59 13.69 -8.23 20.77
CA GLY A 59 13.58 -8.52 22.23
C GLY A 59 12.50 -9.59 22.45
N GLU A 60 12.22 -9.90 23.69
CA GLU A 60 11.18 -10.93 23.98
C GLU A 60 10.83 -10.89 25.47
ZN ZN B . 7.85 3.33 10.00
ZN ZN C . -5.08 2.57 -16.83
N ARG A 1 -18.89 21.45 -13.64
CA ARG A 1 -17.99 21.09 -12.50
C ARG A 1 -18.61 19.94 -11.70
N SER A 2 -18.28 18.73 -12.04
CA SER A 2 -18.83 17.55 -11.32
C SER A 2 -17.72 16.88 -10.51
N PHE A 3 -17.93 15.65 -10.09
CA PHE A 3 -16.88 14.95 -9.30
C PHE A 3 -15.94 14.22 -10.26
N VAL A 4 -15.12 14.96 -10.94
CA VAL A 4 -14.15 14.35 -11.90
C VAL A 4 -12.89 13.92 -11.14
N CYS A 5 -12.37 12.76 -11.46
CA CYS A 5 -11.13 12.28 -10.77
C CYS A 5 -9.98 13.23 -11.11
N GLU A 6 -9.11 13.47 -10.17
CA GLU A 6 -7.95 14.39 -10.42
C GLU A 6 -6.74 13.60 -10.94
N VAL A 7 -6.96 12.50 -11.62
CA VAL A 7 -5.82 11.70 -12.14
C VAL A 7 -6.10 11.29 -13.59
N CYS A 8 -7.28 10.82 -13.86
CA CYS A 8 -7.62 10.40 -15.26
C CYS A 8 -8.73 11.29 -15.83
N THR A 9 -9.03 12.41 -15.20
CA THR A 9 -10.10 13.32 -15.71
C THR A 9 -11.38 12.52 -16.00
N ARG A 10 -11.84 11.75 -15.06
CA ARG A 10 -13.07 10.94 -15.27
C ARG A 10 -14.30 11.80 -15.06
N ALA A 11 -15.45 11.21 -14.83
CA ALA A 11 -16.69 12.00 -14.62
C ALA A 11 -17.64 11.24 -13.68
N PHE A 12 -17.71 11.66 -12.44
CA PHE A 12 -18.62 10.97 -11.47
C PHE A 12 -19.61 11.99 -10.89
N ALA A 13 -20.66 11.52 -10.26
CA ALA A 13 -21.66 12.46 -9.68
C ALA A 13 -21.62 12.36 -8.15
N ARG A 14 -21.23 11.22 -7.62
CA ARG A 14 -21.17 11.07 -6.14
C ARG A 14 -19.71 10.99 -5.68
N GLN A 15 -19.43 11.46 -4.50
CA GLN A 15 -18.03 11.42 -3.99
C GLN A 15 -17.75 10.06 -3.33
N GLU A 16 -18.77 9.39 -2.86
CA GLU A 16 -18.56 8.06 -2.22
C GLU A 16 -18.01 7.08 -3.25
N HIS A 17 -18.52 7.13 -4.46
CA HIS A 17 -18.04 6.21 -5.52
C HIS A 17 -16.66 6.68 -6.02
N LEU A 18 -16.43 7.96 -5.99
CA LEU A 18 -15.11 8.50 -6.44
C LEU A 18 -14.02 8.06 -5.48
N LYS A 19 -14.34 7.85 -4.23
CA LYS A 19 -13.32 7.42 -3.24
C LYS A 19 -12.76 6.06 -3.63
N ARG A 20 -13.63 5.12 -3.95
CA ARG A 20 -13.15 3.76 -4.35
C ARG A 20 -12.36 3.86 -5.66
N HIS A 21 -12.75 4.77 -6.52
CA HIS A 21 -12.04 4.92 -7.82
C HIS A 21 -10.73 5.71 -7.62
N TYR A 22 -10.58 6.36 -6.48
CA TYR A 22 -9.33 7.15 -6.24
C TYR A 22 -8.37 6.33 -5.38
N ARG A 23 -8.43 5.03 -5.47
CA ARG A 23 -7.51 4.16 -4.67
C ARG A 23 -6.46 3.54 -5.59
N SER A 24 -6.81 3.29 -6.82
CA SER A 24 -5.83 2.69 -7.77
C SER A 24 -4.91 3.78 -8.31
N HIS A 25 -5.42 4.98 -8.47
CA HIS A 25 -4.58 6.09 -8.99
C HIS A 25 -3.44 6.37 -8.00
N THR A 26 -3.67 6.15 -6.74
CA THR A 26 -2.62 6.40 -5.72
C THR A 26 -1.84 5.11 -5.50
N ASN A 27 -1.19 4.97 -4.38
CA ASN A 27 -0.40 3.73 -4.10
C ASN A 27 -0.46 3.40 -2.61
N GLU A 28 -1.62 3.01 -2.13
CA GLU A 28 -1.78 2.68 -0.68
C GLU A 28 -0.81 1.55 -0.32
N LYS A 29 -0.50 0.69 -1.27
CA LYS A 29 0.45 -0.43 -1.01
C LYS A 29 -0.12 -1.40 0.06
N PRO A 30 0.05 -2.70 -0.13
CA PRO A 30 -0.46 -3.70 0.82
C PRO A 30 0.50 -3.89 2.01
N TYR A 31 1.54 -3.09 2.10
CA TYR A 31 2.50 -3.25 3.23
C TYR A 31 2.65 -1.90 3.98
N PRO A 32 1.65 -1.53 4.76
CA PRO A 32 1.68 -0.28 5.53
C PRO A 32 2.58 -0.43 6.76
N CYS A 33 3.20 0.63 7.20
CA CYS A 33 4.08 0.55 8.40
C CYS A 33 3.21 0.53 9.66
N GLY A 34 3.73 -0.03 10.73
CA GLY A 34 2.96 -0.09 12.01
C GLY A 34 3.71 0.66 13.11
N LEU A 35 4.44 1.68 12.74
CA LEU A 35 5.20 2.47 13.75
C LEU A 35 5.01 3.96 13.48
N CYS A 36 5.23 4.37 12.25
CA CYS A 36 5.07 5.82 11.88
C CYS A 36 4.00 5.97 10.78
N ASN A 37 3.46 4.88 10.30
CA ASN A 37 2.42 4.94 9.22
C ASN A 37 3.09 5.27 7.88
N ARG A 38 3.22 4.29 7.03
CA ARG A 38 3.85 4.51 5.70
C ARG A 38 3.33 3.45 4.73
N ALA A 39 3.94 3.32 3.56
CA ALA A 39 3.47 2.30 2.58
C ALA A 39 4.66 1.73 1.80
N PHE A 40 4.57 0.48 1.42
CA PHE A 40 5.69 -0.15 0.64
C PHE A 40 5.11 -1.17 -0.33
N THR A 41 5.65 -1.26 -1.52
CA THR A 41 5.13 -2.23 -2.52
C THR A 41 5.47 -3.66 -2.12
N ARG A 42 6.66 -3.90 -1.66
CA ARG A 42 7.06 -5.28 -1.26
C ARG A 42 7.29 -5.34 0.26
N ARG A 43 7.24 -6.51 0.83
CA ARG A 43 7.47 -6.65 2.29
C ARG A 43 8.97 -6.43 2.60
N ASP A 44 9.82 -6.77 1.68
CA ASP A 44 11.29 -6.58 1.91
C ASP A 44 11.57 -5.09 2.12
N LEU A 45 10.81 -4.25 1.50
CA LEU A 45 11.01 -2.78 1.66
C LEU A 45 10.57 -2.36 3.07
N LEU A 46 9.39 -2.77 3.46
CA LEU A 46 8.87 -2.42 4.82
C LEU A 46 9.89 -2.82 5.90
N ILE A 47 10.59 -3.91 5.70
CA ILE A 47 11.59 -4.36 6.71
C ILE A 47 12.75 -3.35 6.74
N ARG A 48 13.27 -3.01 5.60
CA ARG A 48 14.40 -2.03 5.54
C ARG A 48 13.95 -0.69 6.15
N HIS A 49 12.68 -0.43 6.17
CA HIS A 49 12.17 0.86 6.75
C HIS A 49 12.34 0.82 8.27
N ALA A 50 12.15 -0.32 8.89
CA ALA A 50 12.29 -0.40 10.38
C ALA A 50 13.74 -0.72 10.77
N GLN A 51 14.57 -1.13 9.83
CA GLN A 51 15.98 -1.46 10.18
C GLN A 51 16.86 -0.21 10.03
N LYS A 52 16.52 0.66 9.13
CA LYS A 52 17.33 1.90 8.92
C LYS A 52 16.87 3.01 9.87
N ILE A 53 15.60 3.10 10.13
CA ILE A 53 15.09 4.18 11.03
C ILE A 53 14.65 3.60 12.37
N HIS A 54 13.78 2.62 12.35
CA HIS A 54 13.32 2.01 13.65
C HIS A 54 14.37 1.06 14.23
N SER A 55 15.49 0.86 13.54
CA SER A 55 16.59 -0.04 14.03
C SER A 55 16.31 -1.50 13.64
N GLY A 56 15.11 -1.98 13.89
CA GLY A 56 14.77 -3.39 13.53
C GLY A 56 14.71 -4.25 14.79
N ASN A 57 13.59 -4.22 15.48
CA ASN A 57 13.46 -5.03 16.72
C ASN A 57 12.64 -6.29 16.42
N LEU A 58 11.36 -6.13 16.22
CA LEU A 58 10.48 -7.30 15.91
C LEU A 58 10.53 -8.30 17.09
N GLY A 59 11.44 -9.25 17.07
CA GLY A 59 11.52 -10.24 18.18
C GLY A 59 11.67 -11.64 17.60
N GLU A 60 11.14 -11.88 16.44
CA GLU A 60 11.24 -13.23 15.81
C GLU A 60 12.05 -13.13 14.51
ZN ZN B . 7.81 3.25 10.24
ZN ZN C . -9.62 8.47 -11.87
N ARG A 1 -13.80 28.49 -2.98
CA ARG A 1 -12.63 28.83 -2.11
C ARG A 1 -12.54 27.83 -0.96
N SER A 2 -12.86 26.59 -1.23
CA SER A 2 -12.78 25.54 -0.16
C SER A 2 -12.10 24.30 -0.74
N PHE A 3 -10.96 23.93 -0.19
CA PHE A 3 -10.25 22.73 -0.69
C PHE A 3 -10.71 21.49 0.09
N VAL A 4 -11.96 21.16 -0.03
CA VAL A 4 -12.53 19.97 0.68
C VAL A 4 -11.78 18.71 0.22
N CYS A 5 -11.38 17.88 1.14
CA CYS A 5 -10.66 16.63 0.76
C CYS A 5 -11.59 15.73 -0.06
N GLU A 6 -11.04 15.01 -1.00
CA GLU A 6 -11.88 14.12 -1.85
C GLU A 6 -11.97 12.70 -1.24
N VAL A 7 -11.77 12.59 0.05
CA VAL A 7 -11.85 11.24 0.70
C VAL A 7 -12.79 11.30 1.91
N CYS A 8 -12.61 12.27 2.77
CA CYS A 8 -13.49 12.37 3.97
C CYS A 8 -14.39 13.60 3.87
N THR A 9 -14.50 14.21 2.70
CA THR A 9 -15.38 15.42 2.53
C THR A 9 -15.07 16.45 3.63
N ARG A 10 -13.83 16.77 3.82
CA ARG A 10 -13.45 17.77 4.87
C ARG A 10 -13.73 19.18 4.37
N ALA A 11 -13.14 20.17 4.98
CA ALA A 11 -13.39 21.58 4.52
C ALA A 11 -12.15 22.43 4.82
N PHE A 12 -11.29 22.61 3.84
CA PHE A 12 -10.08 23.44 4.05
C PHE A 12 -10.19 24.70 3.20
N ALA A 13 -9.12 25.46 3.10
CA ALA A 13 -9.16 26.71 2.29
C ALA A 13 -7.93 26.78 1.38
N ARG A 14 -6.78 26.37 1.86
CA ARG A 14 -5.55 26.42 1.02
C ARG A 14 -5.09 24.98 0.70
N GLN A 15 -4.13 24.85 -0.17
CA GLN A 15 -3.63 23.50 -0.54
C GLN A 15 -2.48 23.09 0.40
N GLU A 16 -1.82 24.04 1.00
CA GLU A 16 -0.70 23.71 1.92
C GLU A 16 -1.23 22.88 3.10
N HIS A 17 -2.36 23.24 3.63
CA HIS A 17 -2.95 22.48 4.77
C HIS A 17 -3.52 21.15 4.26
N LEU A 18 -4.05 21.15 3.05
CA LEU A 18 -4.63 19.90 2.49
C LEU A 18 -3.53 18.85 2.31
N LYS A 19 -2.32 19.28 2.09
CA LYS A 19 -1.20 18.32 1.89
C LYS A 19 -0.99 17.50 3.17
N ARG A 20 -0.88 18.16 4.30
CA ARG A 20 -0.66 17.43 5.59
C ARG A 20 -1.91 16.60 5.91
N HIS A 21 -3.06 17.03 5.46
CA HIS A 21 -4.32 16.27 5.74
C HIS A 21 -4.43 15.08 4.76
N TYR A 22 -3.70 15.10 3.66
CA TYR A 22 -3.78 13.98 2.68
C TYR A 22 -2.63 13.00 2.93
N ARG A 23 -2.26 12.81 4.17
CA ARG A 23 -1.14 11.87 4.48
C ARG A 23 -1.70 10.66 5.23
N SER A 24 -2.73 10.86 6.03
CA SER A 24 -3.33 9.73 6.79
C SER A 24 -4.59 9.24 6.07
N HIS A 25 -4.62 9.37 4.77
CA HIS A 25 -5.82 8.91 4.00
C HIS A 25 -5.45 7.69 3.16
N THR A 26 -4.70 7.89 2.11
CA THR A 26 -4.30 6.74 1.25
C THR A 26 -3.06 6.07 1.84
N ASN A 27 -3.24 5.15 2.76
CA ASN A 27 -2.08 4.46 3.38
C ASN A 27 -2.39 2.96 3.50
N GLU A 28 -3.07 2.41 2.53
CA GLU A 28 -3.40 0.96 2.58
C GLU A 28 -2.16 0.13 2.19
N LYS A 29 -1.95 -0.09 0.91
CA LYS A 29 -0.76 -0.88 0.45
C LYS A 29 -0.80 -2.30 1.07
N PRO A 30 -0.04 -3.21 0.51
CA PRO A 30 0.00 -4.60 1.01
C PRO A 30 0.89 -4.70 2.26
N TYR A 31 1.74 -3.73 2.49
CA TYR A 31 2.63 -3.78 3.69
C TYR A 31 2.80 -2.36 4.27
N PRO A 32 1.82 -1.90 5.03
CA PRO A 32 1.87 -0.55 5.65
C PRO A 32 2.79 -0.57 6.88
N CYS A 33 3.45 0.53 7.14
CA CYS A 33 4.36 0.60 8.33
C CYS A 33 3.53 0.80 9.60
N GLY A 34 3.77 -0.01 10.60
CA GLY A 34 3.00 0.13 11.88
C GLY A 34 3.83 0.89 12.90
N LEU A 35 4.61 1.84 12.43
CA LEU A 35 5.46 2.64 13.37
C LEU A 35 5.37 4.12 13.00
N CYS A 36 5.51 4.44 11.74
CA CYS A 36 5.42 5.86 11.29
C CYS A 36 4.18 6.08 10.42
N ASN A 37 3.46 5.03 10.09
CA ASN A 37 2.24 5.16 9.23
C ASN A 37 2.66 5.51 7.80
N ARG A 38 3.14 4.55 7.06
CA ARG A 38 3.57 4.80 5.66
C ARG A 38 2.91 3.78 4.73
N ALA A 39 3.29 3.77 3.48
CA ALA A 39 2.69 2.80 2.51
C ALA A 39 3.76 2.29 1.56
N PHE A 40 4.09 1.02 1.64
CA PHE A 40 5.13 0.45 0.73
C PHE A 40 4.48 -0.50 -0.27
N THR A 41 5.24 -1.06 -1.16
CA THR A 41 4.67 -1.99 -2.18
C THR A 41 5.27 -3.38 -2.01
N ARG A 42 6.51 -3.46 -1.61
CA ARG A 42 7.15 -4.81 -1.43
C ARG A 42 7.33 -5.09 0.07
N ARG A 43 7.69 -6.31 0.40
CA ARG A 43 7.89 -6.67 1.83
C ARG A 43 9.31 -6.33 2.27
N ASP A 44 10.27 -6.55 1.39
CA ASP A 44 11.68 -6.24 1.74
C ASP A 44 11.83 -4.74 2.03
N LEU A 45 10.98 -3.93 1.47
CA LEU A 45 11.06 -2.46 1.72
C LEU A 45 10.66 -2.15 3.16
N LEU A 46 9.54 -2.65 3.60
CA LEU A 46 9.08 -2.39 4.99
C LEU A 46 10.10 -2.91 6.00
N ILE A 47 10.70 -4.06 5.73
CA ILE A 47 11.71 -4.62 6.68
C ILE A 47 12.89 -3.66 6.81
N ARG A 48 13.52 -3.34 5.70
CA ARG A 48 14.70 -2.42 5.75
C ARG A 48 14.26 -1.05 6.29
N HIS A 49 12.99 -0.75 6.25
CA HIS A 49 12.51 0.57 6.75
C HIS A 49 12.46 0.54 8.28
N ALA A 50 12.14 -0.58 8.87
CA ALA A 50 12.08 -0.66 10.36
C ALA A 50 13.44 -1.09 10.92
N GLN A 51 14.34 -1.57 10.09
CA GLN A 51 15.68 -1.99 10.59
C GLN A 51 16.65 -0.80 10.52
N LYS A 52 16.37 0.18 9.71
CA LYS A 52 17.29 1.35 9.58
C LYS A 52 16.60 2.63 10.05
N ILE A 53 15.30 2.73 9.84
CA ILE A 53 14.58 3.98 10.23
C ILE A 53 13.75 3.74 11.50
N HIS A 54 14.12 2.77 12.31
CA HIS A 54 13.35 2.52 13.56
C HIS A 54 14.26 1.85 14.60
N SER A 55 14.92 0.77 14.23
CA SER A 55 15.83 0.05 15.18
C SER A 55 16.28 -1.25 14.54
N GLY A 56 15.38 -2.20 14.41
CA GLY A 56 15.75 -3.51 13.79
C GLY A 56 15.97 -4.55 14.90
N ASN A 57 15.49 -5.74 14.70
CA ASN A 57 15.66 -6.81 15.74
C ASN A 57 16.85 -7.70 15.37
N LEU A 58 17.83 -7.15 14.70
CA LEU A 58 19.03 -7.95 14.31
C LEU A 58 18.59 -9.14 13.44
N GLY A 59 19.46 -10.11 13.26
CA GLY A 59 19.11 -11.30 12.43
C GLY A 59 20.38 -12.07 12.06
N GLU A 60 21.24 -11.45 11.29
CA GLU A 60 22.51 -12.14 10.90
C GLU A 60 23.58 -11.09 10.58
ZN ZN B . 8.21 3.39 9.80
ZN ZN C . -9.54 14.09 3.88
N ARG A 1 -18.29 -1.74 -21.85
CA ARG A 1 -19.33 -0.68 -22.00
C ARG A 1 -19.56 0.02 -20.67
N SER A 2 -19.39 -0.69 -19.58
CA SER A 2 -19.60 -0.08 -18.24
C SER A 2 -18.26 0.05 -17.51
N PHE A 3 -18.14 1.01 -16.63
CA PHE A 3 -16.87 1.19 -15.88
C PHE A 3 -16.94 0.36 -14.60
N VAL A 4 -16.27 -0.77 -14.59
CA VAL A 4 -16.28 -1.65 -13.39
C VAL A 4 -14.88 -1.65 -12.77
N CYS A 5 -14.80 -1.56 -11.48
CA CYS A 5 -13.47 -1.56 -10.79
C CYS A 5 -12.82 -2.93 -10.93
N GLU A 6 -11.53 -2.97 -11.15
CA GLU A 6 -10.83 -4.28 -11.30
C GLU A 6 -10.31 -4.76 -9.94
N VAL A 7 -10.88 -4.30 -8.85
CA VAL A 7 -10.42 -4.75 -7.51
C VAL A 7 -11.56 -5.45 -6.78
N CYS A 8 -12.73 -4.85 -6.76
CA CYS A 8 -13.89 -5.49 -6.07
C CYS A 8 -14.94 -5.94 -7.10
N THR A 9 -14.62 -5.90 -8.38
CA THR A 9 -15.60 -6.34 -9.44
C THR A 9 -16.96 -5.67 -9.22
N ARG A 10 -16.99 -4.37 -9.07
CA ARG A 10 -18.28 -3.65 -8.85
C ARG A 10 -18.86 -3.24 -10.21
N ALA A 11 -19.75 -2.28 -10.23
CA ALA A 11 -20.33 -1.85 -11.53
C ALA A 11 -20.73 -0.37 -11.46
N PHE A 12 -20.23 0.43 -12.36
CA PHE A 12 -20.58 1.88 -12.37
C PHE A 12 -21.08 2.27 -13.76
N ALA A 13 -21.25 3.55 -14.00
CA ALA A 13 -21.73 4.01 -15.33
C ALA A 13 -20.82 5.12 -15.85
N ARG A 14 -20.40 6.01 -14.99
CA ARG A 14 -19.51 7.13 -15.44
C ARG A 14 -18.10 6.90 -14.90
N GLN A 15 -17.09 7.19 -15.68
CA GLN A 15 -15.69 7.00 -15.22
C GLN A 15 -15.34 8.05 -14.16
N GLU A 16 -16.02 9.16 -14.16
CA GLU A 16 -15.73 10.22 -13.14
C GLU A 16 -16.10 9.71 -11.75
N HIS A 17 -17.29 9.18 -11.60
CA HIS A 17 -17.73 8.67 -10.27
C HIS A 17 -16.83 7.49 -9.86
N LEU A 18 -16.44 6.68 -10.80
CA LEU A 18 -15.57 5.51 -10.49
C LEU A 18 -14.20 6.00 -10.01
N LYS A 19 -13.77 7.15 -10.49
CA LYS A 19 -12.43 7.69 -10.08
C LYS A 19 -12.32 7.75 -8.55
N ARG A 20 -13.33 8.27 -7.89
CA ARG A 20 -13.31 8.35 -6.40
C ARG A 20 -13.41 6.94 -5.82
N HIS A 21 -14.07 6.04 -6.51
CA HIS A 21 -14.21 4.65 -6.01
C HIS A 21 -12.85 3.93 -6.14
N TYR A 22 -11.96 4.43 -6.96
CA TYR A 22 -10.64 3.76 -7.13
C TYR A 22 -9.59 4.42 -6.23
N ARG A 23 -10.02 4.96 -5.12
CA ARG A 23 -9.06 5.63 -4.18
C ARG A 23 -8.85 4.73 -2.96
N SER A 24 -9.90 4.46 -2.23
CA SER A 24 -9.78 3.58 -1.03
C SER A 24 -9.28 2.19 -1.43
N HIS A 25 -9.52 1.80 -2.66
CA HIS A 25 -9.06 0.46 -3.13
C HIS A 25 -7.55 0.32 -2.96
N THR A 26 -6.81 1.28 -3.45
CA THR A 26 -5.33 1.22 -3.33
C THR A 26 -4.82 2.50 -2.65
N ASN A 27 -5.60 3.05 -1.76
CA ASN A 27 -5.18 4.29 -1.04
C ASN A 27 -3.87 4.04 -0.27
N GLU A 28 -3.60 2.81 0.08
CA GLU A 28 -2.36 2.49 0.83
C GLU A 28 -1.85 1.10 0.44
N LYS A 29 -0.55 0.92 0.41
CA LYS A 29 0.01 -0.41 0.03
C LYS A 29 -0.45 -1.47 1.05
N PRO A 30 -0.30 -2.74 0.70
CA PRO A 30 -0.72 -3.84 1.59
C PRO A 30 0.30 -4.06 2.72
N TYR A 31 1.41 -3.38 2.69
CA TYR A 31 2.43 -3.56 3.77
C TYR A 31 2.87 -2.18 4.30
N PRO A 32 1.98 -1.48 4.98
CA PRO A 32 2.29 -0.16 5.54
C PRO A 32 3.09 -0.30 6.83
N CYS A 33 3.93 0.67 7.13
CA CYS A 33 4.74 0.60 8.38
C CYS A 33 3.82 0.61 9.60
N GLY A 34 4.13 -0.17 10.61
CA GLY A 34 3.27 -0.21 11.82
C GLY A 34 3.87 0.68 12.91
N LEU A 35 4.56 1.72 12.50
CA LEU A 35 5.18 2.65 13.51
C LEU A 35 4.91 4.10 13.08
N CYS A 36 5.13 4.40 11.82
CA CYS A 36 4.89 5.78 11.32
C CYS A 36 3.73 5.79 10.30
N ASN A 37 3.26 4.64 9.90
CA ASN A 37 2.15 4.56 8.91
C ASN A 37 2.67 4.98 7.52
N ARG A 38 3.44 4.12 6.90
CA ARG A 38 3.99 4.44 5.56
C ARG A 38 3.35 3.51 4.52
N ALA A 39 3.84 3.54 3.30
CA ALA A 39 3.24 2.67 2.25
C ALA A 39 4.37 2.01 1.44
N PHE A 40 4.43 0.70 1.45
CA PHE A 40 5.49 -0.01 0.69
C PHE A 40 4.86 -1.12 -0.15
N THR A 41 5.17 -1.17 -1.41
CA THR A 41 4.58 -2.23 -2.30
C THR A 41 5.34 -3.54 -2.10
N ARG A 42 6.60 -3.47 -1.72
CA ARG A 42 7.39 -4.72 -1.51
C ARG A 42 7.46 -5.03 -0.02
N ARG A 43 7.53 -6.29 0.33
CA ARG A 43 7.61 -6.68 1.77
C ARG A 43 9.01 -6.40 2.29
N ASP A 44 10.02 -6.67 1.50
CA ASP A 44 11.42 -6.42 1.94
C ASP A 44 11.62 -4.93 2.20
N LEU A 45 10.89 -4.09 1.50
CA LEU A 45 11.03 -2.62 1.70
C LEU A 45 10.61 -2.25 3.12
N LEU A 46 9.46 -2.71 3.54
CA LEU A 46 8.96 -2.39 4.91
C LEU A 46 9.99 -2.82 5.97
N ILE A 47 10.58 -3.97 5.81
CA ILE A 47 11.59 -4.46 6.80
C ILE A 47 12.79 -3.50 6.80
N ARG A 48 13.17 -3.01 5.66
CA ARG A 48 14.33 -2.07 5.58
C ARG A 48 13.94 -0.71 6.18
N HIS A 49 12.67 -0.41 6.23
CA HIS A 49 12.22 0.90 6.80
C HIS A 49 12.50 0.93 8.31
N ALA A 50 12.10 -0.10 9.03
CA ALA A 50 12.35 -0.11 10.50
C ALA A 50 13.82 -0.41 10.78
N GLN A 51 14.34 -1.47 10.24
CA GLN A 51 15.77 -1.84 10.47
C GLN A 51 16.71 -0.65 10.14
N LYS A 52 16.26 0.27 9.33
CA LYS A 52 17.13 1.44 8.96
C LYS A 52 16.76 2.67 9.78
N ILE A 53 15.55 2.76 10.26
CA ILE A 53 15.14 3.97 11.05
C ILE A 53 14.61 3.54 12.43
N HIS A 54 13.65 2.64 12.47
CA HIS A 54 13.09 2.21 13.79
C HIS A 54 14.05 1.22 14.46
N SER A 55 14.04 -0.02 14.04
CA SER A 55 14.94 -1.03 14.66
C SER A 55 14.78 -2.37 13.93
N GLY A 56 13.55 -2.80 13.73
CA GLY A 56 13.31 -4.09 13.03
C GLY A 56 13.22 -5.21 14.07
N ASN A 57 14.19 -5.31 14.94
CA ASN A 57 14.17 -6.38 15.98
C ASN A 57 14.72 -5.82 17.29
N LEU A 58 14.90 -6.66 18.28
CA LEU A 58 15.44 -6.19 19.60
C LEU A 58 16.97 -6.19 19.55
N GLY A 59 17.55 -7.10 18.80
CA GLY A 59 19.03 -7.16 18.71
C GLY A 59 19.56 -5.87 18.07
N GLU A 60 20.23 -5.05 18.83
CA GLU A 60 20.77 -3.77 18.28
C GLU A 60 21.96 -4.07 17.36
ZN ZN B . 7.97 3.63 10.33
ZN ZN C . -13.82 -1.24 -7.01
N ARG A 1 -31.68 1.90 -3.09
CA ARG A 1 -30.38 2.16 -2.39
C ARG A 1 -29.43 0.98 -2.63
N SER A 2 -28.48 1.14 -3.52
CA SER A 2 -27.52 0.04 -3.80
C SER A 2 -26.35 0.11 -2.83
N PHE A 3 -25.56 -0.93 -2.76
CA PHE A 3 -24.40 -0.93 -1.83
C PHE A 3 -23.16 -0.40 -2.56
N VAL A 4 -23.27 0.78 -3.09
CA VAL A 4 -22.12 1.40 -3.82
C VAL A 4 -20.96 1.61 -2.84
N CYS A 5 -19.78 1.20 -3.21
CA CYS A 5 -18.60 1.38 -2.32
C CYS A 5 -18.33 2.87 -2.12
N GLU A 6 -17.80 3.25 -0.99
CA GLU A 6 -17.52 4.69 -0.73
C GLU A 6 -16.09 5.04 -1.15
N VAL A 7 -15.51 4.29 -2.06
CA VAL A 7 -14.12 4.58 -2.51
C VAL A 7 -14.06 4.62 -4.03
N CYS A 8 -14.60 3.63 -4.68
CA CYS A 8 -14.57 3.60 -6.18
C CYS A 8 -15.99 3.79 -6.74
N THR A 9 -16.94 4.20 -5.93
CA THR A 9 -18.35 4.40 -6.41
C THR A 9 -18.82 3.19 -7.23
N ARG A 10 -18.67 2.00 -6.68
CA ARG A 10 -19.10 0.77 -7.41
C ARG A 10 -20.60 0.55 -7.20
N ALA A 11 -21.08 -0.62 -7.53
CA ALA A 11 -22.54 -0.91 -7.35
C ALA A 11 -22.73 -2.40 -7.08
N PHE A 12 -22.80 -2.79 -5.83
CA PHE A 12 -22.99 -4.22 -5.49
C PHE A 12 -24.41 -4.41 -4.92
N ALA A 13 -24.87 -5.63 -4.87
CA ALA A 13 -26.25 -5.88 -4.33
C ALA A 13 -26.16 -6.70 -3.05
N ARG A 14 -25.11 -7.45 -2.85
CA ARG A 14 -24.98 -8.28 -1.62
C ARG A 14 -23.89 -7.68 -0.71
N GLN A 15 -24.16 -7.59 0.57
CA GLN A 15 -23.15 -7.03 1.52
C GLN A 15 -21.99 -8.02 1.66
N GLU A 16 -22.24 -9.28 1.49
CA GLU A 16 -21.15 -10.29 1.63
C GLU A 16 -20.13 -10.09 0.50
N HIS A 17 -20.60 -9.94 -0.71
CA HIS A 17 -19.67 -9.73 -1.87
C HIS A 17 -18.87 -8.44 -1.66
N LEU A 18 -19.54 -7.37 -1.31
CA LEU A 18 -18.84 -6.08 -1.09
C LEU A 18 -17.85 -6.22 0.07
N LYS A 19 -18.09 -7.14 0.98
CA LYS A 19 -17.16 -7.32 2.14
C LYS A 19 -15.74 -7.60 1.63
N ARG A 20 -15.62 -8.37 0.58
CA ARG A 20 -14.27 -8.68 0.02
C ARG A 20 -13.79 -7.50 -0.83
N HIS A 21 -14.69 -6.90 -1.58
CA HIS A 21 -14.31 -5.74 -2.43
C HIS A 21 -13.75 -4.60 -1.55
N TYR A 22 -14.07 -4.60 -0.28
CA TYR A 22 -13.56 -3.53 0.62
C TYR A 22 -12.32 -4.03 1.37
N ARG A 23 -11.50 -4.82 0.71
CA ARG A 23 -10.27 -5.34 1.36
C ARG A 23 -9.06 -4.51 0.93
N SER A 24 -9.10 -4.00 -0.27
CA SER A 24 -7.96 -3.17 -0.77
C SER A 24 -8.41 -1.72 -0.92
N HIS A 25 -9.35 -1.29 -0.12
CA HIS A 25 -9.83 0.12 -0.21
C HIS A 25 -9.27 0.92 0.96
N THR A 26 -9.49 0.47 2.18
CA THR A 26 -8.97 1.20 3.36
C THR A 26 -7.63 0.60 3.80
N ASN A 27 -6.96 -0.12 2.92
CA ASN A 27 -5.65 -0.73 3.28
C ASN A 27 -4.52 -0.11 2.44
N GLU A 28 -4.87 0.53 1.35
CA GLU A 28 -3.84 1.17 0.47
C GLU A 28 -2.83 0.10 -0.02
N LYS A 29 -1.77 -0.15 0.71
CA LYS A 29 -0.78 -1.17 0.27
C LYS A 29 -0.81 -2.37 1.23
N PRO A 30 -0.26 -3.49 0.81
CA PRO A 30 -0.23 -4.72 1.63
C PRO A 30 0.85 -4.66 2.72
N TYR A 31 1.72 -3.68 2.68
CA TYR A 31 2.80 -3.59 3.71
C TYR A 31 2.80 -2.19 4.36
N PRO A 32 1.79 -1.90 5.18
CA PRO A 32 1.70 -0.61 5.87
C PRO A 32 2.61 -0.59 7.10
N CYS A 33 3.32 0.49 7.31
CA CYS A 33 4.22 0.58 8.50
C CYS A 33 3.41 0.96 9.74
N GLY A 34 3.59 0.24 10.81
CA GLY A 34 2.81 0.55 12.06
C GLY A 34 3.67 1.42 12.99
N LEU A 35 4.58 2.18 12.45
CA LEU A 35 5.44 3.05 13.30
C LEU A 35 5.37 4.49 12.77
N CYS A 36 5.45 4.66 11.49
CA CYS A 36 5.40 6.03 10.90
C CYS A 36 4.08 6.23 10.12
N ASN A 37 3.34 5.18 9.89
CA ASN A 37 2.05 5.29 9.13
C ASN A 37 2.36 5.54 7.64
N ARG A 38 3.12 4.67 7.05
CA ARG A 38 3.47 4.83 5.61
C ARG A 38 2.92 3.63 4.83
N ALA A 39 3.27 3.51 3.56
CA ALA A 39 2.76 2.38 2.75
C ALA A 39 3.86 1.87 1.80
N PHE A 40 4.07 0.58 1.76
CA PHE A 40 5.12 0.03 0.86
C PHE A 40 4.51 -1.08 0.00
N THR A 41 5.07 -1.34 -1.16
CA THR A 41 4.53 -2.42 -2.04
C THR A 41 5.43 -3.65 -1.96
N ARG A 42 6.70 -3.46 -1.69
CA ARG A 42 7.63 -4.62 -1.61
C ARG A 42 7.89 -4.97 -0.15
N ARG A 43 7.97 -6.23 0.17
CA ARG A 43 8.22 -6.65 1.58
C ARG A 43 9.62 -6.21 1.99
N ASP A 44 10.57 -6.32 1.11
CA ASP A 44 11.97 -5.91 1.43
C ASP A 44 12.01 -4.41 1.77
N LEU A 45 11.03 -3.65 1.32
CA LEU A 45 11.01 -2.19 1.62
C LEU A 45 10.60 -1.97 3.08
N LEU A 46 9.51 -2.57 3.50
CA LEU A 46 9.03 -2.39 4.90
C LEU A 46 10.10 -2.85 5.89
N ILE A 47 10.66 -4.01 5.68
CA ILE A 47 11.71 -4.53 6.62
C ILE A 47 12.91 -3.59 6.63
N ARG A 48 13.41 -3.24 5.47
CA ARG A 48 14.58 -2.32 5.39
C ARG A 48 14.20 -0.92 5.91
N HIS A 49 12.92 -0.65 6.05
CA HIS A 49 12.49 0.69 6.55
C HIS A 49 12.67 0.75 8.07
N ALA A 50 12.02 -0.12 8.79
CA ALA A 50 12.15 -0.11 10.28
C ALA A 50 13.55 -0.54 10.70
N GLN A 51 13.98 -1.69 10.25
CA GLN A 51 15.35 -2.19 10.64
C GLN A 51 16.43 -1.13 10.39
N LYS A 52 16.18 -0.19 9.50
CA LYS A 52 17.21 0.85 9.21
C LYS A 52 16.96 2.12 10.04
N ILE A 53 15.72 2.39 10.39
CA ILE A 53 15.43 3.62 11.20
C ILE A 53 14.71 3.27 12.50
N HIS A 54 13.65 2.50 12.42
CA HIS A 54 12.89 2.14 13.65
C HIS A 54 13.71 1.19 14.52
N SER A 55 13.79 -0.07 14.15
CA SER A 55 14.57 -1.04 14.96
C SER A 55 14.95 -2.26 14.12
N GLY A 56 16.22 -2.61 14.10
CA GLY A 56 16.67 -3.79 13.31
C GLY A 56 17.90 -4.41 13.97
N ASN A 57 19.08 -4.00 13.54
CA ASN A 57 20.32 -4.56 14.14
C ASN A 57 21.32 -3.44 14.48
N LEU A 58 20.90 -2.19 14.36
CA LEU A 58 21.82 -1.05 14.68
C LEU A 58 23.06 -1.11 13.76
N GLY A 59 24.11 -1.79 14.16
CA GLY A 59 25.34 -1.87 13.30
C GLY A 59 26.52 -1.25 14.04
N GLU A 60 26.92 -0.07 13.65
CA GLU A 60 28.07 0.59 14.32
C GLU A 60 28.26 1.99 13.75
ZN ZN B . 8.00 3.45 9.55
ZN ZN C . -15.01 0.03 -3.80
N ARG A 1 -8.84 22.86 -18.63
CA ARG A 1 -8.28 22.84 -17.24
C ARG A 1 -8.95 21.72 -16.45
N SER A 2 -8.48 20.51 -16.59
CA SER A 2 -9.08 19.37 -15.85
C SER A 2 -7.99 18.59 -15.12
N PHE A 3 -8.33 17.99 -14.00
CA PHE A 3 -7.31 17.21 -13.24
C PHE A 3 -7.31 15.77 -13.73
N VAL A 4 -6.89 15.57 -14.94
CA VAL A 4 -6.85 14.19 -15.52
C VAL A 4 -5.67 13.43 -14.92
N CYS A 5 -5.90 12.23 -14.48
CA CYS A 5 -4.80 11.41 -13.89
C CYS A 5 -3.77 11.11 -14.97
N GLU A 6 -2.50 11.10 -14.62
CA GLU A 6 -1.44 10.81 -15.63
C GLU A 6 -1.14 9.31 -15.68
N VAL A 7 -2.13 8.47 -15.50
CA VAL A 7 -1.88 7.00 -15.52
C VAL A 7 -2.96 6.32 -16.36
N CYS A 8 -4.21 6.64 -16.11
CA CYS A 8 -5.31 6.00 -16.89
C CYS A 8 -6.04 7.05 -17.75
N THR A 9 -5.45 8.22 -17.92
CA THR A 9 -6.10 9.28 -18.76
C THR A 9 -7.57 9.48 -18.34
N ARG A 10 -7.81 9.66 -17.07
CA ARG A 10 -9.21 9.85 -16.58
C ARG A 10 -9.60 11.33 -16.70
N ALA A 11 -10.64 11.74 -16.02
CA ALA A 11 -11.06 13.16 -16.10
C ALA A 11 -11.74 13.57 -14.78
N PHE A 12 -11.00 14.19 -13.89
CA PHE A 12 -11.59 14.63 -12.60
C PHE A 12 -11.62 16.15 -12.53
N ALA A 13 -12.19 16.71 -11.50
CA ALA A 13 -12.25 18.20 -11.38
C ALA A 13 -12.02 18.61 -9.92
N ARG A 14 -11.37 17.77 -9.15
CA ARG A 14 -11.11 18.11 -7.72
C ARG A 14 -9.79 17.47 -7.29
N GLN A 15 -8.99 18.17 -6.53
CA GLN A 15 -7.68 17.61 -6.08
C GLN A 15 -7.92 16.60 -4.95
N GLU A 16 -8.91 16.86 -4.12
CA GLU A 16 -9.21 15.94 -3.00
C GLU A 16 -9.72 14.60 -3.55
N HIS A 17 -10.38 14.63 -4.67
CA HIS A 17 -10.90 13.37 -5.27
C HIS A 17 -9.77 12.63 -5.99
N LEU A 18 -8.95 13.35 -6.71
CA LEU A 18 -7.81 12.71 -7.44
C LEU A 18 -6.85 12.09 -6.42
N LYS A 19 -6.79 12.62 -5.23
CA LYS A 19 -5.85 12.07 -4.20
C LYS A 19 -6.15 10.58 -3.96
N ARG A 20 -7.40 10.21 -3.98
CA ARG A 20 -7.77 8.77 -3.75
C ARG A 20 -7.69 8.00 -5.06
N HIS A 21 -7.90 8.68 -6.17
CA HIS A 21 -7.84 7.99 -7.50
C HIS A 21 -6.39 7.57 -7.78
N TYR A 22 -5.43 8.25 -7.20
CA TYR A 22 -4.00 7.88 -7.44
C TYR A 22 -3.56 6.79 -6.45
N ARG A 23 -4.25 6.65 -5.34
CA ARG A 23 -3.87 5.60 -4.35
C ARG A 23 -4.06 4.21 -4.96
N SER A 24 -4.97 4.08 -5.90
CA SER A 24 -5.21 2.75 -6.53
C SER A 24 -4.49 2.68 -7.88
N HIS A 25 -3.42 3.41 -8.04
CA HIS A 25 -2.68 3.39 -9.33
C HIS A 25 -1.26 2.81 -9.13
N THR A 26 -0.76 2.85 -7.91
CA THR A 26 0.61 2.31 -7.65
C THR A 26 0.51 0.87 -7.14
N ASN A 27 -0.39 0.09 -7.69
CA ASN A 27 -0.56 -1.32 -7.24
C ASN A 27 -0.90 -1.37 -5.74
N GLU A 28 -1.45 -0.29 -5.21
CA GLU A 28 -1.81 -0.28 -3.76
C GLU A 28 -0.58 -0.57 -2.89
N LYS A 29 -0.73 -0.53 -1.60
CA LYS A 29 0.42 -0.81 -0.69
C LYS A 29 -0.02 -1.82 0.40
N PRO A 30 0.19 -3.11 0.16
CA PRO A 30 -0.20 -4.14 1.13
C PRO A 30 0.82 -4.26 2.28
N TYR A 31 1.83 -3.43 2.32
CA TYR A 31 2.85 -3.50 3.41
C TYR A 31 2.98 -2.13 4.10
N PRO A 32 2.00 -1.74 4.88
CA PRO A 32 2.02 -0.45 5.58
C PRO A 32 2.90 -0.54 6.84
N CYS A 33 3.58 0.53 7.17
CA CYS A 33 4.47 0.52 8.37
C CYS A 33 3.61 0.72 9.63
N GLY A 34 3.89 -0.02 10.67
CA GLY A 34 3.10 0.11 11.94
C GLY A 34 3.88 0.99 12.91
N LEU A 35 4.67 1.91 12.41
CA LEU A 35 5.45 2.80 13.31
C LEU A 35 5.33 4.25 12.83
N CYS A 36 5.48 4.46 11.55
CA CYS A 36 5.36 5.85 10.99
C CYS A 36 4.01 6.01 10.27
N ASN A 37 3.30 4.94 10.04
CA ASN A 37 1.97 5.03 9.34
C ASN A 37 2.22 5.35 7.85
N ARG A 38 3.14 4.64 7.24
CA ARG A 38 3.44 4.88 5.80
C ARG A 38 2.91 3.69 4.98
N ALA A 39 3.21 3.66 3.70
CA ALA A 39 2.73 2.53 2.86
C ALA A 39 3.85 2.08 1.90
N PHE A 40 3.90 0.81 1.62
CA PHE A 40 4.95 0.29 0.70
C PHE A 40 4.35 -0.80 -0.20
N THR A 41 5.10 -1.26 -1.17
CA THR A 41 4.57 -2.33 -2.09
C THR A 41 5.38 -3.61 -1.92
N ARG A 42 6.65 -3.50 -1.63
CA ARG A 42 7.50 -4.71 -1.46
C ARG A 42 7.65 -5.03 0.03
N ARG A 43 7.65 -6.29 0.38
CA ARG A 43 7.79 -6.68 1.81
C ARG A 43 9.22 -6.37 2.28
N ASP A 44 10.19 -6.67 1.45
CA ASP A 44 11.61 -6.39 1.83
C ASP A 44 11.79 -4.89 2.08
N LEU A 45 10.94 -4.06 1.52
CA LEU A 45 11.06 -2.60 1.73
C LEU A 45 10.64 -2.25 3.17
N LEU A 46 9.50 -2.74 3.60
CA LEU A 46 9.01 -2.44 4.97
C LEU A 46 10.05 -2.86 6.02
N ILE A 47 10.63 -4.03 5.87
CA ILE A 47 11.65 -4.49 6.86
C ILE A 47 12.86 -3.55 6.82
N ARG A 48 13.37 -3.26 5.64
CA ARG A 48 14.54 -2.35 5.53
C ARG A 48 14.17 -0.94 6.01
N HIS A 49 12.90 -0.65 6.12
CA HIS A 49 12.46 0.70 6.58
C HIS A 49 12.60 0.80 8.10
N ALA A 50 12.20 -0.22 8.82
CA ALA A 50 12.29 -0.18 10.31
C ALA A 50 13.74 -0.46 10.75
N GLN A 51 14.29 -1.58 10.37
CA GLN A 51 15.68 -1.93 10.77
C GLN A 51 16.67 -0.80 10.42
N LYS A 52 16.32 0.04 9.48
CA LYS A 52 17.24 1.16 9.09
C LYS A 52 16.85 2.46 9.82
N ILE A 53 15.60 2.61 10.17
CA ILE A 53 15.18 3.86 10.86
C ILE A 53 14.52 3.54 12.22
N HIS A 54 13.53 2.68 12.24
CA HIS A 54 12.85 2.35 13.54
C HIS A 54 13.75 1.39 14.34
N SER A 55 13.74 0.12 14.02
CA SER A 55 14.58 -0.85 14.76
C SER A 55 14.38 -2.26 14.18
N GLY A 56 13.14 -2.66 14.03
CA GLY A 56 12.86 -4.03 13.47
C GLY A 56 12.15 -4.87 14.53
N ASN A 57 12.75 -5.95 14.94
CA ASN A 57 12.12 -6.83 15.96
C ASN A 57 13.06 -7.99 16.30
N LEU A 58 12.94 -8.54 17.48
CA LEU A 58 13.83 -9.67 17.88
C LEU A 58 13.42 -10.93 17.13
N GLY A 59 14.06 -11.21 16.01
CA GLY A 59 13.71 -12.42 15.23
C GLY A 59 14.69 -13.55 15.56
N GLU A 60 14.98 -14.40 14.61
CA GLU A 60 15.93 -15.53 14.86
C GLU A 60 15.39 -16.42 15.98
ZN ZN B . 8.01 3.51 9.63
ZN ZN C . -5.66 7.59 -13.03
N ARG A 1 -30.68 7.51 5.89
CA ARG A 1 -30.36 6.74 4.65
C ARG A 1 -29.60 7.66 3.68
N SER A 2 -28.77 8.53 4.19
CA SER A 2 -28.00 9.44 3.29
C SER A 2 -26.67 8.79 2.91
N PHE A 3 -25.87 9.46 2.13
CA PHE A 3 -24.56 8.89 1.72
C PHE A 3 -23.50 9.29 2.74
N VAL A 4 -23.49 8.63 3.87
CA VAL A 4 -22.48 8.95 4.92
C VAL A 4 -21.30 7.98 4.79
N CYS A 5 -20.11 8.49 4.87
CA CYS A 5 -18.90 7.61 4.76
C CYS A 5 -18.91 6.59 5.89
N GLU A 6 -18.43 5.40 5.64
CA GLU A 6 -18.42 4.35 6.69
C GLU A 6 -17.09 4.38 7.46
N VAL A 7 -16.40 5.50 7.46
CA VAL A 7 -15.10 5.58 8.18
C VAL A 7 -15.05 6.85 9.04
N CYS A 8 -15.50 7.95 8.50
CA CYS A 8 -15.48 9.23 9.28
C CYS A 8 -16.91 9.71 9.56
N THR A 9 -17.91 8.89 9.27
CA THR A 9 -19.34 9.29 9.53
C THR A 9 -19.62 10.71 8.99
N ARG A 10 -19.28 10.94 7.75
CA ARG A 10 -19.51 12.29 7.15
C ARG A 10 -20.94 12.36 6.59
N ALA A 11 -21.20 13.26 5.66
CA ALA A 11 -22.57 13.36 5.09
C ALA A 11 -22.47 13.79 3.62
N PHE A 12 -23.03 13.01 2.73
CA PHE A 12 -22.98 13.36 1.28
C PHE A 12 -24.35 13.07 0.65
N ALA A 13 -24.61 13.63 -0.50
CA ALA A 13 -25.92 13.38 -1.17
C ALA A 13 -25.69 12.79 -2.57
N ARG A 14 -24.55 12.17 -2.78
CA ARG A 14 -24.26 11.58 -4.12
C ARG A 14 -23.47 10.28 -3.94
N GLN A 15 -23.68 9.32 -4.80
CA GLN A 15 -22.95 8.03 -4.69
C GLN A 15 -21.63 8.12 -5.47
N GLU A 16 -21.59 8.92 -6.50
CA GLU A 16 -20.34 9.05 -7.30
C GLU A 16 -19.28 9.79 -6.48
N HIS A 17 -19.66 10.83 -5.80
CA HIS A 17 -18.69 11.61 -4.98
C HIS A 17 -18.18 10.73 -3.83
N LEU A 18 -19.09 10.08 -3.13
CA LEU A 18 -18.68 9.21 -1.99
C LEU A 18 -17.80 8.07 -2.51
N LYS A 19 -17.95 7.69 -3.75
CA LYS A 19 -17.12 6.57 -4.30
C LYS A 19 -15.64 6.94 -4.25
N ARG A 20 -15.28 8.05 -4.83
CA ARG A 20 -13.86 8.48 -4.82
C ARG A 20 -13.41 8.79 -3.40
N HIS A 21 -14.31 9.26 -2.58
CA HIS A 21 -13.96 9.59 -1.16
C HIS A 21 -13.71 8.28 -0.39
N TYR A 22 -14.25 7.17 -0.85
CA TYR A 22 -14.06 5.88 -0.13
C TYR A 22 -12.91 5.09 -0.79
N ARG A 23 -11.93 5.79 -1.30
CA ARG A 23 -10.78 5.09 -1.95
C ARG A 23 -9.56 5.15 -1.03
N SER A 24 -9.24 6.32 -0.53
CA SER A 24 -8.08 6.46 0.39
C SER A 24 -8.45 5.97 1.78
N HIS A 25 -9.71 5.99 2.12
CA HIS A 25 -10.16 5.52 3.47
C HIS A 25 -9.74 4.06 3.69
N THR A 26 -9.63 3.30 2.63
CA THR A 26 -9.25 1.87 2.76
C THR A 26 -7.74 1.71 2.52
N ASN A 27 -7.26 2.19 1.38
CA ASN A 27 -5.80 2.09 1.01
C ASN A 27 -5.52 0.70 0.41
N GLU A 28 -5.64 -0.34 1.20
CA GLU A 28 -5.38 -1.72 0.68
C GLU A 28 -3.94 -1.85 0.19
N LYS A 29 -3.13 -2.58 0.90
CA LYS A 29 -1.71 -2.77 0.48
C LYS A 29 -1.17 -4.09 1.04
N PRO A 30 -0.05 -4.54 0.51
CA PRO A 30 0.58 -5.79 0.93
C PRO A 30 1.40 -5.60 2.21
N TYR A 31 1.93 -4.40 2.43
CA TYR A 31 2.75 -4.17 3.66
C TYR A 31 2.62 -2.70 4.11
N PRO A 32 1.57 -2.38 4.84
CA PRO A 32 1.35 -1.01 5.34
C PRO A 32 2.21 -0.77 6.60
N CYS A 33 2.99 0.28 6.61
CA CYS A 33 3.84 0.56 7.80
C CYS A 33 2.95 0.85 9.00
N GLY A 34 3.45 0.60 10.20
CA GLY A 34 2.62 0.85 11.42
C GLY A 34 3.49 1.47 12.51
N LEU A 35 4.52 2.20 12.14
CA LEU A 35 5.40 2.84 13.15
C LEU A 35 5.49 4.34 12.87
N CYS A 36 5.63 4.71 11.62
CA CYS A 36 5.71 6.16 11.26
C CYS A 36 4.47 6.59 10.46
N ASN A 37 3.55 5.69 10.24
CA ASN A 37 2.31 6.01 9.46
C ASN A 37 2.64 6.10 7.98
N ARG A 38 3.50 5.23 7.50
CA ARG A 38 3.87 5.26 6.06
C ARG A 38 3.21 4.07 5.35
N ALA A 39 3.51 3.88 4.09
CA ALA A 39 2.90 2.73 3.34
C ALA A 39 3.85 2.26 2.25
N PHE A 40 4.06 0.97 2.13
CA PHE A 40 4.96 0.44 1.08
C PHE A 40 4.28 -0.73 0.36
N THR A 41 4.83 -1.13 -0.77
CA THR A 41 4.21 -2.26 -1.53
C THR A 41 5.18 -3.47 -1.55
N ARG A 42 6.45 -3.23 -1.42
CA ARG A 42 7.42 -4.36 -1.44
C ARG A 42 7.69 -4.83 -0.01
N ARG A 43 7.83 -6.13 0.18
CA ARG A 43 8.08 -6.67 1.54
C ARG A 43 9.50 -6.29 2.00
N ASP A 44 10.47 -6.49 1.14
CA ASP A 44 11.88 -6.14 1.51
C ASP A 44 11.98 -4.65 1.83
N LEU A 45 11.05 -3.84 1.35
CA LEU A 45 11.10 -2.39 1.62
C LEU A 45 10.66 -2.12 3.07
N LEU A 46 9.53 -2.65 3.46
CA LEU A 46 9.05 -2.42 4.86
C LEU A 46 10.07 -2.95 5.88
N ILE A 47 10.72 -4.05 5.57
CA ILE A 47 11.71 -4.61 6.53
C ILE A 47 12.91 -3.67 6.63
N ARG A 48 13.48 -3.29 5.52
CA ARG A 48 14.66 -2.37 5.55
C ARG A 48 14.25 -1.02 6.16
N HIS A 49 12.97 -0.72 6.19
CA HIS A 49 12.50 0.57 6.76
C HIS A 49 12.53 0.49 8.30
N ALA A 50 12.01 -0.57 8.86
CA ALA A 50 11.98 -0.69 10.34
C ALA A 50 13.36 -1.08 10.89
N GLN A 51 14.23 -1.61 10.05
CA GLN A 51 15.58 -2.01 10.53
C GLN A 51 16.56 -0.85 10.38
N LYS A 52 16.31 0.04 9.45
CA LYS A 52 17.24 1.19 9.24
C LYS A 52 16.86 2.36 10.15
N ILE A 53 15.62 2.76 10.14
CA ILE A 53 15.19 3.91 10.99
C ILE A 53 14.67 3.40 12.33
N HIS A 54 13.54 2.72 12.32
CA HIS A 54 12.97 2.19 13.59
C HIS A 54 13.98 1.29 14.31
N SER A 55 14.91 0.72 13.58
CA SER A 55 15.97 -0.19 14.16
C SER A 55 15.43 -1.62 14.28
N GLY A 56 14.26 -1.81 14.83
CA GLY A 56 13.69 -3.18 14.97
C GLY A 56 12.81 -3.24 16.22
N ASN A 57 11.55 -3.54 16.05
CA ASN A 57 10.63 -3.62 17.22
C ASN A 57 9.36 -4.36 16.83
N LEU A 58 8.71 -5.00 17.78
CA LEU A 58 7.45 -5.75 17.47
C LEU A 58 7.75 -6.85 16.44
N GLY A 59 8.30 -7.95 16.87
CA GLY A 59 8.61 -9.06 15.93
C GLY A 59 9.66 -8.59 14.92
N GLU A 60 9.26 -8.43 13.68
CA GLU A 60 10.22 -7.98 12.62
C GLU A 60 9.65 -6.75 11.91
ZN ZN B . 7.77 3.25 9.62
ZN ZN C . -14.93 9.38 4.92
#